data_2EYW
# 
_entry.id   2EYW 
# 
_audit_conform.dict_name       mmcif_pdbx.dic 
_audit_conform.dict_version    5.392 
_audit_conform.dict_location   http://mmcif.pdb.org/dictionaries/ascii/mmcif_pdbx.dic 
# 
loop_
_database_2.database_id 
_database_2.database_code 
_database_2.pdbx_database_accession 
_database_2.pdbx_DOI 
PDB   2EYW         pdb_00002eyw 10.2210/pdb2eyw/pdb 
RCSB  RCSB035263   ?            ?                   
WWPDB D_1000035263 ?            ?                   
# 
loop_
_pdbx_audit_revision_history.ordinal 
_pdbx_audit_revision_history.data_content_type 
_pdbx_audit_revision_history.major_revision 
_pdbx_audit_revision_history.minor_revision 
_pdbx_audit_revision_history.revision_date 
1 'Structure model' 1 0 2006-11-10 
2 'Structure model' 1 1 2008-05-01 
3 'Structure model' 1 2 2011-07-13 
4 'Structure model' 1 3 2022-03-09 
5 'Structure model' 1 4 2024-05-29 
# 
_pdbx_audit_revision_details.ordinal             1 
_pdbx_audit_revision_details.revision_ordinal    1 
_pdbx_audit_revision_details.data_content_type   'Structure model' 
_pdbx_audit_revision_details.provider            repository 
_pdbx_audit_revision_details.type                'Initial release' 
_pdbx_audit_revision_details.description         ? 
_pdbx_audit_revision_details.details             ? 
# 
loop_
_pdbx_audit_revision_group.ordinal 
_pdbx_audit_revision_group.revision_ordinal 
_pdbx_audit_revision_group.data_content_type 
_pdbx_audit_revision_group.group 
1 2 'Structure model' 'Version format compliance' 
2 3 'Structure model' 'Version format compliance' 
3 4 'Structure model' 'Data collection'           
4 4 'Structure model' 'Database references'       
5 4 'Structure model' 'Derived calculations'      
6 5 'Structure model' 'Data collection'           
# 
loop_
_pdbx_audit_revision_category.ordinal 
_pdbx_audit_revision_category.revision_ordinal 
_pdbx_audit_revision_category.data_content_type 
_pdbx_audit_revision_category.category 
1 4 'Structure model' database_2            
2 4 'Structure model' pdbx_nmr_software     
3 4 'Structure model' pdbx_struct_assembly  
4 4 'Structure model' pdbx_struct_oper_list 
5 4 'Structure model' struct_ref_seq_dif    
6 5 'Structure model' chem_comp_atom        
7 5 'Structure model' chem_comp_bond        
# 
loop_
_pdbx_audit_revision_item.ordinal 
_pdbx_audit_revision_item.revision_ordinal 
_pdbx_audit_revision_item.data_content_type 
_pdbx_audit_revision_item.item 
1 4 'Structure model' '_database_2.pdbx_DOI'                
2 4 'Structure model' '_database_2.pdbx_database_accession' 
3 4 'Structure model' '_pdbx_nmr_software.name'             
4 4 'Structure model' '_struct_ref_seq_dif.details'         
# 
_pdbx_database_status.status_code                     REL 
_pdbx_database_status.entry_id                        2EYW 
_pdbx_database_status.recvd_initial_deposition_date   2005-11-10 
_pdbx_database_status.deposit_site                    RCSB 
_pdbx_database_status.process_site                    PDBJ 
_pdbx_database_status.status_code_sf                  ? 
_pdbx_database_status.status_code_mr                  REL 
_pdbx_database_status.SG_entry                        ? 
_pdbx_database_status.pdb_format_compatible           Y 
_pdbx_database_status.status_code_cs                  ? 
_pdbx_database_status.status_code_nmr_data            ? 
_pdbx_database_status.methods_development_category    ? 
# 
loop_
_pdbx_database_related.db_name 
_pdbx_database_related.db_id 
_pdbx_database_related.details 
_pdbx_database_related.content_type 
PDB 2EYV . unspecified 
PDB 2EYX . unspecified 
PDB 2EYY . unspecified 
PDB 2EYZ . unspecified 
# 
loop_
_audit_author.name 
_audit_author.pdbx_ordinal 
'Kobashigawa, Y.' 1 
'Tanaka, S.'      2 
'Inagaki, F.'     3 
# 
_citation.id                        primary 
_citation.title                     
'Structural basis for the transforming activity of human cancer-related signaling adaptor protein CRK.' 
_citation.journal_abbrev            Nat.Struct.Mol.Biol. 
_citation.journal_volume            14 
_citation.page_first                503 
_citation.page_last                 510 
_citation.year                      2007 
_citation.journal_id_ASTM           ? 
_citation.country                   US 
_citation.journal_id_ISSN           1545-9993 
_citation.journal_id_CSD            ? 
_citation.book_publisher            ? 
_citation.pdbx_database_id_PubMed   17515907 
_citation.pdbx_database_id_DOI      10.1038/nsmb1241 
# 
loop_
_citation_author.citation_id 
_citation_author.name 
_citation_author.ordinal 
_citation_author.identifier_ORCID 
primary 'Kobashigawa, Y.' 1 ? 
primary 'Sakai, M.'       2 ? 
primary 'Naito, M.'       3 ? 
primary 'Yokochi, M.'     4 ? 
primary 'Kumeta, H.'      5 ? 
primary 'Makino, Y.'      6 ? 
primary 'Ogura, K.'       7 ? 
primary 'Tanaka, S.'      8 ? 
primary 'Inagaki, F.'     9 ? 
# 
_entity.id                         1 
_entity.type                       polymer 
_entity.src_method                 man 
_entity.pdbx_description           'v-crk sarcoma virus CT10 oncogene homolog isoform a' 
_entity.formula_weight             8900.870 
_entity.pdbx_number_of_molecules   1 
_entity.pdbx_ec                    ? 
_entity.pdbx_mutation              ? 
_entity.pdbx_fragment              'N-terminal SH3 domain' 
_entity.details                    ? 
# 
_entity_name_com.entity_id   1 
_entity_name_com.name        'CT10-Regulated Kinase' 
# 
_entity_poly.entity_id                      1 
_entity_poly.type                           'polypeptide(L)' 
_entity_poly.nstd_linkage                   no 
_entity_poly.nstd_monomer                   no 
_entity_poly.pdbx_seq_one_letter_code       GAMGSGVILRQEEAEYVRALFDFNGNDEEDLPFKKGDILRIRDKPEEQWWNAEDSEGKRGMIPVPYVEKYRPASASVS 
_entity_poly.pdbx_seq_one_letter_code_can   GAMGSGVILRQEEAEYVRALFDFNGNDEEDLPFKKGDILRIRDKPEEQWWNAEDSEGKRGMIPVPYVEKYRPASASVS 
_entity_poly.pdbx_strand_id                 A 
_entity_poly.pdbx_target_identifier         ? 
# 
loop_
_entity_poly_seq.entity_id 
_entity_poly_seq.num 
_entity_poly_seq.mon_id 
_entity_poly_seq.hetero 
1 1  GLY n 
1 2  ALA n 
1 3  MET n 
1 4  GLY n 
1 5  SER n 
1 6  GLY n 
1 7  VAL n 
1 8  ILE n 
1 9  LEU n 
1 10 ARG n 
1 11 GLN n 
1 12 GLU n 
1 13 GLU n 
1 14 ALA n 
1 15 GLU n 
1 16 TYR n 
1 17 VAL n 
1 18 ARG n 
1 19 ALA n 
1 20 LEU n 
1 21 PHE n 
1 22 ASP n 
1 23 PHE n 
1 24 ASN n 
1 25 GLY n 
1 26 ASN n 
1 27 ASP n 
1 28 GLU n 
1 29 GLU n 
1 30 ASP n 
1 31 LEU n 
1 32 PRO n 
1 33 PHE n 
1 34 LYS n 
1 35 LYS n 
1 36 GLY n 
1 37 ASP n 
1 38 ILE n 
1 39 LEU n 
1 40 ARG n 
1 41 ILE n 
1 42 ARG n 
1 43 ASP n 
1 44 LYS n 
1 45 PRO n 
1 46 GLU n 
1 47 GLU n 
1 48 GLN n 
1 49 TRP n 
1 50 TRP n 
1 51 ASN n 
1 52 ALA n 
1 53 GLU n 
1 54 ASP n 
1 55 SER n 
1 56 GLU n 
1 57 GLY n 
1 58 LYS n 
1 59 ARG n 
1 60 GLY n 
1 61 MET n 
1 62 ILE n 
1 63 PRO n 
1 64 VAL n 
1 65 PRO n 
1 66 TYR n 
1 67 VAL n 
1 68 GLU n 
1 69 LYS n 
1 70 TYR n 
1 71 ARG n 
1 72 PRO n 
1 73 ALA n 
1 74 SER n 
1 75 ALA n 
1 76 SER n 
1 77 VAL n 
1 78 SER n 
# 
_entity_src_gen.entity_id                          1 
_entity_src_gen.pdbx_src_id                        1 
_entity_src_gen.pdbx_alt_source_flag               sample 
_entity_src_gen.pdbx_seq_type                      ? 
_entity_src_gen.pdbx_beg_seq_num                   ? 
_entity_src_gen.pdbx_end_seq_num                   ? 
_entity_src_gen.gene_src_common_name               human 
_entity_src_gen.gene_src_genus                     ? 
_entity_src_gen.pdbx_gene_src_gene                 ? 
_entity_src_gen.gene_src_species                   ? 
_entity_src_gen.gene_src_strain                    ? 
_entity_src_gen.gene_src_tissue                    ? 
_entity_src_gen.gene_src_tissue_fraction           ? 
_entity_src_gen.gene_src_details                   ? 
_entity_src_gen.pdbx_gene_src_fragment             ? 
_entity_src_gen.pdbx_gene_src_scientific_name      'Homo sapiens' 
_entity_src_gen.pdbx_gene_src_ncbi_taxonomy_id     9606 
_entity_src_gen.pdbx_gene_src_variant              ? 
_entity_src_gen.pdbx_gene_src_cell_line            ? 
_entity_src_gen.pdbx_gene_src_atcc                 ? 
_entity_src_gen.pdbx_gene_src_organ                ? 
_entity_src_gen.pdbx_gene_src_organelle            ? 
_entity_src_gen.pdbx_gene_src_cell                 ? 
_entity_src_gen.pdbx_gene_src_cellular_location    ? 
_entity_src_gen.host_org_common_name               ? 
_entity_src_gen.pdbx_host_org_scientific_name      'Escherichia coli' 
_entity_src_gen.pdbx_host_org_ncbi_taxonomy_id     562 
_entity_src_gen.host_org_genus                     ? 
_entity_src_gen.pdbx_host_org_gene                 ? 
_entity_src_gen.pdbx_host_org_organ                ? 
_entity_src_gen.host_org_species                   ? 
_entity_src_gen.pdbx_host_org_tissue               ? 
_entity_src_gen.pdbx_host_org_tissue_fraction      ? 
_entity_src_gen.pdbx_host_org_strain               ? 
_entity_src_gen.pdbx_host_org_variant              ? 
_entity_src_gen.pdbx_host_org_cell_line            ? 
_entity_src_gen.pdbx_host_org_atcc                 ? 
_entity_src_gen.pdbx_host_org_culture_collection   ? 
_entity_src_gen.pdbx_host_org_cell                 ? 
_entity_src_gen.pdbx_host_org_organelle            ? 
_entity_src_gen.pdbx_host_org_cellular_location    ? 
_entity_src_gen.pdbx_host_org_vector_type          plasmid 
_entity_src_gen.pdbx_host_org_vector               ? 
_entity_src_gen.host_org_details                   ? 
_entity_src_gen.expression_system_id               ? 
_entity_src_gen.plasmid_name                       'pPRO EX-htb' 
_entity_src_gen.plasmid_details                    ? 
_entity_src_gen.pdbx_description                   ? 
# 
loop_
_chem_comp.id 
_chem_comp.type 
_chem_comp.mon_nstd_flag 
_chem_comp.name 
_chem_comp.pdbx_synonyms 
_chem_comp.formula 
_chem_comp.formula_weight 
ALA 'L-peptide linking' y ALANINE         ? 'C3 H7 N O2'     89.093  
ARG 'L-peptide linking' y ARGININE        ? 'C6 H15 N4 O2 1' 175.209 
ASN 'L-peptide linking' y ASPARAGINE      ? 'C4 H8 N2 O3'    132.118 
ASP 'L-peptide linking' y 'ASPARTIC ACID' ? 'C4 H7 N O4'     133.103 
GLN 'L-peptide linking' y GLUTAMINE       ? 'C5 H10 N2 O3'   146.144 
GLU 'L-peptide linking' y 'GLUTAMIC ACID' ? 'C5 H9 N O4'     147.129 
GLY 'peptide linking'   y GLYCINE         ? 'C2 H5 N O2'     75.067  
ILE 'L-peptide linking' y ISOLEUCINE      ? 'C6 H13 N O2'    131.173 
LEU 'L-peptide linking' y LEUCINE         ? 'C6 H13 N O2'    131.173 
LYS 'L-peptide linking' y LYSINE          ? 'C6 H15 N2 O2 1' 147.195 
MET 'L-peptide linking' y METHIONINE      ? 'C5 H11 N O2 S'  149.211 
PHE 'L-peptide linking' y PHENYLALANINE   ? 'C9 H11 N O2'    165.189 
PRO 'L-peptide linking' y PROLINE         ? 'C5 H9 N O2'     115.130 
SER 'L-peptide linking' y SERINE          ? 'C3 H7 N O3'     105.093 
TRP 'L-peptide linking' y TRYPTOPHAN      ? 'C11 H12 N2 O2'  204.225 
TYR 'L-peptide linking' y TYROSINE        ? 'C9 H11 N O3'    181.189 
VAL 'L-peptide linking' y VALINE          ? 'C5 H11 N O2'    117.146 
# 
loop_
_pdbx_poly_seq_scheme.asym_id 
_pdbx_poly_seq_scheme.entity_id 
_pdbx_poly_seq_scheme.seq_id 
_pdbx_poly_seq_scheme.mon_id 
_pdbx_poly_seq_scheme.ndb_seq_num 
_pdbx_poly_seq_scheme.pdb_seq_num 
_pdbx_poly_seq_scheme.auth_seq_num 
_pdbx_poly_seq_scheme.pdb_mon_id 
_pdbx_poly_seq_scheme.auth_mon_id 
_pdbx_poly_seq_scheme.pdb_strand_id 
_pdbx_poly_seq_scheme.pdb_ins_code 
_pdbx_poly_seq_scheme.hetero 
A 1 1  GLY 1  121 121 GLY GLY A . n 
A 1 2  ALA 2  122 122 ALA ALA A . n 
A 1 3  MET 3  123 123 MET MET A . n 
A 1 4  GLY 4  124 124 GLY GLY A . n 
A 1 5  SER 5  125 125 SER SER A . n 
A 1 6  GLY 6  126 126 GLY GLY A . n 
A 1 7  VAL 7  127 127 VAL VAL A . n 
A 1 8  ILE 8  128 128 ILE ILE A . n 
A 1 9  LEU 9  129 129 LEU LEU A . n 
A 1 10 ARG 10 130 130 ARG ARG A . n 
A 1 11 GLN 11 131 131 GLN GLN A . n 
A 1 12 GLU 12 132 132 GLU GLU A . n 
A 1 13 GLU 13 133 133 GLU GLU A . n 
A 1 14 ALA 14 134 134 ALA ALA A . n 
A 1 15 GLU 15 135 135 GLU GLU A . n 
A 1 16 TYR 16 136 136 TYR TYR A . n 
A 1 17 VAL 17 137 137 VAL VAL A . n 
A 1 18 ARG 18 138 138 ARG ARG A . n 
A 1 19 ALA 19 139 139 ALA ALA A . n 
A 1 20 LEU 20 140 140 LEU LEU A . n 
A 1 21 PHE 21 141 141 PHE PHE A . n 
A 1 22 ASP 22 142 142 ASP ASP A . n 
A 1 23 PHE 23 143 143 PHE PHE A . n 
A 1 24 ASN 24 144 144 ASN ASN A . n 
A 1 25 GLY 25 145 145 GLY GLY A . n 
A 1 26 ASN 26 146 146 ASN ASN A . n 
A 1 27 ASP 27 147 147 ASP ASP A . n 
A 1 28 GLU 28 148 148 GLU GLU A . n 
A 1 29 GLU 29 149 149 GLU GLU A . n 
A 1 30 ASP 30 150 150 ASP ASP A . n 
A 1 31 LEU 31 151 151 LEU LEU A . n 
A 1 32 PRO 32 152 152 PRO PRO A . n 
A 1 33 PHE 33 153 153 PHE PHE A . n 
A 1 34 LYS 34 154 154 LYS LYS A . n 
A 1 35 LYS 35 155 155 LYS LYS A . n 
A 1 36 GLY 36 156 156 GLY GLY A . n 
A 1 37 ASP 37 157 157 ASP ASP A . n 
A 1 38 ILE 38 158 158 ILE ILE A . n 
A 1 39 LEU 39 159 159 LEU LEU A . n 
A 1 40 ARG 40 160 160 ARG ARG A . n 
A 1 41 ILE 41 161 161 ILE ILE A . n 
A 1 42 ARG 42 162 162 ARG ARG A . n 
A 1 43 ASP 43 163 163 ASP ASP A . n 
A 1 44 LYS 44 164 164 LYS LYS A . n 
A 1 45 PRO 45 165 165 PRO PRO A . n 
A 1 46 GLU 46 166 166 GLU GLU A . n 
A 1 47 GLU 47 167 167 GLU GLU A . n 
A 1 48 GLN 48 168 168 GLN GLN A . n 
A 1 49 TRP 49 169 169 TRP TRP A . n 
A 1 50 TRP 50 170 170 TRP TRP A . n 
A 1 51 ASN 51 171 171 ASN ASN A . n 
A 1 52 ALA 52 172 172 ALA ALA A . n 
A 1 53 GLU 53 173 173 GLU GLU A . n 
A 1 54 ASP 54 174 174 ASP ASP A . n 
A 1 55 SER 55 175 175 SER SER A . n 
A 1 56 GLU 56 176 176 GLU GLU A . n 
A 1 57 GLY 57 177 177 GLY GLY A . n 
A 1 58 LYS 58 178 178 LYS LYS A . n 
A 1 59 ARG 59 179 179 ARG ARG A . n 
A 1 60 GLY 60 180 180 GLY GLY A . n 
A 1 61 MET 61 181 181 MET MET A . n 
A 1 62 ILE 62 182 182 ILE ILE A . n 
A 1 63 PRO 63 183 183 PRO PRO A . n 
A 1 64 VAL 64 184 184 VAL VAL A . n 
A 1 65 PRO 65 185 185 PRO PRO A . n 
A 1 66 TYR 66 186 186 TYR TYR A . n 
A 1 67 VAL 67 187 187 VAL VAL A . n 
A 1 68 GLU 68 188 188 GLU GLU A . n 
A 1 69 LYS 69 189 189 LYS LYS A . n 
A 1 70 TYR 70 190 190 TYR TYR A . n 
A 1 71 ARG 71 191 191 ARG ARG A . n 
A 1 72 PRO 72 192 192 PRO PRO A . n 
A 1 73 ALA 73 193 193 ALA ALA A . n 
A 1 74 SER 74 194 194 SER SER A . n 
A 1 75 ALA 75 195 195 ALA ALA A . n 
A 1 76 SER 76 196 196 SER SER A . n 
A 1 77 VAL 77 197 197 VAL VAL A . n 
A 1 78 SER 78 198 198 SER SER A . n 
# 
_exptl.entry_id          2EYW 
_exptl.method            'SOLUTION NMR' 
_exptl.crystals_number   ? 
# 
_struct.entry_id                  2EYW 
_struct.title                     'N-terminal SH3 domain of CT10-Regulated Kinase' 
_struct.pdbx_model_details        ? 
_struct.pdbx_CASP_flag            ? 
_struct.pdbx_model_type_details   ? 
# 
_struct_keywords.entry_id        2EYW 
_struct_keywords.pdbx_keywords   'SIGNALING PROTEIN' 
_struct_keywords.text            'SH3, SIGNALING PROTEIN' 
# 
_struct_asym.id                            A 
_struct_asym.pdbx_blank_PDB_chainid_flag   N 
_struct_asym.pdbx_modified                 N 
_struct_asym.entity_id                     1 
_struct_asym.details                       ? 
# 
_struct_ref.id                         1 
_struct_ref.db_name                    UNP 
_struct_ref.db_code                    CRK_HUMAN 
_struct_ref.pdbx_db_accession          P46108 
_struct_ref.entity_id                  1 
_struct_ref.pdbx_align_begin           125 
_struct_ref.pdbx_seq_one_letter_code   ? 
_struct_ref.pdbx_db_isoform            ? 
# 
_struct_ref_seq.align_id                      1 
_struct_ref_seq.ref_id                        1 
_struct_ref_seq.pdbx_PDB_id_code              2EYW 
_struct_ref_seq.pdbx_strand_id                A 
_struct_ref_seq.seq_align_beg                 5 
_struct_ref_seq.pdbx_seq_align_beg_ins_code   ? 
_struct_ref_seq.seq_align_end                 78 
_struct_ref_seq.pdbx_seq_align_end_ins_code   ? 
_struct_ref_seq.pdbx_db_accession             P46108 
_struct_ref_seq.db_align_beg                  125 
_struct_ref_seq.pdbx_db_align_beg_ins_code    ? 
_struct_ref_seq.db_align_end                  198 
_struct_ref_seq.pdbx_db_align_end_ins_code    ? 
_struct_ref_seq.pdbx_auth_seq_align_beg       125 
_struct_ref_seq.pdbx_auth_seq_align_end       198 
# 
loop_
_struct_ref_seq_dif.align_id 
_struct_ref_seq_dif.pdbx_pdb_id_code 
_struct_ref_seq_dif.mon_id 
_struct_ref_seq_dif.pdbx_pdb_strand_id 
_struct_ref_seq_dif.seq_num 
_struct_ref_seq_dif.pdbx_pdb_ins_code 
_struct_ref_seq_dif.pdbx_seq_db_name 
_struct_ref_seq_dif.pdbx_seq_db_accession_code 
_struct_ref_seq_dif.db_mon_id 
_struct_ref_seq_dif.pdbx_seq_db_seq_num 
_struct_ref_seq_dif.details 
_struct_ref_seq_dif.pdbx_auth_seq_num 
_struct_ref_seq_dif.pdbx_ordinal 
1 2EYW GLY A 1 ? UNP P46108 ? ? 'expression tag' 121 1 
1 2EYW ALA A 2 ? UNP P46108 ? ? 'expression tag' 122 2 
1 2EYW MET A 3 ? UNP P46108 ? ? 'expression tag' 123 3 
1 2EYW GLY A 4 ? UNP P46108 ? ? 'expression tag' 124 4 
# 
_pdbx_struct_assembly.id                   1 
_pdbx_struct_assembly.details              author_defined_assembly 
_pdbx_struct_assembly.method_details       ? 
_pdbx_struct_assembly.oligomeric_details   monomeric 
_pdbx_struct_assembly.oligomeric_count     1 
# 
_pdbx_struct_assembly_gen.assembly_id       1 
_pdbx_struct_assembly_gen.oper_expression   1 
_pdbx_struct_assembly_gen.asym_id_list      A 
# 
_pdbx_struct_oper_list.id                   1 
_pdbx_struct_oper_list.type                 'identity operation' 
_pdbx_struct_oper_list.name                 1_555 
_pdbx_struct_oper_list.symmetry_operation   x,y,z 
_pdbx_struct_oper_list.matrix[1][1]         1.0000000000 
_pdbx_struct_oper_list.matrix[1][2]         0.0000000000 
_pdbx_struct_oper_list.matrix[1][3]         0.0000000000 
_pdbx_struct_oper_list.vector[1]            0.0000000000 
_pdbx_struct_oper_list.matrix[2][1]         0.0000000000 
_pdbx_struct_oper_list.matrix[2][2]         1.0000000000 
_pdbx_struct_oper_list.matrix[2][3]         0.0000000000 
_pdbx_struct_oper_list.vector[2]            0.0000000000 
_pdbx_struct_oper_list.matrix[3][1]         0.0000000000 
_pdbx_struct_oper_list.matrix[3][2]         0.0000000000 
_pdbx_struct_oper_list.matrix[3][3]         1.0000000000 
_pdbx_struct_oper_list.vector[3]            0.0000000000 
# 
_struct_biol.id   1 
# 
loop_
_struct_sheet.id 
_struct_sheet.type 
_struct_sheet.number_strands 
_struct_sheet.details 
A ? 2 ? 
B ? 2 ? 
# 
loop_
_struct_sheet_order.sheet_id 
_struct_sheet_order.range_id_1 
_struct_sheet_order.range_id_2 
_struct_sheet_order.offset 
_struct_sheet_order.sense 
A 1 2 ? anti-parallel 
B 1 2 ? anti-parallel 
# 
loop_
_struct_sheet_range.sheet_id 
_struct_sheet_range.id 
_struct_sheet_range.beg_label_comp_id 
_struct_sheet_range.beg_label_asym_id 
_struct_sheet_range.beg_label_seq_id 
_struct_sheet_range.pdbx_beg_PDB_ins_code 
_struct_sheet_range.end_label_comp_id 
_struct_sheet_range.end_label_asym_id 
_struct_sheet_range.end_label_seq_id 
_struct_sheet_range.pdbx_end_PDB_ins_code 
_struct_sheet_range.beg_auth_comp_id 
_struct_sheet_range.beg_auth_asym_id 
_struct_sheet_range.beg_auth_seq_id 
_struct_sheet_range.end_auth_comp_id 
_struct_sheet_range.end_auth_asym_id 
_struct_sheet_range.end_auth_seq_id 
A 1 VAL A 17 ? ARG A 18 ? VAL A 137 ARG A 138 
A 2 GLU A 68 ? LYS A 69 ? GLU A 188 LYS A 189 
B 1 ALA A 52 ? GLU A 53 ? ALA A 172 GLU A 173 
B 2 ARG A 59 ? GLY A 60 ? ARG A 179 GLY A 180 
# 
loop_
_pdbx_struct_sheet_hbond.sheet_id 
_pdbx_struct_sheet_hbond.range_id_1 
_pdbx_struct_sheet_hbond.range_id_2 
_pdbx_struct_sheet_hbond.range_1_label_atom_id 
_pdbx_struct_sheet_hbond.range_1_label_comp_id 
_pdbx_struct_sheet_hbond.range_1_label_asym_id 
_pdbx_struct_sheet_hbond.range_1_label_seq_id 
_pdbx_struct_sheet_hbond.range_1_PDB_ins_code 
_pdbx_struct_sheet_hbond.range_1_auth_atom_id 
_pdbx_struct_sheet_hbond.range_1_auth_comp_id 
_pdbx_struct_sheet_hbond.range_1_auth_asym_id 
_pdbx_struct_sheet_hbond.range_1_auth_seq_id 
_pdbx_struct_sheet_hbond.range_2_label_atom_id 
_pdbx_struct_sheet_hbond.range_2_label_comp_id 
_pdbx_struct_sheet_hbond.range_2_label_asym_id 
_pdbx_struct_sheet_hbond.range_2_label_seq_id 
_pdbx_struct_sheet_hbond.range_2_PDB_ins_code 
_pdbx_struct_sheet_hbond.range_2_auth_atom_id 
_pdbx_struct_sheet_hbond.range_2_auth_comp_id 
_pdbx_struct_sheet_hbond.range_2_auth_asym_id 
_pdbx_struct_sheet_hbond.range_2_auth_seq_id 
A 1 2 N ARG A 18 ? N ARG A 138 O GLU A 68 ? O GLU A 188 
B 1 2 N ALA A 52 ? N ALA A 172 O GLY A 60 ? O GLY A 180 
# 
loop_
_pdbx_validate_close_contact.id 
_pdbx_validate_close_contact.PDB_model_num 
_pdbx_validate_close_contact.auth_atom_id_1 
_pdbx_validate_close_contact.auth_asym_id_1 
_pdbx_validate_close_contact.auth_comp_id_1 
_pdbx_validate_close_contact.auth_seq_id_1 
_pdbx_validate_close_contact.PDB_ins_code_1 
_pdbx_validate_close_contact.label_alt_id_1 
_pdbx_validate_close_contact.auth_atom_id_2 
_pdbx_validate_close_contact.auth_asym_id_2 
_pdbx_validate_close_contact.auth_comp_id_2 
_pdbx_validate_close_contact.auth_seq_id_2 
_pdbx_validate_close_contact.PDB_ins_code_2 
_pdbx_validate_close_contact.label_alt_id_2 
_pdbx_validate_close_contact.dist 
1 1 O A LYS 164 ? ? O A GLU 167 ? ? 2.01 
2 1 O A GLN 168 ? ? O A ILE 182 ? ? 2.09 
3 1 O A ARG 160 ? ? O A GLU 173 ? ? 2.10 
# 
loop_
_pdbx_validate_torsion.id 
_pdbx_validate_torsion.PDB_model_num 
_pdbx_validate_torsion.auth_comp_id 
_pdbx_validate_torsion.auth_asym_id 
_pdbx_validate_torsion.auth_seq_id 
_pdbx_validate_torsion.PDB_ins_code 
_pdbx_validate_torsion.label_alt_id 
_pdbx_validate_torsion.phi 
_pdbx_validate_torsion.psi 
1  1 GLU A 133 ? ? -113.49 -75.49 
2  1 ALA A 134 ? ? -174.78 135.92 
3  1 LEU A 140 ? ? -134.12 -69.12 
4  1 ARG A 162 ? ? -69.00  70.85  
5  1 ASN A 171 ? ? -160.87 104.98 
6  1 ALA A 172 ? ? 173.13  177.20 
7  1 PRO A 183 ? ? -69.76  17.55  
8  1 VAL A 184 ? ? 18.56   55.06  
9  1 PRO A 185 ? ? -69.72  19.27  
10 1 PRO A 192 ? ? -69.82  85.64  
# 
_pdbx_nmr_ensemble.entry_id                                      2EYW 
_pdbx_nmr_ensemble.conformers_calculated_total_number            20 
_pdbx_nmr_ensemble.conformers_submitted_total_number             1 
_pdbx_nmr_ensemble.conformer_selection_criteria                  ? 
_pdbx_nmr_ensemble.average_constraints_per_residue               ? 
_pdbx_nmr_ensemble.average_constraint_violations_per_residue     ? 
_pdbx_nmr_ensemble.maximum_distance_constraint_violation         ? 
_pdbx_nmr_ensemble.average_distance_constraint_violation         ? 
_pdbx_nmr_ensemble.maximum_upper_distance_constraint_violation   ? 
_pdbx_nmr_ensemble.maximum_lower_distance_constraint_violation   ? 
_pdbx_nmr_ensemble.distance_constraint_violation_method          ? 
_pdbx_nmr_ensemble.maximum_torsion_angle_constraint_violation    ? 
_pdbx_nmr_ensemble.average_torsion_angle_constraint_violation    ? 
_pdbx_nmr_ensemble.torsion_angle_constraint_violation_method     ? 
# 
_pdbx_nmr_representative.entry_id             2EYW 
_pdbx_nmr_representative.conformer_id         1 
_pdbx_nmr_representative.selection_criteria   'lowest energy' 
# 
_pdbx_nmr_sample_details.solution_id      1 
_pdbx_nmr_sample_details.contents         '0.5mM N-terminal SH3 U-15N, 13C PHOSPHATE BUFFER NA; 200MM NACL;90%H2O, 10%D2O' 
_pdbx_nmr_sample_details.solvent_system   ? 
# 
_pdbx_nmr_exptl_sample_conditions.conditions_id       1 
_pdbx_nmr_exptl_sample_conditions.temperature         298 
_pdbx_nmr_exptl_sample_conditions.pressure            AMBIENT 
_pdbx_nmr_exptl_sample_conditions.pH                  6.8 
_pdbx_nmr_exptl_sample_conditions.ionic_strength      250mM 
_pdbx_nmr_exptl_sample_conditions.pressure_units      ? 
_pdbx_nmr_exptl_sample_conditions.temperature_units   K 
# 
loop_
_pdbx_nmr_exptl.experiment_id 
_pdbx_nmr_exptl.conditions_id 
_pdbx_nmr_exptl.type 
_pdbx_nmr_exptl.solution_id 
1 1 3D_15N-SEPARATED_NOESY    1 
2 1 '3D_ 13C-SEPARATED_NOESY' 1 
# 
_pdbx_nmr_refine.entry_id           2EYW 
_pdbx_nmr_refine.method             'torsion angle dynamics' 
_pdbx_nmr_refine.details            ? 
_pdbx_nmr_refine.software_ordinal   1 
# 
loop_
_pdbx_nmr_software.classification 
_pdbx_nmr_software.name 
_pdbx_nmr_software.version 
_pdbx_nmr_software.authors 
_pdbx_nmr_software.ordinal 
refinement           CYANA   2.0 'Guetntert P.' 1 
'structure solution' XEASY   ?   ?              2 
'structure solution' Olivia  ?   ?              3 
'structure solution' NMRPipe ?   ?              4 
'structure solution' CYANA   2.0 'Guetntert P.' 5 
# 
loop_
_chem_comp_atom.comp_id 
_chem_comp_atom.atom_id 
_chem_comp_atom.type_symbol 
_chem_comp_atom.pdbx_aromatic_flag 
_chem_comp_atom.pdbx_stereo_config 
_chem_comp_atom.pdbx_ordinal 
ALA N    N N N 1   
ALA CA   C N S 2   
ALA C    C N N 3   
ALA O    O N N 4   
ALA CB   C N N 5   
ALA OXT  O N N 6   
ALA H    H N N 7   
ALA H2   H N N 8   
ALA HA   H N N 9   
ALA HB1  H N N 10  
ALA HB2  H N N 11  
ALA HB3  H N N 12  
ALA HXT  H N N 13  
ARG N    N N N 14  
ARG CA   C N S 15  
ARG C    C N N 16  
ARG O    O N N 17  
ARG CB   C N N 18  
ARG CG   C N N 19  
ARG CD   C N N 20  
ARG NE   N N N 21  
ARG CZ   C N N 22  
ARG NH1  N N N 23  
ARG NH2  N N N 24  
ARG OXT  O N N 25  
ARG H    H N N 26  
ARG H2   H N N 27  
ARG HA   H N N 28  
ARG HB2  H N N 29  
ARG HB3  H N N 30  
ARG HG2  H N N 31  
ARG HG3  H N N 32  
ARG HD2  H N N 33  
ARG HD3  H N N 34  
ARG HE   H N N 35  
ARG HH11 H N N 36  
ARG HH12 H N N 37  
ARG HH21 H N N 38  
ARG HH22 H N N 39  
ARG HXT  H N N 40  
ASN N    N N N 41  
ASN CA   C N S 42  
ASN C    C N N 43  
ASN O    O N N 44  
ASN CB   C N N 45  
ASN CG   C N N 46  
ASN OD1  O N N 47  
ASN ND2  N N N 48  
ASN OXT  O N N 49  
ASN H    H N N 50  
ASN H2   H N N 51  
ASN HA   H N N 52  
ASN HB2  H N N 53  
ASN HB3  H N N 54  
ASN HD21 H N N 55  
ASN HD22 H N N 56  
ASN HXT  H N N 57  
ASP N    N N N 58  
ASP CA   C N S 59  
ASP C    C N N 60  
ASP O    O N N 61  
ASP CB   C N N 62  
ASP CG   C N N 63  
ASP OD1  O N N 64  
ASP OD2  O N N 65  
ASP OXT  O N N 66  
ASP H    H N N 67  
ASP H2   H N N 68  
ASP HA   H N N 69  
ASP HB2  H N N 70  
ASP HB3  H N N 71  
ASP HD2  H N N 72  
ASP HXT  H N N 73  
GLN N    N N N 74  
GLN CA   C N S 75  
GLN C    C N N 76  
GLN O    O N N 77  
GLN CB   C N N 78  
GLN CG   C N N 79  
GLN CD   C N N 80  
GLN OE1  O N N 81  
GLN NE2  N N N 82  
GLN OXT  O N N 83  
GLN H    H N N 84  
GLN H2   H N N 85  
GLN HA   H N N 86  
GLN HB2  H N N 87  
GLN HB3  H N N 88  
GLN HG2  H N N 89  
GLN HG3  H N N 90  
GLN HE21 H N N 91  
GLN HE22 H N N 92  
GLN HXT  H N N 93  
GLU N    N N N 94  
GLU CA   C N S 95  
GLU C    C N N 96  
GLU O    O N N 97  
GLU CB   C N N 98  
GLU CG   C N N 99  
GLU CD   C N N 100 
GLU OE1  O N N 101 
GLU OE2  O N N 102 
GLU OXT  O N N 103 
GLU H    H N N 104 
GLU H2   H N N 105 
GLU HA   H N N 106 
GLU HB2  H N N 107 
GLU HB3  H N N 108 
GLU HG2  H N N 109 
GLU HG3  H N N 110 
GLU HE2  H N N 111 
GLU HXT  H N N 112 
GLY N    N N N 113 
GLY CA   C N N 114 
GLY C    C N N 115 
GLY O    O N N 116 
GLY OXT  O N N 117 
GLY H    H N N 118 
GLY H2   H N N 119 
GLY HA2  H N N 120 
GLY HA3  H N N 121 
GLY HXT  H N N 122 
ILE N    N N N 123 
ILE CA   C N S 124 
ILE C    C N N 125 
ILE O    O N N 126 
ILE CB   C N S 127 
ILE CG1  C N N 128 
ILE CG2  C N N 129 
ILE CD1  C N N 130 
ILE OXT  O N N 131 
ILE H    H N N 132 
ILE H2   H N N 133 
ILE HA   H N N 134 
ILE HB   H N N 135 
ILE HG12 H N N 136 
ILE HG13 H N N 137 
ILE HG21 H N N 138 
ILE HG22 H N N 139 
ILE HG23 H N N 140 
ILE HD11 H N N 141 
ILE HD12 H N N 142 
ILE HD13 H N N 143 
ILE HXT  H N N 144 
LEU N    N N N 145 
LEU CA   C N S 146 
LEU C    C N N 147 
LEU O    O N N 148 
LEU CB   C N N 149 
LEU CG   C N N 150 
LEU CD1  C N N 151 
LEU CD2  C N N 152 
LEU OXT  O N N 153 
LEU H    H N N 154 
LEU H2   H N N 155 
LEU HA   H N N 156 
LEU HB2  H N N 157 
LEU HB3  H N N 158 
LEU HG   H N N 159 
LEU HD11 H N N 160 
LEU HD12 H N N 161 
LEU HD13 H N N 162 
LEU HD21 H N N 163 
LEU HD22 H N N 164 
LEU HD23 H N N 165 
LEU HXT  H N N 166 
LYS N    N N N 167 
LYS CA   C N S 168 
LYS C    C N N 169 
LYS O    O N N 170 
LYS CB   C N N 171 
LYS CG   C N N 172 
LYS CD   C N N 173 
LYS CE   C N N 174 
LYS NZ   N N N 175 
LYS OXT  O N N 176 
LYS H    H N N 177 
LYS H2   H N N 178 
LYS HA   H N N 179 
LYS HB2  H N N 180 
LYS HB3  H N N 181 
LYS HG2  H N N 182 
LYS HG3  H N N 183 
LYS HD2  H N N 184 
LYS HD3  H N N 185 
LYS HE2  H N N 186 
LYS HE3  H N N 187 
LYS HZ1  H N N 188 
LYS HZ2  H N N 189 
LYS HZ3  H N N 190 
LYS HXT  H N N 191 
MET N    N N N 192 
MET CA   C N S 193 
MET C    C N N 194 
MET O    O N N 195 
MET CB   C N N 196 
MET CG   C N N 197 
MET SD   S N N 198 
MET CE   C N N 199 
MET OXT  O N N 200 
MET H    H N N 201 
MET H2   H N N 202 
MET HA   H N N 203 
MET HB2  H N N 204 
MET HB3  H N N 205 
MET HG2  H N N 206 
MET HG3  H N N 207 
MET HE1  H N N 208 
MET HE2  H N N 209 
MET HE3  H N N 210 
MET HXT  H N N 211 
PHE N    N N N 212 
PHE CA   C N S 213 
PHE C    C N N 214 
PHE O    O N N 215 
PHE CB   C N N 216 
PHE CG   C Y N 217 
PHE CD1  C Y N 218 
PHE CD2  C Y N 219 
PHE CE1  C Y N 220 
PHE CE2  C Y N 221 
PHE CZ   C Y N 222 
PHE OXT  O N N 223 
PHE H    H N N 224 
PHE H2   H N N 225 
PHE HA   H N N 226 
PHE HB2  H N N 227 
PHE HB3  H N N 228 
PHE HD1  H N N 229 
PHE HD2  H N N 230 
PHE HE1  H N N 231 
PHE HE2  H N N 232 
PHE HZ   H N N 233 
PHE HXT  H N N 234 
PRO N    N N N 235 
PRO CA   C N S 236 
PRO C    C N N 237 
PRO O    O N N 238 
PRO CB   C N N 239 
PRO CG   C N N 240 
PRO CD   C N N 241 
PRO OXT  O N N 242 
PRO H    H N N 243 
PRO HA   H N N 244 
PRO HB2  H N N 245 
PRO HB3  H N N 246 
PRO HG2  H N N 247 
PRO HG3  H N N 248 
PRO HD2  H N N 249 
PRO HD3  H N N 250 
PRO HXT  H N N 251 
SER N    N N N 252 
SER CA   C N S 253 
SER C    C N N 254 
SER O    O N N 255 
SER CB   C N N 256 
SER OG   O N N 257 
SER OXT  O N N 258 
SER H    H N N 259 
SER H2   H N N 260 
SER HA   H N N 261 
SER HB2  H N N 262 
SER HB3  H N N 263 
SER HG   H N N 264 
SER HXT  H N N 265 
TRP N    N N N 266 
TRP CA   C N S 267 
TRP C    C N N 268 
TRP O    O N N 269 
TRP CB   C N N 270 
TRP CG   C Y N 271 
TRP CD1  C Y N 272 
TRP CD2  C Y N 273 
TRP NE1  N Y N 274 
TRP CE2  C Y N 275 
TRP CE3  C Y N 276 
TRP CZ2  C Y N 277 
TRP CZ3  C Y N 278 
TRP CH2  C Y N 279 
TRP OXT  O N N 280 
TRP H    H N N 281 
TRP H2   H N N 282 
TRP HA   H N N 283 
TRP HB2  H N N 284 
TRP HB3  H N N 285 
TRP HD1  H N N 286 
TRP HE1  H N N 287 
TRP HE3  H N N 288 
TRP HZ2  H N N 289 
TRP HZ3  H N N 290 
TRP HH2  H N N 291 
TRP HXT  H N N 292 
TYR N    N N N 293 
TYR CA   C N S 294 
TYR C    C N N 295 
TYR O    O N N 296 
TYR CB   C N N 297 
TYR CG   C Y N 298 
TYR CD1  C Y N 299 
TYR CD2  C Y N 300 
TYR CE1  C Y N 301 
TYR CE2  C Y N 302 
TYR CZ   C Y N 303 
TYR OH   O N N 304 
TYR OXT  O N N 305 
TYR H    H N N 306 
TYR H2   H N N 307 
TYR HA   H N N 308 
TYR HB2  H N N 309 
TYR HB3  H N N 310 
TYR HD1  H N N 311 
TYR HD2  H N N 312 
TYR HE1  H N N 313 
TYR HE2  H N N 314 
TYR HH   H N N 315 
TYR HXT  H N N 316 
VAL N    N N N 317 
VAL CA   C N S 318 
VAL C    C N N 319 
VAL O    O N N 320 
VAL CB   C N N 321 
VAL CG1  C N N 322 
VAL CG2  C N N 323 
VAL OXT  O N N 324 
VAL H    H N N 325 
VAL H2   H N N 326 
VAL HA   H N N 327 
VAL HB   H N N 328 
VAL HG11 H N N 329 
VAL HG12 H N N 330 
VAL HG13 H N N 331 
VAL HG21 H N N 332 
VAL HG22 H N N 333 
VAL HG23 H N N 334 
VAL HXT  H N N 335 
# 
loop_
_chem_comp_bond.comp_id 
_chem_comp_bond.atom_id_1 
_chem_comp_bond.atom_id_2 
_chem_comp_bond.value_order 
_chem_comp_bond.pdbx_aromatic_flag 
_chem_comp_bond.pdbx_stereo_config 
_chem_comp_bond.pdbx_ordinal 
ALA N   CA   sing N N 1   
ALA N   H    sing N N 2   
ALA N   H2   sing N N 3   
ALA CA  C    sing N N 4   
ALA CA  CB   sing N N 5   
ALA CA  HA   sing N N 6   
ALA C   O    doub N N 7   
ALA C   OXT  sing N N 8   
ALA CB  HB1  sing N N 9   
ALA CB  HB2  sing N N 10  
ALA CB  HB3  sing N N 11  
ALA OXT HXT  sing N N 12  
ARG N   CA   sing N N 13  
ARG N   H    sing N N 14  
ARG N   H2   sing N N 15  
ARG CA  C    sing N N 16  
ARG CA  CB   sing N N 17  
ARG CA  HA   sing N N 18  
ARG C   O    doub N N 19  
ARG C   OXT  sing N N 20  
ARG CB  CG   sing N N 21  
ARG CB  HB2  sing N N 22  
ARG CB  HB3  sing N N 23  
ARG CG  CD   sing N N 24  
ARG CG  HG2  sing N N 25  
ARG CG  HG3  sing N N 26  
ARG CD  NE   sing N N 27  
ARG CD  HD2  sing N N 28  
ARG CD  HD3  sing N N 29  
ARG NE  CZ   sing N N 30  
ARG NE  HE   sing N N 31  
ARG CZ  NH1  sing N N 32  
ARG CZ  NH2  doub N N 33  
ARG NH1 HH11 sing N N 34  
ARG NH1 HH12 sing N N 35  
ARG NH2 HH21 sing N N 36  
ARG NH2 HH22 sing N N 37  
ARG OXT HXT  sing N N 38  
ASN N   CA   sing N N 39  
ASN N   H    sing N N 40  
ASN N   H2   sing N N 41  
ASN CA  C    sing N N 42  
ASN CA  CB   sing N N 43  
ASN CA  HA   sing N N 44  
ASN C   O    doub N N 45  
ASN C   OXT  sing N N 46  
ASN CB  CG   sing N N 47  
ASN CB  HB2  sing N N 48  
ASN CB  HB3  sing N N 49  
ASN CG  OD1  doub N N 50  
ASN CG  ND2  sing N N 51  
ASN ND2 HD21 sing N N 52  
ASN ND2 HD22 sing N N 53  
ASN OXT HXT  sing N N 54  
ASP N   CA   sing N N 55  
ASP N   H    sing N N 56  
ASP N   H2   sing N N 57  
ASP CA  C    sing N N 58  
ASP CA  CB   sing N N 59  
ASP CA  HA   sing N N 60  
ASP C   O    doub N N 61  
ASP C   OXT  sing N N 62  
ASP CB  CG   sing N N 63  
ASP CB  HB2  sing N N 64  
ASP CB  HB3  sing N N 65  
ASP CG  OD1  doub N N 66  
ASP CG  OD2  sing N N 67  
ASP OD2 HD2  sing N N 68  
ASP OXT HXT  sing N N 69  
GLN N   CA   sing N N 70  
GLN N   H    sing N N 71  
GLN N   H2   sing N N 72  
GLN CA  C    sing N N 73  
GLN CA  CB   sing N N 74  
GLN CA  HA   sing N N 75  
GLN C   O    doub N N 76  
GLN C   OXT  sing N N 77  
GLN CB  CG   sing N N 78  
GLN CB  HB2  sing N N 79  
GLN CB  HB3  sing N N 80  
GLN CG  CD   sing N N 81  
GLN CG  HG2  sing N N 82  
GLN CG  HG3  sing N N 83  
GLN CD  OE1  doub N N 84  
GLN CD  NE2  sing N N 85  
GLN NE2 HE21 sing N N 86  
GLN NE2 HE22 sing N N 87  
GLN OXT HXT  sing N N 88  
GLU N   CA   sing N N 89  
GLU N   H    sing N N 90  
GLU N   H2   sing N N 91  
GLU CA  C    sing N N 92  
GLU CA  CB   sing N N 93  
GLU CA  HA   sing N N 94  
GLU C   O    doub N N 95  
GLU C   OXT  sing N N 96  
GLU CB  CG   sing N N 97  
GLU CB  HB2  sing N N 98  
GLU CB  HB3  sing N N 99  
GLU CG  CD   sing N N 100 
GLU CG  HG2  sing N N 101 
GLU CG  HG3  sing N N 102 
GLU CD  OE1  doub N N 103 
GLU CD  OE2  sing N N 104 
GLU OE2 HE2  sing N N 105 
GLU OXT HXT  sing N N 106 
GLY N   CA   sing N N 107 
GLY N   H    sing N N 108 
GLY N   H2   sing N N 109 
GLY CA  C    sing N N 110 
GLY CA  HA2  sing N N 111 
GLY CA  HA3  sing N N 112 
GLY C   O    doub N N 113 
GLY C   OXT  sing N N 114 
GLY OXT HXT  sing N N 115 
ILE N   CA   sing N N 116 
ILE N   H    sing N N 117 
ILE N   H2   sing N N 118 
ILE CA  C    sing N N 119 
ILE CA  CB   sing N N 120 
ILE CA  HA   sing N N 121 
ILE C   O    doub N N 122 
ILE C   OXT  sing N N 123 
ILE CB  CG1  sing N N 124 
ILE CB  CG2  sing N N 125 
ILE CB  HB   sing N N 126 
ILE CG1 CD1  sing N N 127 
ILE CG1 HG12 sing N N 128 
ILE CG1 HG13 sing N N 129 
ILE CG2 HG21 sing N N 130 
ILE CG2 HG22 sing N N 131 
ILE CG2 HG23 sing N N 132 
ILE CD1 HD11 sing N N 133 
ILE CD1 HD12 sing N N 134 
ILE CD1 HD13 sing N N 135 
ILE OXT HXT  sing N N 136 
LEU N   CA   sing N N 137 
LEU N   H    sing N N 138 
LEU N   H2   sing N N 139 
LEU CA  C    sing N N 140 
LEU CA  CB   sing N N 141 
LEU CA  HA   sing N N 142 
LEU C   O    doub N N 143 
LEU C   OXT  sing N N 144 
LEU CB  CG   sing N N 145 
LEU CB  HB2  sing N N 146 
LEU CB  HB3  sing N N 147 
LEU CG  CD1  sing N N 148 
LEU CG  CD2  sing N N 149 
LEU CG  HG   sing N N 150 
LEU CD1 HD11 sing N N 151 
LEU CD1 HD12 sing N N 152 
LEU CD1 HD13 sing N N 153 
LEU CD2 HD21 sing N N 154 
LEU CD2 HD22 sing N N 155 
LEU CD2 HD23 sing N N 156 
LEU OXT HXT  sing N N 157 
LYS N   CA   sing N N 158 
LYS N   H    sing N N 159 
LYS N   H2   sing N N 160 
LYS CA  C    sing N N 161 
LYS CA  CB   sing N N 162 
LYS CA  HA   sing N N 163 
LYS C   O    doub N N 164 
LYS C   OXT  sing N N 165 
LYS CB  CG   sing N N 166 
LYS CB  HB2  sing N N 167 
LYS CB  HB3  sing N N 168 
LYS CG  CD   sing N N 169 
LYS CG  HG2  sing N N 170 
LYS CG  HG3  sing N N 171 
LYS CD  CE   sing N N 172 
LYS CD  HD2  sing N N 173 
LYS CD  HD3  sing N N 174 
LYS CE  NZ   sing N N 175 
LYS CE  HE2  sing N N 176 
LYS CE  HE3  sing N N 177 
LYS NZ  HZ1  sing N N 178 
LYS NZ  HZ2  sing N N 179 
LYS NZ  HZ3  sing N N 180 
LYS OXT HXT  sing N N 181 
MET N   CA   sing N N 182 
MET N   H    sing N N 183 
MET N   H2   sing N N 184 
MET CA  C    sing N N 185 
MET CA  CB   sing N N 186 
MET CA  HA   sing N N 187 
MET C   O    doub N N 188 
MET C   OXT  sing N N 189 
MET CB  CG   sing N N 190 
MET CB  HB2  sing N N 191 
MET CB  HB3  sing N N 192 
MET CG  SD   sing N N 193 
MET CG  HG2  sing N N 194 
MET CG  HG3  sing N N 195 
MET SD  CE   sing N N 196 
MET CE  HE1  sing N N 197 
MET CE  HE2  sing N N 198 
MET CE  HE3  sing N N 199 
MET OXT HXT  sing N N 200 
PHE N   CA   sing N N 201 
PHE N   H    sing N N 202 
PHE N   H2   sing N N 203 
PHE CA  C    sing N N 204 
PHE CA  CB   sing N N 205 
PHE CA  HA   sing N N 206 
PHE C   O    doub N N 207 
PHE C   OXT  sing N N 208 
PHE CB  CG   sing N N 209 
PHE CB  HB2  sing N N 210 
PHE CB  HB3  sing N N 211 
PHE CG  CD1  doub Y N 212 
PHE CG  CD2  sing Y N 213 
PHE CD1 CE1  sing Y N 214 
PHE CD1 HD1  sing N N 215 
PHE CD2 CE2  doub Y N 216 
PHE CD2 HD2  sing N N 217 
PHE CE1 CZ   doub Y N 218 
PHE CE1 HE1  sing N N 219 
PHE CE2 CZ   sing Y N 220 
PHE CE2 HE2  sing N N 221 
PHE CZ  HZ   sing N N 222 
PHE OXT HXT  sing N N 223 
PRO N   CA   sing N N 224 
PRO N   CD   sing N N 225 
PRO N   H    sing N N 226 
PRO CA  C    sing N N 227 
PRO CA  CB   sing N N 228 
PRO CA  HA   sing N N 229 
PRO C   O    doub N N 230 
PRO C   OXT  sing N N 231 
PRO CB  CG   sing N N 232 
PRO CB  HB2  sing N N 233 
PRO CB  HB3  sing N N 234 
PRO CG  CD   sing N N 235 
PRO CG  HG2  sing N N 236 
PRO CG  HG3  sing N N 237 
PRO CD  HD2  sing N N 238 
PRO CD  HD3  sing N N 239 
PRO OXT HXT  sing N N 240 
SER N   CA   sing N N 241 
SER N   H    sing N N 242 
SER N   H2   sing N N 243 
SER CA  C    sing N N 244 
SER CA  CB   sing N N 245 
SER CA  HA   sing N N 246 
SER C   O    doub N N 247 
SER C   OXT  sing N N 248 
SER CB  OG   sing N N 249 
SER CB  HB2  sing N N 250 
SER CB  HB3  sing N N 251 
SER OG  HG   sing N N 252 
SER OXT HXT  sing N N 253 
TRP N   CA   sing N N 254 
TRP N   H    sing N N 255 
TRP N   H2   sing N N 256 
TRP CA  C    sing N N 257 
TRP CA  CB   sing N N 258 
TRP CA  HA   sing N N 259 
TRP C   O    doub N N 260 
TRP C   OXT  sing N N 261 
TRP CB  CG   sing N N 262 
TRP CB  HB2  sing N N 263 
TRP CB  HB3  sing N N 264 
TRP CG  CD1  doub Y N 265 
TRP CG  CD2  sing Y N 266 
TRP CD1 NE1  sing Y N 267 
TRP CD1 HD1  sing N N 268 
TRP CD2 CE2  doub Y N 269 
TRP CD2 CE3  sing Y N 270 
TRP NE1 CE2  sing Y N 271 
TRP NE1 HE1  sing N N 272 
TRP CE2 CZ2  sing Y N 273 
TRP CE3 CZ3  doub Y N 274 
TRP CE3 HE3  sing N N 275 
TRP CZ2 CH2  doub Y N 276 
TRP CZ2 HZ2  sing N N 277 
TRP CZ3 CH2  sing Y N 278 
TRP CZ3 HZ3  sing N N 279 
TRP CH2 HH2  sing N N 280 
TRP OXT HXT  sing N N 281 
TYR N   CA   sing N N 282 
TYR N   H    sing N N 283 
TYR N   H2   sing N N 284 
TYR CA  C    sing N N 285 
TYR CA  CB   sing N N 286 
TYR CA  HA   sing N N 287 
TYR C   O    doub N N 288 
TYR C   OXT  sing N N 289 
TYR CB  CG   sing N N 290 
TYR CB  HB2  sing N N 291 
TYR CB  HB3  sing N N 292 
TYR CG  CD1  doub Y N 293 
TYR CG  CD2  sing Y N 294 
TYR CD1 CE1  sing Y N 295 
TYR CD1 HD1  sing N N 296 
TYR CD2 CE2  doub Y N 297 
TYR CD2 HD2  sing N N 298 
TYR CE1 CZ   doub Y N 299 
TYR CE1 HE1  sing N N 300 
TYR CE2 CZ   sing Y N 301 
TYR CE2 HE2  sing N N 302 
TYR CZ  OH   sing N N 303 
TYR OH  HH   sing N N 304 
TYR OXT HXT  sing N N 305 
VAL N   CA   sing N N 306 
VAL N   H    sing N N 307 
VAL N   H2   sing N N 308 
VAL CA  C    sing N N 309 
VAL CA  CB   sing N N 310 
VAL CA  HA   sing N N 311 
VAL C   O    doub N N 312 
VAL C   OXT  sing N N 313 
VAL CB  CG1  sing N N 314 
VAL CB  CG2  sing N N 315 
VAL CB  HB   sing N N 316 
VAL CG1 HG11 sing N N 317 
VAL CG1 HG12 sing N N 318 
VAL CG1 HG13 sing N N 319 
VAL CG2 HG21 sing N N 320 
VAL CG2 HG22 sing N N 321 
VAL CG2 HG23 sing N N 322 
VAL OXT HXT  sing N N 323 
# 
_pdbx_nmr_spectrometer.spectrometer_id   1 
_pdbx_nmr_spectrometer.model             INOVA 
_pdbx_nmr_spectrometer.manufacturer      Varian 
_pdbx_nmr_spectrometer.field_strength    800 
_pdbx_nmr_spectrometer.type              ? 
# 
_atom_sites.entry_id                    2EYW 
_atom_sites.fract_transf_matrix[1][1]   1.000000 
_atom_sites.fract_transf_matrix[1][2]   0.000000 
_atom_sites.fract_transf_matrix[1][3]   0.000000 
_atom_sites.fract_transf_matrix[2][1]   0.000000 
_atom_sites.fract_transf_matrix[2][2]   1.000000 
_atom_sites.fract_transf_matrix[2][3]   0.000000 
_atom_sites.fract_transf_matrix[3][1]   0.000000 
_atom_sites.fract_transf_matrix[3][2]   0.000000 
_atom_sites.fract_transf_matrix[3][3]   1.000000 
_atom_sites.fract_transf_vector[1]      0.00000 
_atom_sites.fract_transf_vector[2]      0.00000 
_atom_sites.fract_transf_vector[3]      0.00000 
# 
loop_
_atom_type.symbol 
C 
H 
N 
O 
S 
# 
loop_
_atom_site.group_PDB 
_atom_site.id 
_atom_site.type_symbol 
_atom_site.label_atom_id 
_atom_site.label_alt_id 
_atom_site.label_comp_id 
_atom_site.label_asym_id 
_atom_site.label_entity_id 
_atom_site.label_seq_id 
_atom_site.pdbx_PDB_ins_code 
_atom_site.Cartn_x 
_atom_site.Cartn_y 
_atom_site.Cartn_z 
_atom_site.occupancy 
_atom_site.B_iso_or_equiv 
_atom_site.pdbx_formal_charge 
_atom_site.auth_seq_id 
_atom_site.auth_comp_id 
_atom_site.auth_asym_id 
_atom_site.auth_atom_id 
_atom_site.pdbx_PDB_model_num 
ATOM 1    N N    . GLY A 1 1  ? 32.507  19.296  -13.274 1.00 13.00 ? 121 GLY A N    1 
ATOM 2    C CA   . GLY A 1 1  ? 31.671  20.208  -12.516 1.00 55.03 ? 121 GLY A CA   1 
ATOM 3    C C    . GLY A 1 1  ? 30.823  19.494  -11.483 1.00 10.31 ? 121 GLY A C    1 
ATOM 4    O O    . GLY A 1 1  ? 31.198  18.430  -10.990 1.00 43.12 ? 121 GLY A O    1 
ATOM 5    H H1   . GLY A 1 1  ? 32.195  18.385  -13.457 1.00 12.40 ? 121 GLY A H1   1 
ATOM 6    H HA2  . GLY A 1 1  ? 32.304  20.925  -12.014 1.00 41.01 ? 121 GLY A HA2  1 
ATOM 7    H HA3  . GLY A 1 1  ? 31.021  20.734  -13.198 1.00 0.42  ? 121 GLY A HA3  1 
ATOM 8    N N    . ALA A 1 2  ? 29.677  20.080  -11.153 1.00 51.44 ? 122 ALA A N    1 
ATOM 9    C CA   . ALA A 1 2  ? 28.773  19.494  -10.173 1.00 65.40 ? 122 ALA A CA   1 
ATOM 10   C C    . ALA A 1 2  ? 27.927  18.389  -10.797 1.00 43.32 ? 122 ALA A C    1 
ATOM 11   O O    . ALA A 1 2  ? 26.784  18.619  -11.192 1.00 42.21 ? 122 ALA A O    1 
ATOM 12   C CB   . ALA A 1 2  ? 27.880  20.567  -9.568  1.00 61.33 ? 122 ALA A CB   1 
ATOM 13   H H    . ALA A 1 2  ? 29.434  20.928  -11.581 1.00 44.03 ? 122 ALA A H    1 
ATOM 14   H HA   . ALA A 1 2  ? 29.371  19.069  -9.379  1.00 12.02 ? 122 ALA A HA   1 
ATOM 15   H HB1  . ALA A 1 2  ? 28.140  21.528  -9.988  1.00 11.11 ? 122 ALA A HB1  1 
ATOM 16   H HB2  . ALA A 1 2  ? 26.848  20.344  -9.790  1.00 1.20  ? 122 ALA A HB2  1 
ATOM 17   H HB3  . ALA A 1 2  ? 28.021  20.592  -8.497  1.00 53.11 ? 122 ALA A HB3  1 
ATOM 18   N N    . MET A 1 3  ? 28.496  17.191  -10.885 1.00 52.05 ? 123 MET A N    1 
ATOM 19   C CA   . MET A 1 3  ? 27.792  16.052  -11.462 1.00 54.22 ? 123 MET A CA   1 
ATOM 20   C C    . MET A 1 3  ? 26.436  15.854  -10.792 1.00 41.11 ? 123 MET A C    1 
ATOM 21   O O    . MET A 1 3  ? 25.554  15.193  -11.338 1.00 41.01 ? 123 MET A O    1 
ATOM 22   C CB   . MET A 1 3  ? 28.633  14.782  -11.323 1.00 74.31 ? 123 MET A CB   1 
ATOM 23   C CG   . MET A 1 3  ? 29.951  14.839  -12.079 1.00 2.50  ? 123 MET A CG   1 
ATOM 24   S SD   . MET A 1 3  ? 29.721  15.008  -13.860 1.00 10.11 ? 123 MET A SD   1 
ATOM 25   C CE   . MET A 1 3  ? 30.957  13.863  -14.471 1.00 42.03 ? 123 MET A CE   1 
ATOM 26   H H    . MET A 1 3  ? 29.410  17.070  -10.553 1.00 71.42 ? 123 MET A H    1 
ATOM 27   H HA   . MET A 1 3  ? 27.636  16.256  -12.510 1.00 14.43 ? 123 MET A HA   1 
ATOM 28   H HB2  . MET A 1 3  ? 28.851  14.621  -10.277 1.00 42.12 ? 123 MET A HB2  1 
ATOM 29   H HB3  . MET A 1 3  ? 28.065  13.944  -11.697 1.00 52.23 ? 123 MET A HB3  1 
ATOM 30   H HG2  . MET A 1 3  ? 30.519  15.686  -11.723 1.00 33.34 ? 123 MET A HG2  1 
ATOM 31   H HG3  . MET A 1 3  ? 30.501  13.930  -11.886 1.00 73.15 ? 123 MET A HG3  1 
ATOM 32   H HE1  . MET A 1 3  ? 30.951  12.970  -13.864 1.00 31.50 ? 123 MET A HE1  1 
ATOM 33   H HE2  . MET A 1 3  ? 30.732  13.605  -15.495 1.00 33.31 ? 123 MET A HE2  1 
ATOM 34   H HE3  . MET A 1 3  ? 31.931  14.327  -14.421 1.00 32.33 ? 123 MET A HE3  1 
ATOM 35   N N    . GLY A 1 4  ? 26.277  16.431  -9.605  1.00 52.02 ? 124 GLY A N    1 
ATOM 36   C CA   . GLY A 1 4  ? 25.027  16.306  -8.880  1.00 41.13 ? 124 GLY A CA   1 
ATOM 37   C C    . GLY A 1 4  ? 24.053  17.420  -9.207  1.00 72.04 ? 124 GLY A C    1 
ATOM 38   O O    . GLY A 1 4  ? 24.425  18.594  -9.221  1.00 51.53 ? 124 GLY A O    1 
ATOM 39   H H    . GLY A 1 4  ? 27.016  16.948  -9.218  1.00 25.23 ? 124 GLY A H    1 
ATOM 40   H HA2  . GLY A 1 4  ? 24.571  15.359  -9.131  1.00 52.00 ? 124 GLY A HA2  1 
ATOM 41   H HA3  . GLY A 1 4  ? 25.235  16.324  -7.821  1.00 62.12 ? 124 GLY A HA3  1 
ATOM 42   N N    . SER A 1 5  ? 22.803  17.055  -9.471  1.00 25.13 ? 125 SER A N    1 
ATOM 43   C CA   . SER A 1 5  ? 21.774  18.032  -9.804  1.00 30.23 ? 125 SER A CA   1 
ATOM 44   C C    . SER A 1 5  ? 20.814  18.230  -8.635  1.00 41.24 ? 125 SER A C    1 
ATOM 45   O O    . SER A 1 5  ? 19.975  19.130  -8.652  1.00 51.42 ? 125 SER A O    1 
ATOM 46   C CB   . SER A 1 5  ? 20.998  17.585  -11.045 1.00 30.40 ? 125 SER A CB   1 
ATOM 47   O OG   . SER A 1 5  ? 20.111  16.524  -10.737 1.00 13.02 ? 125 SER A OG   1 
ATOM 48   H H    . SER A 1 5  ? 22.568  16.103  -9.444  1.00 21.41 ? 125 SER A H    1 
ATOM 49   H HA   . SER A 1 5  ? 22.264  18.970  -10.015 1.00 53.11 ? 125 SER A HA   1 
ATOM 50   H HB2  . SER A 1 5  ? 20.426  18.416  -11.428 1.00 34.12 ? 125 SER A HB2  1 
ATOM 51   H HB3  . SER A 1 5  ? 21.695  17.249  -11.800 1.00 23.32 ? 125 SER A HB3  1 
ATOM 52   H HG   . SER A 1 5  ? 19.217  16.771  -10.987 1.00 33.31 ? 125 SER A HG   1 
ATOM 53   N N    . GLY A 1 6  ? 20.945  17.383  -7.619  1.00 12.55 ? 126 GLY A N    1 
ATOM 54   C CA   . GLY A 1 6  ? 20.083  17.481  -6.456  1.00 21.34 ? 126 GLY A CA   1 
ATOM 55   C C    . GLY A 1 6  ? 18.998  16.423  -6.448  1.00 25.21 ? 126 GLY A C    1 
ATOM 56   O O    . GLY A 1 6  ? 17.810  16.741  -6.375  1.00 54.33 ? 126 GLY A O    1 
ATOM 57   H H    . GLY A 1 6  ? 21.632  16.685  -7.660  1.00 52.30 ? 126 GLY A H    1 
ATOM 58   H HA2  . GLY A 1 6  ? 20.685  17.371  -5.566  1.00 22.23 ? 126 GLY A HA2  1 
ATOM 59   H HA3  . GLY A 1 6  ? 19.620  18.456  -6.446  1.00 41.41 ? 126 GLY A HA3  1 
ATOM 60   N N    . VAL A 1 7  ? 19.403  15.159  -6.523  1.00 60.32 ? 127 VAL A N    1 
ATOM 61   C CA   . VAL A 1 7  ? 18.456  14.051  -6.524  1.00 34.05 ? 127 VAL A CA   1 
ATOM 62   C C    . VAL A 1 7  ? 18.572  13.228  -5.246  1.00 2.43  ? 127 VAL A C    1 
ATOM 63   O O    . VAL A 1 7  ? 19.672  12.879  -4.818  1.00 30.00 ? 127 VAL A O    1 
ATOM 64   C CB   . VAL A 1 7  ? 18.675  13.128  -7.739  1.00 65.35 ? 127 VAL A CB   1 
ATOM 65   C CG1  . VAL A 1 7  ? 17.725  11.941  -7.685  1.00 43.23 ? 127 VAL A CG1  1 
ATOM 66   C CG2  . VAL A 1 7  ? 18.500  13.904  -9.035  1.00 22.52 ? 127 VAL A CG2  1 
ATOM 67   H H    . VAL A 1 7  ? 20.363  14.968  -6.578  1.00 40.22 ? 127 VAL A H    1 
ATOM 68   H HA   . VAL A 1 7  ? 17.459  14.464  -6.587  1.00 12.15 ? 127 VAL A HA   1 
ATOM 69   H HB   . VAL A 1 7  ? 19.687  12.753  -7.702  1.00 23.43 ? 127 VAL A HB   1 
ATOM 70   H HG11 . VAL A 1 7  ? 18.062  11.244  -6.933  1.00 74.31 ? 127 VAL A HG11 1 
ATOM 71   H HG12 . VAL A 1 7  ? 16.731  12.287  -7.438  1.00 24.31 ? 127 VAL A HG12 1 
ATOM 72   H HG13 . VAL A 1 7  ? 17.706  11.452  -8.647  1.00 32.41 ? 127 VAL A HG13 1 
ATOM 73   H HG21 . VAL A 1 7  ? 18.941  13.347  -9.848  1.00 14.42 ? 127 VAL A HG21 1 
ATOM 74   H HG22 . VAL A 1 7  ? 17.447  14.050  -9.228  1.00 1.41  ? 127 VAL A HG22 1 
ATOM 75   H HG23 . VAL A 1 7  ? 18.987  14.864  -8.949  1.00 4.40  ? 127 VAL A HG23 1 
ATOM 76   N N    . ILE A 1 8  ? 17.429  12.920  -4.643  1.00 42.10 ? 128 ILE A N    1 
ATOM 77   C CA   . ILE A 1 8  ? 17.402  12.136  -3.414  1.00 41.41 ? 128 ILE A CA   1 
ATOM 78   C C    . ILE A 1 8  ? 17.525  10.645  -3.711  1.00 72.51 ? 128 ILE A C    1 
ATOM 79   O O    . ILE A 1 8  ? 16.854  10.119  -4.600  1.00 43.15 ? 128 ILE A O    1 
ATOM 80   C CB   . ILE A 1 8  ? 16.108  12.383  -2.616  1.00 14.41 ? 128 ILE A CB   1 
ATOM 81   C CG1  . ILE A 1 8  ? 16.003  13.856  -2.217  1.00 71.55 ? 128 ILE A CG1  1 
ATOM 82   C CG2  . ILE A 1 8  ? 16.065  11.491  -1.386  1.00 32.44 ? 128 ILE A CG2  1 
ATOM 83   C CD1  . ILE A 1 8  ? 17.228  14.375  -1.495  1.00 13.13 ? 128 ILE A CD1  1 
ATOM 84   H H    . ILE A 1 8  ? 16.584  13.226  -5.033  1.00 53.04 ? 128 ILE A H    1 
ATOM 85   H HA   . ILE A 1 8  ? 18.241  12.442  -2.805  1.00 23.23 ? 128 ILE A HA   1 
ATOM 86   H HB   . ILE A 1 8  ? 15.269  12.128  -3.246  1.00 32.41 ? 128 ILE A HB   1 
ATOM 87   H HG12 . ILE A 1 8  ? 15.863  14.455  -3.102  1.00 13.32 ? 128 ILE A HG12 1 
ATOM 88   H HG13 . ILE A 1 8  ? 15.153  13.985  -1.563  1.00 63.10 ? 128 ILE A HG13 1 
ATOM 89   H HG21 . ILE A 1 8  ? 15.092  11.027  -1.311  1.00 73.52 ? 128 ILE A HG21 1 
ATOM 90   H HG22 . ILE A 1 8  ? 16.822  10.725  -1.470  1.00 4.43  ? 128 ILE A HG22 1 
ATOM 91   H HG23 . ILE A 1 8  ? 16.250  12.084  -0.503  1.00 72.01 ? 128 ILE A HG23 1 
ATOM 92   H HD11 . ILE A 1 8  ? 17.814  13.542  -1.135  1.00 60.24 ? 128 ILE A HD11 1 
ATOM 93   H HD12 . ILE A 1 8  ? 17.822  14.967  -2.174  1.00 54.04 ? 128 ILE A HD12 1 
ATOM 94   H HD13 . ILE A 1 8  ? 16.921  14.986  -0.659  1.00 64.11 ? 128 ILE A HD13 1 
ATOM 95   N N    . LEU A 1 9  ? 18.387  9.967   -2.959  1.00 54.04 ? 129 LEU A N    1 
ATOM 96   C CA   . LEU A 1 9  ? 18.598  8.536   -3.139  1.00 13.15 ? 129 LEU A CA   1 
ATOM 97   C C    . LEU A 1 9  ? 17.658  7.730   -2.247  1.00 15.41 ? 129 LEU A C    1 
ATOM 98   O O    . LEU A 1 9  ? 17.771  7.763   -1.022  1.00 74.21 ? 129 LEU A O    1 
ATOM 99   C CB   . LEU A 1 9  ? 20.051  8.172   -2.830  1.00 22.14 ? 129 LEU A CB   1 
ATOM 100  C CG   . LEU A 1 9  ? 21.020  8.217   -4.011  1.00 13.23 ? 129 LEU A CG   1 
ATOM 101  C CD1  . LEU A 1 9  ? 22.457  8.313   -3.520  1.00 21.14 ? 129 LEU A CD1  1 
ATOM 102  C CD2  . LEU A 1 9  ? 20.839  6.993   -4.898  1.00 60.12 ? 129 LEU A CD2  1 
ATOM 103  H H    . LEU A 1 9  ? 18.893  10.441  -2.267  1.00 22.34 ? 129 LEU A H    1 
ATOM 104  H HA   . LEU A 1 9  ? 18.387  8.298   -4.171  1.00 20.15 ? 129 LEU A HA   1 
ATOM 105  H HB2  . LEU A 1 9  ? 20.411  8.859   -2.080  1.00 33.14 ? 129 LEU A HB2  1 
ATOM 106  H HB3  . LEU A 1 9  ? 20.062  7.167   -2.430  1.00 4.12  ? 129 LEU A HB3  1 
ATOM 107  H HG   . LEU A 1 9  ? 20.813  9.095   -4.607  1.00 63.51 ? 129 LEU A HG   1 
ATOM 108  H HD11 . LEU A 1 9  ? 22.676  9.334   -3.247  1.00 21.15 ? 129 LEU A HD11 1 
ATOM 109  H HD12 . LEU A 1 9  ? 23.128  7.997   -4.306  1.00 51.04 ? 129 LEU A HD12 1 
ATOM 110  H HD13 . LEU A 1 9  ? 22.586  7.673   -2.659  1.00 44.24 ? 129 LEU A HD13 1 
ATOM 111  H HD21 . LEU A 1 9  ? 21.395  7.126   -5.814  1.00 31.40 ? 129 LEU A HD21 1 
ATOM 112  H HD22 . LEU A 1 9  ? 19.790  6.868   -5.128  1.00 15.41 ? 129 LEU A HD22 1 
ATOM 113  H HD23 . LEU A 1 9  ? 21.201  6.117   -4.381  1.00 64.15 ? 129 LEU A HD23 1 
ATOM 114  N N    . ARG A 1 10 ? 16.734  7.006   -2.870  1.00 52.21 ? 130 ARG A N    1 
ATOM 115  C CA   . ARG A 1 10 ? 15.776  6.192   -2.133  1.00 35.54 ? 130 ARG A CA   1 
ATOM 116  C C    . ARG A 1 10 ? 16.070  4.705   -2.320  1.00 52.04 ? 130 ARG A C    1 
ATOM 117  O O    . ARG A 1 10 ? 16.579  4.290   -3.360  1.00 61.22 ? 130 ARG A O    1 
ATOM 118  C CB   . ARG A 1 10 ? 14.351  6.503   -2.592  1.00 65.30 ? 130 ARG A CB   1 
ATOM 119  C CG   . ARG A 1 10 ? 14.046  7.990   -2.668  1.00 52.22 ? 130 ARG A CG   1 
ATOM 120  C CD   . ARG A 1 10 ? 12.553  8.259   -2.563  1.00 73.31 ? 130 ARG A CD   1 
ATOM 121  N NE   . ARG A 1 10 ? 11.984  7.713   -1.334  1.00 40.23 ? 130 ARG A NE   1 
ATOM 122  C CZ   . ARG A 1 10 ? 10.727  7.917   -0.952  1.00 73.53 ? 130 ARG A CZ   1 
ATOM 123  N NH1  . ARG A 1 10 ? 9.914   8.650   -1.700  1.00 30.43 ? 130 ARG A NH1  1 
ATOM 124  N NH2  . ARG A 1 10 ? 10.283  7.387   0.181   1.00 1.32  ? 130 ARG A NH2  1 
ATOM 125  H H    . ARG A 1 10 ? 16.695  7.022   -3.850  1.00 34.11 ? 130 ARG A H    1 
ATOM 126  H HA   . ARG A 1 10 ? 15.870  6.437   -1.085  1.00 13.35 ? 130 ARG A HA   1 
ATOM 127  H HB2  . ARG A 1 10 ? 14.199  6.076   -3.572  1.00 0.51  ? 130 ARG A HB2  1 
ATOM 128  H HB3  . ARG A 1 10 ? 13.656  6.050   -1.900  1.00 71.40 ? 130 ARG A HB3  1 
ATOM 129  H HG2  . ARG A 1 10 ? 14.549  8.493   -1.855  1.00 15.11 ? 130 ARG A HG2  1 
ATOM 130  H HG3  . ARG A 1 10 ? 14.407  8.374   -3.611  1.00 62.30 ? 130 ARG A HG3  1 
ATOM 131  H HD2  . ARG A 1 10 ? 12.391  9.326   -2.581  1.00 70.34 ? 130 ARG A HD2  1 
ATOM 132  H HD3  . ARG A 1 10 ? 12.059  7.806   -3.409  1.00 34.02 ? 130 ARG A HD3  1 
ATOM 133  H HE   . ARG A 1 10 ? 12.568  7.169   -0.766  1.00 45.21 ? 130 ARG A HE   1 
ATOM 134  H HH11 . ARG A 1 10 ? 10.247  9.049   -2.553  1.00 13.50 ? 130 ARG A HH11 1 
ATOM 135  H HH12 . ARG A 1 10 ? 8.969   8.801   -1.410  1.00 32.13 ? 130 ARG A HH12 1 
ATOM 136  H HH21 . ARG A 1 10 ? 10.893  6.834   0.747   1.00 32.54 ? 130 ARG A HH21 1 
ATOM 137  H HH22 . ARG A 1 10 ? 9.338   7.541   0.467   1.00 74.44 ? 130 ARG A HH22 1 
ATOM 138  N N    . GLN A 1 11 ? 15.744  3.912   -1.304  1.00 31.12 ? 131 GLN A N    1 
ATOM 139  C CA   . GLN A 1 11 ? 15.974  2.473   -1.356  1.00 52.43 ? 131 GLN A CA   1 
ATOM 140  C C    . GLN A 1 11 ? 14.682  1.706   -1.096  1.00 5.34  ? 131 GLN A C    1 
ATOM 141  O O    . GLN A 1 11 ? 14.697  0.635   -0.491  1.00 31.42 ? 131 GLN A O    1 
ATOM 142  C CB   . GLN A 1 11 ? 17.037  2.068   -0.334  1.00 0.24  ? 131 GLN A CB   1 
ATOM 143  C CG   . GLN A 1 11 ? 18.432  2.563   -0.678  1.00 62.15 ? 131 GLN A CG   1 
ATOM 144  C CD   . GLN A 1 11 ? 19.518  1.808   0.063   1.00 55.31 ? 131 GLN A CD   1 
ATOM 145  O OE1  . GLN A 1 11 ? 19.285  1.259   1.140   1.00 54.02 ? 131 GLN A OE1  1 
ATOM 146  N NE2  . GLN A 1 11 ? 20.714  1.776   -0.513  1.00 75.41 ? 131 GLN A NE2  1 
ATOM 147  H H    . GLN A 1 11 ? 15.341  4.302   -0.502  1.00 74.25 ? 131 GLN A H    1 
ATOM 148  H HA   . GLN A 1 11 ? 16.329  2.230   -2.347  1.00 72.04 ? 131 GLN A HA   1 
ATOM 149  H HB2  . GLN A 1 11 ? 16.763  2.469   0.630   1.00 21.15 ? 131 GLN A HB2  1 
ATOM 150  H HB3  . GLN A 1 11 ? 17.067  0.990   -0.272  1.00 45.04 ? 131 GLN A HB3  1 
ATOM 151  H HG2  . GLN A 1 11 ? 18.592  2.443   -1.739  1.00 1.04  ? 131 GLN A HG2  1 
ATOM 152  H HG3  . GLN A 1 11 ? 18.501  3.610   -0.420  1.00 35.02 ? 131 GLN A HG3  1 
ATOM 153  H HE21 . GLN A 1 11 ? 20.828  2.237   -1.371  1.00 42.41 ? 131 GLN A HE21 1 
ATOM 154  H HE22 . GLN A 1 11 ? 21.435  1.296   -0.056  1.00 61.20 ? 131 GLN A HE22 1 
ATOM 155  N N    . GLU A 1 12 ? 13.566  2.261   -1.558  1.00 41.21 ? 132 GLU A N    1 
ATOM 156  C CA   . GLU A 1 12 ? 12.265  1.629   -1.374  1.00 32.45 ? 132 GLU A CA   1 
ATOM 157  C C    . GLU A 1 12 ? 11.886  0.797   -2.596  1.00 52.13 ? 132 GLU A C    1 
ATOM 158  O O    . GLU A 1 12 ? 12.102  1.215   -3.733  1.00 32.32 ? 132 GLU A O    1 
ATOM 159  C CB   . GLU A 1 12 ? 11.192  2.687   -1.109  1.00 63.41 ? 132 GLU A CB   1 
ATOM 160  C CG   . GLU A 1 12 ? 11.331  3.370   0.240   1.00 61.14 ? 132 GLU A CG   1 
ATOM 161  C CD   . GLU A 1 12 ? 12.569  4.241   0.329   1.00 30.41 ? 132 GLU A CD   1 
ATOM 162  O OE1  . GLU A 1 12 ? 12.500  5.416   -0.085  1.00 40.20 ? 132 GLU A OE1  1 
ATOM 163  O OE2  . GLU A 1 12 ? 13.609  3.745   0.812   1.00 63.51 ? 132 GLU A OE2  1 
ATOM 164  H H    . GLU A 1 12 ? 13.619  3.116   -2.034  1.00 52.10 ? 132 GLU A H    1 
ATOM 165  H HA   . GLU A 1 12 ? 12.333  0.976   -0.516  1.00 13.31 ? 132 GLU A HA   1 
ATOM 166  H HB2  . GLU A 1 12 ? 11.249  3.440   -1.880  1.00 52.13 ? 132 GLU A HB2  1 
ATOM 167  H HB3  . GLU A 1 12 ? 10.221  2.214   -1.151  1.00 51.32 ? 132 GLU A HB3  1 
ATOM 168  H HG2  . GLU A 1 12 ? 10.462  3.990   0.407   1.00 73.10 ? 132 GLU A HG2  1 
ATOM 169  H HG3  . GLU A 1 12 ? 11.385  2.614   1.010   1.00 43.12 ? 132 GLU A HG3  1 
ATOM 170  N N    . GLU A 1 13 ? 11.320  -0.380  -2.352  1.00 45.00 ? 133 GLU A N    1 
ATOM 171  C CA   . GLU A 1 13 ? 10.912  -1.269  -3.433  1.00 64.30 ? 133 GLU A CA   1 
ATOM 172  C C    . GLU A 1 13 ? 9.393   -1.416  -3.473  1.00 75.05 ? 133 GLU A C    1 
ATOM 173  O O    . GLU A 1 13 ? 8.727   -0.840  -4.332  1.00 2.43  ? 133 GLU A O    1 
ATOM 174  C CB   . GLU A 1 13 ? 11.562  -2.644  -3.264  1.00 55.13 ? 133 GLU A CB   1 
ATOM 175  C CG   . GLU A 1 13 ? 11.239  -3.612  -4.390  1.00 23.13 ? 133 GLU A CG   1 
ATOM 176  C CD   . GLU A 1 13 ? 11.832  -3.183  -5.718  1.00 74.04 ? 133 GLU A CD   1 
ATOM 177  O OE1  . GLU A 1 13 ? 11.191  -2.374  -6.421  1.00 62.31 ? 133 GLU A OE1  1 
ATOM 178  O OE2  . GLU A 1 13 ? 12.938  -3.655  -6.053  1.00 35.33 ? 133 GLU A OE2  1 
ATOM 179  H H    . GLU A 1 13 ? 11.173  -0.656  -1.423  1.00 3.05  ? 133 GLU A H    1 
ATOM 180  H HA   . GLU A 1 13 ? 11.244  -0.836  -4.363  1.00 54.12 ? 133 GLU A HA   1 
ATOM 181  H HB2  . GLU A 1 13 ? 12.634  -2.518  -3.221  1.00 13.23 ? 133 GLU A HB2  1 
ATOM 182  H HB3  . GLU A 1 13 ? 11.223  -3.079  -2.336  1.00 51.23 ? 133 GLU A HB3  1 
ATOM 183  H HG2  . GLU A 1 13 ? 11.633  -4.585  -4.135  1.00 11.44 ? 133 GLU A HG2  1 
ATOM 184  H HG3  . GLU A 1 13 ? 10.166  -3.676  -4.495  1.00 30.03 ? 133 GLU A HG3  1 
ATOM 185  N N    . ALA A 1 14 ? 8.854   -2.190  -2.537  1.00 44.22 ? 134 ALA A N    1 
ATOM 186  C CA   . ALA A 1 14 ? 7.414   -2.411  -2.465  1.00 35.21 ? 134 ALA A CA   1 
ATOM 187  C C    . ALA A 1 14 ? 7.047   -3.229  -1.231  1.00 40.23 ? 134 ALA A C    1 
ATOM 188  O O    . ALA A 1 14 ? 7.703   -4.220  -0.914  1.00 12.23 ? 134 ALA A O    1 
ATOM 189  C CB   . ALA A 1 14 ? 6.923   -3.105  -3.727  1.00 61.30 ? 134 ALA A CB   1 
ATOM 190  H H    . ALA A 1 14 ? 9.437   -2.622  -1.880  1.00 73.41 ? 134 ALA A H    1 
ATOM 191  H HA   . ALA A 1 14 ? 6.932   -1.447  -2.402  1.00 21.30 ? 134 ALA A HA   1 
ATOM 192  H HB1  . ALA A 1 14 ? 7.759   -3.563  -4.233  1.00 35.01 ? 134 ALA A HB1  1 
ATOM 193  H HB2  . ALA A 1 14 ? 6.202   -3.864  -3.462  1.00 53.11 ? 134 ALA A HB2  1 
ATOM 194  H HB3  . ALA A 1 14 ? 6.460   -2.379  -4.378  1.00 14.22 ? 134 ALA A HB3  1 
ATOM 195  N N    . GLU A 1 15 ? 5.993   -2.807  -0.539  1.00 52.02 ? 135 GLU A N    1 
ATOM 196  C CA   . GLU A 1 15 ? 5.540   -3.500  0.661   1.00 2.43  ? 135 GLU A CA   1 
ATOM 197  C C    . GLU A 1 15 ? 4.420   -4.483  0.331   1.00 1.43  ? 135 GLU A C    1 
ATOM 198  O O    . GLU A 1 15 ? 3.357   -4.090  -0.150  1.00 4.44  ? 135 GLU A O    1 
ATOM 199  C CB   . GLU A 1 15 ? 5.058   -2.493  1.707   1.00 5.02  ? 135 GLU A CB   1 
ATOM 200  C CG   . GLU A 1 15 ? 6.087   -1.429  2.047   1.00 41.23 ? 135 GLU A CG   1 
ATOM 201  C CD   . GLU A 1 15 ? 6.983   -1.831  3.202   1.00 44.41 ? 135 GLU A CD   1 
ATOM 202  O OE1  . GLU A 1 15 ? 7.871   -2.683  2.993   1.00 73.32 ? 135 GLU A OE1  1 
ATOM 203  O OE2  . GLU A 1 15 ? 6.796   -1.295  4.314   1.00 52.14 ? 135 GLU A OE2  1 
ATOM 204  H H    . GLU A 1 15 ? 5.510   -2.009  -0.843  1.00 63.11 ? 135 GLU A H    1 
ATOM 205  H HA   . GLU A 1 15 ? 6.378   -4.049  1.063   1.00 3.42  ? 135 GLU A HA   1 
ATOM 206  H HB2  . GLU A 1 15 ? 4.171   -2.002  1.335   1.00 5.20  ? 135 GLU A HB2  1 
ATOM 207  H HB3  . GLU A 1 15 ? 4.809   -3.026  2.613   1.00 51.22 ? 135 GLU A HB3  1 
ATOM 208  H HG2  . GLU A 1 15 ? 6.703   -1.251  1.178   1.00 10.14 ? 135 GLU A HG2  1 
ATOM 209  H HG3  . GLU A 1 15 ? 5.570   -0.517  2.312   1.00 24.34 ? 135 GLU A HG3  1 
ATOM 210  N N    . TYR A 1 16 ? 4.667   -5.762  0.592   1.00 54.31 ? 136 TYR A N    1 
ATOM 211  C CA   . TYR A 1 16 ? 3.683   -6.801  0.320   1.00 5.44  ? 136 TYR A CA   1 
ATOM 212  C C    . TYR A 1 16 ? 3.027   -7.282  1.611   1.00 44.25 ? 136 TYR A C    1 
ATOM 213  O O    . TYR A 1 16 ? 3.673   -7.896  2.460   1.00 53.40 ? 136 TYR A O    1 
ATOM 214  C CB   . TYR A 1 16 ? 4.339   -7.980  -0.400  1.00 35.31 ? 136 TYR A CB   1 
ATOM 215  C CG   . TYR A 1 16 ? 5.518   -7.584  -1.260  1.00 53.34 ? 136 TYR A CG   1 
ATOM 216  C CD1  . TYR A 1 16 ? 5.329   -7.071  -2.537  1.00 50.53 ? 136 TYR A CD1  1 
ATOM 217  C CD2  . TYR A 1 16 ? 6.820   -7.722  -0.796  1.00 35.34 ? 136 TYR A CD2  1 
ATOM 218  C CE1  . TYR A 1 16 ? 6.402   -6.708  -3.327  1.00 14.45 ? 136 TYR A CE1  1 
ATOM 219  C CE2  . TYR A 1 16 ? 7.900   -7.361  -1.578  1.00 11.30 ? 136 TYR A CE2  1 
ATOM 220  C CZ   . TYR A 1 16 ? 7.686   -6.854  -2.843  1.00 4.42  ? 136 TYR A CZ   1 
ATOM 221  O OH   . TYR A 1 16 ? 8.759   -6.494  -3.627  1.00 61.24 ? 136 TYR A OH   1 
ATOM 222  H H    . TYR A 1 16 ? 5.533   -6.013  0.975   1.00 74.31 ? 136 TYR A H    1 
ATOM 223  H HA   . TYR A 1 16 ? 2.922   -6.379  -0.321  1.00 21.24 ? 136 TYR A HA   1 
ATOM 224  H HB2  . TYR A 1 16 ? 4.689   -8.691  0.333   1.00 35.52 ? 136 TYR A HB2  1 
ATOM 225  H HB3  . TYR A 1 16 ? 3.609   -8.457  -1.036  1.00 15.12 ? 136 TYR A HB3  1 
ATOM 226  H HD1  . TYR A 1 16 ? 4.322   -6.958  -2.914  1.00 54.21 ? 136 TYR A HD1  1 
ATOM 227  H HD2  . TYR A 1 16 ? 6.984   -8.120  0.196   1.00 0.52  ? 136 TYR A HD2  1 
ATOM 228  H HE1  . TYR A 1 16 ? 6.236   -6.311  -4.318  1.00 42.14 ? 136 TYR A HE1  1 
ATOM 229  H HE2  . TYR A 1 16 ? 8.904   -7.476  -1.200  1.00 32.21 ? 136 TYR A HE2  1 
ATOM 230  H HH   . TYR A 1 16 ? 8.886   -5.543  -3.576  1.00 10.34 ? 136 TYR A HH   1 
ATOM 231  N N    . VAL A 1 17 ? 1.735   -6.996  1.753   1.00 71.33 ? 137 VAL A N    1 
ATOM 232  C CA   . VAL A 1 17 ? 0.990   -7.399  2.939   1.00 45.32 ? 137 VAL A CA   1 
ATOM 233  C C    . VAL A 1 17 ? -0.508  -7.434  2.660   1.00 5.33  ? 137 VAL A C    1 
ATOM 234  O O    . VAL A 1 17 ? -0.960  -7.040  1.584   1.00 30.11 ? 137 VAL A O    1 
ATOM 235  C CB   . VAL A 1 17 ? 1.258   -6.449  4.121   1.00 42.43 ? 137 VAL A CB   1 
ATOM 236  C CG1  . VAL A 1 17 ? 0.816   -7.085  5.430   1.00 15.04 ? 137 VAL A CG1  1 
ATOM 237  C CG2  . VAL A 1 17 ? 2.730   -6.067  4.174   1.00 10.42 ? 137 VAL A CG2  1 
ATOM 238  H H    . VAL A 1 17 ? 1.274   -6.503  1.043   1.00 15.31 ? 137 VAL A H    1 
ATOM 239  H HA   . VAL A 1 17 ? 1.318   -8.390  3.219   1.00 41.44 ? 137 VAL A HA   1 
ATOM 240  H HB   . VAL A 1 17 ? 0.680   -5.548  3.971   1.00 5.11  ? 137 VAL A HB   1 
ATOM 241  H HG11 . VAL A 1 17 ? 0.937   -8.157  5.366   1.00 61.45 ? 137 VAL A HG11 1 
ATOM 242  H HG12 . VAL A 1 17 ? 1.420   -6.701  6.239   1.00 52.40 ? 137 VAL A HG12 1 
ATOM 243  H HG13 . VAL A 1 17 ? -0.222  -6.851  5.612   1.00 10.31 ? 137 VAL A HG13 1 
ATOM 244  H HG21 . VAL A 1 17 ? 2.898   -5.398  5.005   1.00 14.45 ? 137 VAL A HG21 1 
ATOM 245  H HG22 . VAL A 1 17 ? 3.329   -6.958  4.302   1.00 42.43 ? 137 VAL A HG22 1 
ATOM 246  H HG23 . VAL A 1 17 ? 3.008   -5.576  3.254   1.00 52.41 ? 137 VAL A HG23 1 
ATOM 247  N N    . ARG A 1 18 ? -1.276  -7.908  3.636   1.00 41.21 ? 138 ARG A N    1 
ATOM 248  C CA   . ARG A 1 18 ? -2.725  -7.996  3.496   1.00 14.10 ? 138 ARG A CA   1 
ATOM 249  C C    . ARG A 1 18 ? -3.423  -7.043  4.462   1.00 12.51 ? 138 ARG A C    1 
ATOM 250  O O    . ARG A 1 18 ? -2.928  -6.781  5.558   1.00 22.24 ? 138 ARG A O    1 
ATOM 251  C CB   . ARG A 1 18 ? -3.197  -9.430  3.745   1.00 74.14 ? 138 ARG A CB   1 
ATOM 252  C CG   . ARG A 1 18 ? -4.572  -9.515  4.386   1.00 41.21 ? 138 ARG A CG   1 
ATOM 253  C CD   . ARG A 1 18 ? -4.946  -10.952 4.713   1.00 53.13 ? 138 ARG A CD   1 
ATOM 254  N NE   . ARG A 1 18 ? -6.392  -11.138 4.785   1.00 65.41 ? 138 ARG A NE   1 
ATOM 255  C CZ   . ARG A 1 18 ? -6.970  -12.243 5.246   1.00 72.33 ? 138 ARG A CZ   1 
ATOM 256  N NH1  . ARG A 1 18 ? -6.226  -13.254 5.675   1.00 54.41 ? 138 ARG A NH1  1 
ATOM 257  N NH2  . ARG A 1 18 ? -8.292  -12.337 5.280   1.00 5.13  ? 138 ARG A NH2  1 
ATOM 258  H H    . ARG A 1 18 ? -0.858  -8.207  4.471   1.00 44.23 ? 138 ARG A H    1 
ATOM 259  H HA   . ARG A 1 18 ? -2.977  -7.713  2.485   1.00 4.33  ? 138 ARG A HA   1 
ATOM 260  H HB2  . ARG A 1 18 ? -3.231  -9.954  2.801   1.00 40.15 ? 138 ARG A HB2  1 
ATOM 261  H HB3  . ARG A 1 18 ? -2.489  -9.920  4.395   1.00 34.11 ? 138 ARG A HB3  1 
ATOM 262  H HG2  . ARG A 1 18 ? -4.570  -8.938  5.300   1.00 12.24 ? 138 ARG A HG2  1 
ATOM 263  H HG3  . ARG A 1 18 ? -5.303  -9.107  3.703   1.00 22.45 ? 138 ARG A HG3  1 
ATOM 264  H HD2  . ARG A 1 18 ? -4.547  -11.597 3.944   1.00 64.22 ? 138 ARG A HD2  1 
ATOM 265  H HD3  . ARG A 1 18 ? -4.510  -11.215 5.666   1.00 10.10 ? 138 ARG A HD3  1 
ATOM 266  H HE   . ARG A 1 18 ? -6.961  -10.404 4.474   1.00 74.12 ? 138 ARG A HE   1 
ATOM 267  H HH11 . ARG A 1 18 ? -5.229  -13.185 5.652   1.00 15.44 ? 138 ARG A HH11 1 
ATOM 268  H HH12 . ARG A 1 18 ? -6.663  -14.083 6.022   1.00 31.12 ? 138 ARG A HH12 1 
ATOM 269  H HH21 . ARG A 1 18 ? -8.856  -11.577 4.959   1.00 54.30 ? 138 ARG A HH21 1 
ATOM 270  H HH22 . ARG A 1 18 ? -8.725  -13.169 5.627   1.00 44.44 ? 138 ARG A HH22 1 
ATOM 271  N N    . ALA A 1 19 ? -4.576  -6.528  4.047   1.00 52.52 ? 139 ALA A N    1 
ATOM 272  C CA   . ALA A 1 19 ? -5.342  -5.606  4.875   1.00 64.20 ? 139 ALA A CA   1 
ATOM 273  C C    . ALA A 1 19 ? -5.785  -6.273  6.173   1.00 5.43  ? 139 ALA A C    1 
ATOM 274  O O    . ALA A 1 19 ? -6.320  -7.383  6.161   1.00 3.23  ? 139 ALA A O    1 
ATOM 275  C CB   . ALA A 1 19 ? -6.549  -5.086  4.108   1.00 25.10 ? 139 ALA A CB   1 
ATOM 276  H H    . ALA A 1 19 ? -4.918  -6.774  3.162   1.00 64.42 ? 139 ALA A H    1 
ATOM 277  H HA   . ALA A 1 19 ? -4.708  -4.764  5.114   1.00 23.11 ? 139 ALA A HA   1 
ATOM 278  H HB1  . ALA A 1 19 ? -6.237  -4.761  3.126   1.00 44.24 ? 139 ALA A HB1  1 
ATOM 279  H HB2  . ALA A 1 19 ? -7.281  -5.873  4.012   1.00 5.13  ? 139 ALA A HB2  1 
ATOM 280  H HB3  . ALA A 1 19 ? -6.983  -4.254  4.642   1.00 52.42 ? 139 ALA A HB3  1 
ATOM 281  N N    . LEU A 1 20 ? -5.561  -5.591  7.290   1.00 61.33 ? 140 LEU A N    1 
ATOM 282  C CA   . LEU A 1 20 ? -5.938  -6.119  8.597   1.00 73.21 ? 140 LEU A CA   1 
ATOM 283  C C    . LEU A 1 20 ? -6.642  -5.054  9.432   1.00 74.41 ? 140 LEU A C    1 
ATOM 284  O O    . LEU A 1 20 ? -7.841  -5.146  9.692   1.00 25.52 ? 140 LEU A O    1 
ATOM 285  C CB   . LEU A 1 20 ? -4.700  -6.628  9.339   1.00 3.12  ? 140 LEU A CB   1 
ATOM 286  C CG   . LEU A 1 20 ? -4.820  -8.016  9.970   1.00 62.43 ? 140 LEU A CG   1 
ATOM 287  C CD1  . LEU A 1 20 ? -5.799  -7.989  11.134  1.00 1.20  ? 140 LEU A CD1  1 
ATOM 288  C CD2  . LEU A 1 20 ? -5.253  -9.040  8.931   1.00 55.13 ? 140 LEU A CD2  1 
ATOM 289  H H    . LEU A 1 20 ? -5.133  -4.713  7.236   1.00 52.04 ? 140 LEU A H    1 
ATOM 290  H HA   . LEU A 1 20 ? -6.617  -6.942  8.439   1.00 24.30 ? 140 LEU A HA   1 
ATOM 291  H HB2  . LEU A 1 20 ? -3.882  -6.656  8.636   1.00 74.43 ? 140 LEU A HB2  1 
ATOM 292  H HB3  . LEU A 1 20 ? -4.473  -5.924  10.125  1.00 64.45 ? 140 LEU A HB3  1 
ATOM 293  H HG   . LEU A 1 20 ? -3.855  -8.314  10.355  1.00 0.14  ? 140 LEU A HG   1 
ATOM 294  H HD11 . LEU A 1 20 ? -5.383  -8.534  11.967  1.00 33.13 ? 140 LEU A HD11 1 
ATOM 295  H HD12 . LEU A 1 20 ? -6.729  -8.448  10.832  1.00 64.13 ? 140 LEU A HD12 1 
ATOM 296  H HD13 . LEU A 1 20 ? -5.981  -6.966  11.428  1.00 32.11 ? 140 LEU A HD13 1 
ATOM 297  H HD21 . LEU A 1 20 ? -4.787  -8.808  7.984   1.00 24.31 ? 140 LEU A HD21 1 
ATOM 298  H HD22 . LEU A 1 20 ? -6.327  -9.009  8.822   1.00 13.53 ? 140 LEU A HD22 1 
ATOM 299  H HD23 . LEU A 1 20 ? -4.951  -10.025 9.250   1.00 31.44 ? 140 LEU A HD23 1 
ATOM 300  N N    . PHE A 1 21 ? -5.888  -4.041  9.848   1.00 72.20 ? 141 PHE A N    1 
ATOM 301  C CA   . PHE A 1 21 ? -6.440  -2.957  10.652  1.00 32.21 ? 141 PHE A CA   1 
ATOM 302  C C    . PHE A 1 21 ? -7.149  -1.933  9.771   1.00 34.32 ? 141 PHE A C    1 
ATOM 303  O O    . PHE A 1 21 ? -7.249  -2.107  8.557   1.00 55.40 ? 141 PHE A O    1 
ATOM 304  C CB   . PHE A 1 21 ? -5.331  -2.275  11.457  1.00 23.24 ? 141 PHE A CB   1 
ATOM 305  C CG   . PHE A 1 21 ? -5.164  -2.835  12.841  1.00 64.01 ? 141 PHE A CG   1 
ATOM 306  C CD1  . PHE A 1 21 ? -4.854  -4.172  13.029  1.00 73.31 ? 141 PHE A CD1  1 
ATOM 307  C CD2  . PHE A 1 21 ? -5.317  -2.024  13.953  1.00 72.33 ? 141 PHE A CD2  1 
ATOM 308  C CE1  . PHE A 1 21 ? -4.701  -4.689  14.301  1.00 71.41 ? 141 PHE A CE1  1 
ATOM 309  C CE2  . PHE A 1 21 ? -5.165  -2.535  15.228  1.00 31.44 ? 141 PHE A CE2  1 
ATOM 310  C CZ   . PHE A 1 21 ? -4.854  -3.870  15.403  1.00 41.44 ? 141 PHE A CZ   1 
ATOM 311  H H    . PHE A 1 21 ? -4.938  -4.024  9.608   1.00 74.24 ? 141 PHE A H    1 
ATOM 312  H HA   . PHE A 1 21 ? -7.157  -3.385  11.335  1.00 50.20 ? 141 PHE A HA   1 
ATOM 313  H HB2  . PHE A 1 21 ? -4.393  -2.395  10.936  1.00 61.05 ? 141 PHE A HB2  1 
ATOM 314  H HB3  . PHE A 1 21 ? -5.557  -1.224  11.548  1.00 42.34 ? 141 PHE A HB3  1 
ATOM 315  H HD1  . PHE A 1 21 ? -4.732  -4.814  12.170  1.00 11.43 ? 141 PHE A HD1  1 
ATOM 316  H HD2  . PHE A 1 21 ? -5.559  -0.979  13.819  1.00 41.54 ? 141 PHE A HD2  1 
ATOM 317  H HE1  . PHE A 1 21 ? -4.458  -5.733  14.435  1.00 64.43 ? 141 PHE A HE1  1 
ATOM 318  H HE2  . PHE A 1 21 ? -5.285  -1.891  16.087  1.00 0.31  ? 141 PHE A HE2  1 
ATOM 319  H HZ   . PHE A 1 21 ? -4.736  -4.271  16.397  1.00 24.44 ? 141 PHE A HZ   1 
ATOM 320  N N    . ASP A 1 22 ? -7.638  -0.865  10.393  1.00 4.24  ? 142 ASP A N    1 
ATOM 321  C CA   . ASP A 1 22 ? -8.337  0.188   9.666   1.00 50.22 ? 142 ASP A CA   1 
ATOM 322  C C    . ASP A 1 22 ? -7.925  1.566   10.177  1.00 20.02 ? 142 ASP A C    1 
ATOM 323  O O    . ASP A 1 22 ? -8.257  1.948   11.298  1.00 71.15 ? 142 ASP A O    1 
ATOM 324  C CB   . ASP A 1 22 ? -9.851  0.013   9.802   1.00 32.23 ? 142 ASP A CB   1 
ATOM 325  C CG   . ASP A 1 22 ? -10.411 0.730   11.014  1.00 12.04 ? 142 ASP A CG   1 
ATOM 326  O OD1  . ASP A 1 22 ? -10.100 0.310   12.149  1.00 34.31 ? 142 ASP A OD1  1 
ATOM 327  O OD2  . ASP A 1 22 ? -11.160 1.712   10.828  1.00 34.41 ? 142 ASP A OD2  1 
ATOM 328  H H    . ASP A 1 22 ? -7.526  -0.784  11.363  1.00 72.43 ? 142 ASP A H    1 
ATOM 329  H HA   . ASP A 1 22 ? -8.067  0.108   8.625   1.00 55.53 ? 142 ASP A HA   1 
ATOM 330  H HB2  . ASP A 1 22 ? -10.332 0.407   8.919   1.00 53.25 ? 142 ASP A HB2  1 
ATOM 331  H HB3  . ASP A 1 22 ? -10.078 -1.039  9.891   1.00 71.00 ? 142 ASP A HB3  1 
ATOM 332  N N    . PHE A 1 23 ? -7.198  2.306   9.345   1.00 23.45 ? 143 PHE A N    1 
ATOM 333  C CA   . PHE A 1 23 ? -6.739  3.640   9.713   1.00 32.52 ? 143 PHE A CA   1 
ATOM 334  C C    . PHE A 1 23 ? -7.205  4.675   8.694   1.00 71.23 ? 143 PHE A C    1 
ATOM 335  O O    . PHE A 1 23 ? -7.299  4.390   7.501   1.00 63.32 ? 143 PHE A O    1 
ATOM 336  C CB   . PHE A 1 23 ? -5.212  3.664   9.821   1.00 73.11 ? 143 PHE A CB   1 
ATOM 337  C CG   . PHE A 1 23 ? -4.698  4.643   10.838  1.00 25.03 ? 143 PHE A CG   1 
ATOM 338  C CD1  . PHE A 1 23 ? -4.837  6.007   10.639  1.00 4.21  ? 143 PHE A CD1  1 
ATOM 339  C CD2  . PHE A 1 23 ? -4.077  4.198   11.994  1.00 75.13 ? 143 PHE A CD2  1 
ATOM 340  C CE1  . PHE A 1 23 ? -4.367  6.910   11.574  1.00 33.23 ? 143 PHE A CE1  1 
ATOM 341  C CE2  . PHE A 1 23 ? -3.604  5.096   12.932  1.00 1.21  ? 143 PHE A CE2  1 
ATOM 342  C CZ   . PHE A 1 23 ? -3.748  6.453   12.722  1.00 55.51 ? 143 PHE A CZ   1 
ATOM 343  H H    . PHE A 1 23 ? -6.965  1.946   8.464   1.00 3.13  ? 143 PHE A H    1 
ATOM 344  H HA   . PHE A 1 23 ? -7.162  3.882   10.675  1.00 64.22 ? 143 PHE A HA   1 
ATOM 345  H HB2  . PHE A 1 23 ? -4.861  2.682   10.099  1.00 4.20  ? 143 PHE A HB2  1 
ATOM 346  H HB3  . PHE A 1 23 ? -4.795  3.932   8.861   1.00 42.04 ? 143 PHE A HB3  1 
ATOM 347  H HD1  . PHE A 1 23 ? -5.321  6.365   9.741   1.00 22.23 ? 143 PHE A HD1  1 
ATOM 348  H HD2  . PHE A 1 23 ? -3.963  3.137   12.160  1.00 14.35 ? 143 PHE A HD2  1 
ATOM 349  H HE1  . PHE A 1 23 ? -4.481  7.970   11.406  1.00 10.31 ? 143 PHE A HE1  1 
ATOM 350  H HE2  . PHE A 1 23 ? -3.120  4.737   13.828  1.00 42.04 ? 143 PHE A HE2  1 
ATOM 351  H HZ   . PHE A 1 23 ? -3.381  7.157   13.453  1.00 74.44 ? 143 PHE A HZ   1 
ATOM 352  N N    . ASN A 1 24 ? -7.495  5.880   9.175   1.00 21.33 ? 144 ASN A N    1 
ATOM 353  C CA   . ASN A 1 24 ? -7.953  6.959   8.307   1.00 44.14 ? 144 ASN A CA   1 
ATOM 354  C C    . ASN A 1 24 ? -6.827  7.951   8.032   1.00 44.11 ? 144 ASN A C    1 
ATOM 355  O O    . ASN A 1 24 ? -5.999  8.221   8.900   1.00 71.42 ? 144 ASN A O    1 
ATOM 356  C CB   . ASN A 1 24 ? -9.142  7.683   8.942   1.00 11.12 ? 144 ASN A CB   1 
ATOM 357  C CG   . ASN A 1 24 ? -8.845  8.157   10.352  1.00 73.13 ? 144 ASN A CG   1 
ATOM 358  O OD1  . ASN A 1 24 ? -7.703  8.104   10.808  1.00 34.32 ? 144 ASN A OD1  1 
ATOM 359  N ND2  . ASN A 1 24 ? -9.874  8.624   11.048  1.00 32.42 ? 144 ASN A ND2  1 
ATOM 360  H H    . ASN A 1 24 ? -7.400  6.047   10.135  1.00 65.45 ? 144 ASN A H    1 
ATOM 361  H HA   . ASN A 1 24 ? -8.267  6.521   7.372   1.00 2.01  ? 144 ASN A HA   1 
ATOM 362  H HB2  . ASN A 1 24 ? -9.396  8.543   8.340   1.00 11.32 ? 144 ASN A HB2  1 
ATOM 363  H HB3  . ASN A 1 24 ? -9.987  7.012   8.978   1.00 24.11 ? 144 ASN A HB3  1 
ATOM 364  H HD21 . ASN A 1 24 ? -10.756 8.636   10.620  1.00 54.02 ? 144 ASN A HD21 1 
ATOM 365  H HD22 . ASN A 1 24 ? -9.710  8.938   11.962  1.00 72.52 ? 144 ASN A HD22 1 
ATOM 366  N N    . GLY A 1 25 ? -6.805  8.491   6.818   1.00 72.12 ? 145 GLY A N    1 
ATOM 367  C CA   . GLY A 1 25 ? -5.777  9.447   6.450   1.00 54.24 ? 145 GLY A CA   1 
ATOM 368  C C    . GLY A 1 25 ? -6.352  10.709  5.836   1.00 10.04 ? 145 GLY A C    1 
ATOM 369  O O    . GLY A 1 25 ? -7.527  10.752  5.475   1.00 72.52 ? 145 GLY A O    1 
ATOM 370  H H    . GLY A 1 25 ? -7.492  8.238   6.166   1.00 51.21 ? 145 GLY A H    1 
ATOM 371  H HA2  . GLY A 1 25 ? -5.216  9.713   7.333   1.00 53.03 ? 145 GLY A HA2  1 
ATOM 372  H HA3  . GLY A 1 25 ? -5.110  8.986   5.737   1.00 32.14 ? 145 GLY A HA3  1 
ATOM 373  N N    . ASN A 1 26 ? -5.521  11.740  5.717   1.00 61.11 ? 146 ASN A N    1 
ATOM 374  C CA   . ASN A 1 26 ? -5.954  13.009  5.145   1.00 54.21 ? 146 ASN A CA   1 
ATOM 375  C C    . ASN A 1 26 ? -5.061  13.409  3.974   1.00 43.34 ? 146 ASN A C    1 
ATOM 376  O O    . ASN A 1 26 ? -4.969  14.586  3.625   1.00 73.24 ? 146 ASN A O    1 
ATOM 377  C CB   . ASN A 1 26 ? -5.938  14.105  6.211   1.00 72.32 ? 146 ASN A CB   1 
ATOM 378  C CG   . ASN A 1 26 ? -4.529  14.510  6.603   1.00 43.35 ? 146 ASN A CG   1 
ATOM 379  O OD1  . ASN A 1 26 ? -4.039  15.563  6.197   1.00 40.12 ? 146 ASN A OD1  1 
ATOM 380  N ND2  . ASN A 1 26 ? -3.873  13.672  7.397   1.00 71.40 ? 146 ASN A ND2  1 
ATOM 381  H H    . ASN A 1 26 ? -4.595  11.644  6.023   1.00 53.23 ? 146 ASN A H    1 
ATOM 382  H HA   . ASN A 1 26 ? -6.964  12.883  4.785   1.00 62.33 ? 146 ASN A HA   1 
ATOM 383  H HB2  . ASN A 1 26 ? -6.449  14.978  5.829   1.00 61.31 ? 146 ASN A HB2  1 
ATOM 384  H HB3  . ASN A 1 26 ? -6.449  13.750  7.093   1.00 64.10 ? 146 ASN A HB3  1 
ATOM 385  H HD21 . ASN A 1 26 ? -4.327  12.852  7.681   1.00 4.24  ? 146 ASN A HD21 1 
ATOM 386  H HD22 . ASN A 1 26 ? -2.961  13.909  7.666   1.00 61.15 ? 146 ASN A HD22 1 
ATOM 387  N N    . ASP A 1 27 ? -4.409  12.423  3.370   1.00 3.42  ? 147 ASP A N    1 
ATOM 388  C CA   . ASP A 1 27 ? -3.525  12.671  2.236   1.00 64.12 ? 147 ASP A CA   1 
ATOM 389  C C    . ASP A 1 27 ? -4.238  12.384  0.918   1.00 20.14 ? 147 ASP A C    1 
ATOM 390  O O    . ASP A 1 27 ? -4.881  11.346  0.764   1.00 14.23 ? 147 ASP A O    1 
ATOM 391  C CB   . ASP A 1 27 ? -2.265  11.812  2.347   1.00 15.40 ? 147 ASP A CB   1 
ATOM 392  C CG   . ASP A 1 27 ? -1.761  11.705  3.773   1.00 13.10 ? 147 ASP A CG   1 
ATOM 393  O OD1  . ASP A 1 27 ? -2.309  10.881  4.536   1.00 12.21 ? 147 ASP A OD1  1 
ATOM 394  O OD2  . ASP A 1 27 ? -0.818  12.443  4.126   1.00 2.35  ? 147 ASP A OD2  1 
ATOM 395  H H    . ASP A 1 27 ? -4.524  11.505  3.693   1.00 45.00 ? 147 ASP A H    1 
ATOM 396  H HA   . ASP A 1 27 ? -3.244  13.713  2.258   1.00 71.42 ? 147 ASP A HA   1 
ATOM 397  H HB2  . ASP A 1 27 ? -2.483  10.817  1.985   1.00 73.44 ? 147 ASP A HB2  1 
ATOM 398  H HB3  . ASP A 1 27 ? -1.485  12.250  1.740   1.00 3.04  ? 147 ASP A HB3  1 
ATOM 399  N N    . GLU A 1 28 ? -4.120  13.311  -0.027  1.00 44.31 ? 148 GLU A N    1 
ATOM 400  C CA   . GLU A 1 28 ? -4.755  13.156  -1.331  1.00 73.42 ? 148 GLU A CA   1 
ATOM 401  C C    . GLU A 1 28 ? -3.967  12.188  -2.209  1.00 44.24 ? 148 GLU A C    1 
ATOM 402  O O    . GLU A 1 28 ? -4.535  11.505  -3.060  1.00 52.44 ? 148 GLU A O    1 
ATOM 403  C CB   . GLU A 1 28 ? -4.875  14.513  -2.029  1.00 75.21 ? 148 GLU A CB   1 
ATOM 404  C CG   . GLU A 1 28 ? -5.553  14.442  -3.386  1.00 72.32 ? 148 GLU A CG   1 
ATOM 405  C CD   . GLU A 1 28 ? -5.419  15.730  -4.174  1.00 54.22 ? 148 GLU A CD   1 
ATOM 406  O OE1  . GLU A 1 28 ? -4.333  15.965  -4.745  1.00 70.50 ? 148 GLU A OE1  1 
ATOM 407  O OE2  . GLU A 1 28 ? -6.398  16.504  -4.219  1.00 13.03 ? 148 GLU A OE2  1 
ATOM 408  H H    . GLU A 1 28 ? -3.594  14.117  0.156   1.00 20.13 ? 148 GLU A H    1 
ATOM 409  H HA   . GLU A 1 28 ? -5.745  12.756  -1.173  1.00 21.43 ? 148 GLU A HA   1 
ATOM 410  H HB2  . GLU A 1 28 ? -5.444  15.180  -1.398  1.00 32.20 ? 148 GLU A HB2  1 
ATOM 411  H HB3  . GLU A 1 28 ? -3.883  14.922  -2.166  1.00 5.02  ? 148 GLU A HB3  1 
ATOM 412  H HG2  . GLU A 1 28 ? -5.107  13.641  -3.956  1.00 34.42 ? 148 GLU A HG2  1 
ATOM 413  H HG3  . GLU A 1 28 ? -6.603  14.234  -3.239  1.00 40.44 ? 148 GLU A HG3  1 
ATOM 414  N N    . GLU A 1 29 ? -2.657  12.136  -1.993  1.00 12.34 ? 149 GLU A N    1 
ATOM 415  C CA   . GLU A 1 29 ? -1.791  11.253  -2.765  1.00 0.52  ? 149 GLU A CA   1 
ATOM 416  C C    . GLU A 1 29 ? -1.689  9.880   -2.108  1.00 12.34 ? 149 GLU A C    1 
ATOM 417  O O    . GLU A 1 29 ? -0.769  9.111   -2.389  1.00 53.05 ? 149 GLU A O    1 
ATOM 418  C CB   . GLU A 1 29 ? -0.396  11.866  -2.909  1.00 1.20  ? 149 GLU A CB   1 
ATOM 419  C CG   . GLU A 1 29 ? -0.256  12.785  -4.111  1.00 43.32 ? 149 GLU A CG   1 
ATOM 420  C CD   . GLU A 1 29 ? -0.496  12.068  -5.425  1.00 23.03 ? 149 GLU A CD   1 
ATOM 421  O OE1  . GLU A 1 29 ? 0.479   11.536  -5.996  1.00 14.31 ? 149 GLU A OE1  1 
ATOM 422  O OE2  . GLU A 1 29 ? -1.658  12.038  -5.882  1.00 35.12 ? 149 GLU A OE2  1 
ATOM 423  H H    . GLU A 1 29 ? -2.263  12.705  -1.300  1.00 72.04 ? 149 GLU A H    1 
ATOM 424  H HA   . GLU A 1 29 ? -2.226  11.137  -3.747  1.00 73.43 ? 149 GLU A HA   1 
ATOM 425  H HB2  . GLU A 1 29 ? -0.174  12.435  -2.019  1.00 74.51 ? 149 GLU A HB2  1 
ATOM 426  H HB3  . GLU A 1 29 ? 0.326   11.069  -3.006  1.00 45.21 ? 149 GLU A HB3  1 
ATOM 427  H HG2  . GLU A 1 29 ? -0.974  13.587  -4.021  1.00 20.43 ? 149 GLU A HG2  1 
ATOM 428  H HG3  . GLU A 1 29 ? 0.742   13.196  -4.119  1.00 51.52 ? 149 GLU A HG3  1 
ATOM 429  N N    . ASP A 1 30 ? -2.641  9.577   -1.232  1.00 74.23 ? 150 ASP A N    1 
ATOM 430  C CA   . ASP A 1 30 ? -2.659  8.297   -0.534  1.00 42.21 ? 150 ASP A CA   1 
ATOM 431  C C    . ASP A 1 30 ? -4.090  7.870   -0.219  1.00 55.04 ? 150 ASP A C    1 
ATOM 432  O O    . ASP A 1 30 ? -5.044  8.592   -0.518  1.00 21.45 ? 150 ASP A O    1 
ATOM 433  C CB   . ASP A 1 30 ? -1.844  8.384   0.758   1.00 51.53 ? 150 ASP A CB   1 
ATOM 434  C CG   . ASP A 1 30 ? -0.679  9.348   0.643   1.00 61.01 ? 150 ASP A CG   1 
ATOM 435  O OD1  . ASP A 1 30 ? -0.926  10.554  0.435   1.00 1.40  ? 150 ASP A OD1  1 
ATOM 436  O OD2  . ASP A 1 30 ? 0.479   8.896   0.760   1.00 64.32 ? 150 ASP A OD2  1 
ATOM 437  H H    . ASP A 1 30 ? -3.348  10.232  -1.051  1.00 61.31 ? 150 ASP A H    1 
ATOM 438  H HA   . ASP A 1 30 ? -2.211  7.560   -1.182  1.00 4.04  ? 150 ASP A HA   1 
ATOM 439  H HB2  . ASP A 1 30 ? -2.487  8.719   1.560   1.00 15.43 ? 150 ASP A HB2  1 
ATOM 440  H HB3  . ASP A 1 30 ? -1.457  7.405   0.997   1.00 54.20 ? 150 ASP A HB3  1 
ATOM 441  N N    . LEU A 1 31 ? -4.232  6.696   0.383   1.00 20.40 ? 151 LEU A N    1 
ATOM 442  C CA   . LEU A 1 31 ? -5.546  6.172   0.739   1.00 4.52  ? 151 LEU A CA   1 
ATOM 443  C C    . LEU A 1 31 ? -5.485  5.382   2.041   1.00 32.32 ? 151 LEU A C    1 
ATOM 444  O O    . LEU A 1 31 ? -4.599  4.554   2.252   1.00 32.13 ? 151 LEU A O    1 
ATOM 445  C CB   . LEU A 1 31 ? -6.083  5.285   -0.386  1.00 25.15 ? 151 LEU A CB   1 
ATOM 446  C CG   . LEU A 1 31 ? -7.603  5.121   -0.444  1.00 24.45 ? 151 LEU A CG   1 
ATOM 447  C CD1  . LEU A 1 31 ? -8.101  4.333   0.758   1.00 71.50 ? 151 LEU A CD1  1 
ATOM 448  C CD2  . LEU A 1 31 ? -8.284  6.479   -0.514  1.00 72.24 ? 151 LEU A CD2  1 
ATOM 449  H H    . LEU A 1 31 ? -3.435  6.167   0.596   1.00 42.24 ? 151 LEU A H    1 
ATOM 450  H HA   . LEU A 1 31 ? -6.213  7.012   0.872   1.00 12.11 ? 151 LEU A HA   1 
ATOM 451  H HB2  . LEU A 1 31 ? -5.761  5.708   -1.324  1.00 31.12 ? 151 LEU A HB2  1 
ATOM 452  H HB3  . LEU A 1 31 ? -5.648  4.302   -0.267  1.00 62.31 ? 151 LEU A HB3  1 
ATOM 453  H HG   . LEU A 1 31 ? -7.865  4.567   -1.335  1.00 15.11 ? 151 LEU A HG   1 
ATOM 454  H HD11 . LEU A 1 31 ? -8.466  3.371   0.433   1.00 21.02 ? 151 LEU A HD11 1 
ATOM 455  H HD12 . LEU A 1 31 ? -8.900  4.877   1.239   1.00 52.32 ? 151 LEU A HD12 1 
ATOM 456  H HD13 . LEU A 1 31 ? -7.290  4.192   1.458   1.00 53.35 ? 151 LEU A HD13 1 
ATOM 457  H HD21 . LEU A 1 31 ? -8.381  6.779   -1.546  1.00 43.43 ? 151 LEU A HD21 1 
ATOM 458  H HD22 . LEU A 1 31 ? -7.688  7.208   0.018   1.00 3.14  ? 151 LEU A HD22 1 
ATOM 459  H HD23 . LEU A 1 31 ? -9.263  6.415   -0.063  1.00 72.22 ? 151 LEU A HD23 1 
ATOM 460  N N    . PRO A 1 32 ? -6.450  5.640   2.937   1.00 32.24 ? 152 PRO A N    1 
ATOM 461  C CA   . PRO A 1 32 ? -6.528  4.960   4.234   1.00 54.31 ? 152 PRO A CA   1 
ATOM 462  C C    . PRO A 1 32 ? -6.913  3.491   4.095   1.00 63.23 ? 152 PRO A C    1 
ATOM 463  O O    . PRO A 1 32 ? -7.793  3.141   3.310   1.00 41.23 ? 152 PRO A O    1 
ATOM 464  C CB   . PRO A 1 32 ? -7.622  5.733   4.973   1.00 43.54 ? 152 PRO A CB   1 
ATOM 465  C CG   . PRO A 1 32 ? -8.469  6.316   3.895   1.00 3.33  ? 152 PRO A CG   1 
ATOM 466  C CD   . PRO A 1 32 ? -7.538  6.614   2.752   1.00 61.44 ? 152 PRO A CD   1 
ATOM 467  H HA   . PRO A 1 32 ? -5.599  5.039   4.779   1.00 23.34 ? 152 PRO A HA   1 
ATOM 468  H HB2  . PRO A 1 32 ? -8.188  5.054   5.596   1.00 61.53 ? 152 PRO A HB2  1 
ATOM 469  H HB3  . PRO A 1 32 ? -7.176  6.504   5.583   1.00 13.34 ? 152 PRO A HB3  1 
ATOM 470  H HG2  . PRO A 1 32 ? -9.220  5.602   3.590   1.00 74.34 ? 152 PRO A HG2  1 
ATOM 471  H HG3  . PRO A 1 32 ? -8.935  7.226   4.245   1.00 10.35 ? 152 PRO A HG3  1 
ATOM 472  H HD2  . PRO A 1 32 ? -8.038  6.460   1.808   1.00 13.15 ? 152 PRO A HD2  1 
ATOM 473  H HD3  . PRO A 1 32 ? -7.165  7.625   2.823   1.00 63.34 ? 152 PRO A HD3  1 
ATOM 474  N N    . PHE A 1 33 ? -6.248  2.636   4.865   1.00 70.41 ? 153 PHE A N    1 
ATOM 475  C CA   . PHE A 1 33 ? -6.521  1.203   4.829   1.00 52.52 ? 153 PHE A CA   1 
ATOM 476  C C    . PHE A 1 33 ? -7.614  0.833   5.827   1.00 13.10 ? 153 PHE A C    1 
ATOM 477  O O    . PHE A 1 33 ? -7.699  1.405   6.914   1.00 2.45  ? 153 PHE A O    1 
ATOM 478  C CB   . PHE A 1 33 ? -5.247  0.413   5.133   1.00 64.52 ? 153 PHE A CB   1 
ATOM 479  C CG   . PHE A 1 33 ? -4.782  0.547   6.555   1.00 45.34 ? 153 PHE A CG   1 
ATOM 480  C CD1  . PHE A 1 33 ? -4.144  1.701   6.983   1.00 20.23 ? 153 PHE A CD1  1 
ATOM 481  C CD2  . PHE A 1 33 ? -4.985  -0.478  7.464   1.00 20.02 ? 153 PHE A CD2  1 
ATOM 482  C CE1  . PHE A 1 33 ? -3.716  1.828   8.291   1.00 12.21 ? 153 PHE A CE1  1 
ATOM 483  C CE2  . PHE A 1 33 ? -4.559  -0.356  8.773   1.00 22.31 ? 153 PHE A CE2  1 
ATOM 484  C CZ   . PHE A 1 33 ? -3.923  0.798   9.187   1.00 73.40 ? 153 PHE A CZ   1 
ATOM 485  H H    . PHE A 1 33 ? -5.557  2.976   5.473   1.00 13.41 ? 153 PHE A H    1 
ATOM 486  H HA   . PHE A 1 33 ? -6.859  0.957   3.834   1.00 45.14 ? 153 PHE A HA   1 
ATOM 487  H HB2  . PHE A 1 33 ? -5.428  -0.634  4.942   1.00 31.45 ? 153 PHE A HB2  1 
ATOM 488  H HB3  . PHE A 1 33 ? -4.454  0.760   4.489   1.00 73.14 ? 153 PHE A HB3  1 
ATOM 489  H HD1  . PHE A 1 33 ? -3.982  2.507   6.282   1.00 73.33 ? 153 PHE A HD1  1 
ATOM 490  H HD2  . PHE A 1 33 ? -5.481  -1.382  7.143   1.00 0.41  ? 153 PHE A HD2  1 
ATOM 491  H HE1  . PHE A 1 33 ? -3.218  2.732   8.611   1.00 3.40  ? 153 PHE A HE1  1 
ATOM 492  H HE2  . PHE A 1 33 ? -4.722  -1.164  9.472   1.00 72.53 ? 153 PHE A HE2  1 
ATOM 493  H HZ   . PHE A 1 33 ? -3.589  0.895   10.209  1.00 41.23 ? 153 PHE A HZ   1 
ATOM 494  N N    . LYS A 1 34 ? -8.449  -0.130  5.449   1.00 70.24 ? 154 LYS A N    1 
ATOM 495  C CA   . LYS A 1 34 ? -9.537  -0.580  6.310   1.00 43.32 ? 154 LYS A CA   1 
ATOM 496  C C    . LYS A 1 34 ? -9.267  -1.985  6.839   1.00 41.53 ? 154 LYS A C    1 
ATOM 497  O O    . LYS A 1 34 ? -8.438  -2.715  6.297   1.00 54.41 ? 154 LYS A O    1 
ATOM 498  C CB   . LYS A 1 34 ? -10.862 -0.557  5.544   1.00 50.41 ? 154 LYS A CB   1 
ATOM 499  C CG   . LYS A 1 34 ? -11.611 0.759   5.663   1.00 24.10 ? 154 LYS A CG   1 
ATOM 500  C CD   . LYS A 1 34 ? -12.454 0.808   6.926   1.00 63.45 ? 154 LYS A CD   1 
ATOM 501  C CE   . LYS A 1 34 ? -12.579 2.228   7.458   1.00 21.20 ? 154 LYS A CE   1 
ATOM 502  N NZ   . LYS A 1 34 ? -13.095 2.255   8.855   1.00 3.23  ? 154 LYS A NZ   1 
ATOM 503  H H    . LYS A 1 34 ? -8.331  -0.548  4.571   1.00 34.44 ? 154 LYS A H    1 
ATOM 504  H HA   . LYS A 1 34 ? -9.602  0.101   7.145   1.00 43.22 ? 154 LYS A HA   1 
ATOM 505  H HB2  . LYS A 1 34 ? -10.663 -0.741  4.498   1.00 4.22  ? 154 LYS A HB2  1 
ATOM 506  H HB3  . LYS A 1 34 ? -11.497 -1.344  5.924   1.00 22.11 ? 154 LYS A HB3  1 
ATOM 507  H HG2  . LYS A 1 34 ? -10.897 1.569   5.687   1.00 65.20 ? 154 LYS A HG2  1 
ATOM 508  H HG3  . LYS A 1 34 ? -12.259 0.872   4.806   1.00 41.51 ? 154 LYS A HG3  1 
ATOM 509  H HD2  . LYS A 1 34 ? -13.441 0.430   6.707   1.00 62.22 ? 154 LYS A HD2  1 
ATOM 510  H HD3  . LYS A 1 34 ? -11.990 0.191   7.683   1.00 20.33 ? 154 LYS A HD3  1 
ATOM 511  H HE2  . LYS A 1 34 ? -11.607 2.695   7.434   1.00 34.22 ? 154 LYS A HE2  1 
ATOM 512  H HE3  . LYS A 1 34 ? -13.258 2.778   6.821   1.00 32.52 ? 154 LYS A HE3  1 
ATOM 513  H HZ1  . LYS A 1 34 ? -12.369 2.633   9.495   1.00 65.44 ? 154 LYS A HZ1  1 
ATOM 514  H HZ2  . LYS A 1 34 ? -13.346 1.293   9.161   1.00 73.44 ? 154 LYS A HZ2  1 
ATOM 515  H HZ3  . LYS A 1 34 ? -13.941 2.857   8.911   1.00 65.10 ? 154 LYS A HZ3  1 
ATOM 516  N N    . LYS A 1 35 ? -9.974  -2.357  7.900   1.00 4.22  ? 155 LYS A N    1 
ATOM 517  C CA   . LYS A 1 35 ? -9.814  -3.676  8.502   1.00 74.25 ? 155 LYS A CA   1 
ATOM 518  C C    . LYS A 1 35 ? -10.802 -4.671  7.903   1.00 73.10 ? 155 LYS A C    1 
ATOM 519  O O    . LYS A 1 35 ? -11.947 -4.765  8.344   1.00 21.42 ? 155 LYS A O    1 
ATOM 520  C CB   . LYS A 1 35 ? -10.009 -3.595  10.017  1.00 30.43 ? 155 LYS A CB   1 
ATOM 521  C CG   . LYS A 1 35 ? -10.458 -4.904  10.644  1.00 3.43  ? 155 LYS A CG   1 
ATOM 522  C CD   . LYS A 1 35 ? -10.129 -4.955  12.126  1.00 54.31 ? 155 LYS A CD   1 
ATOM 523  C CE   . LYS A 1 35 ? -11.223 -4.310  12.963  1.00 2.22  ? 155 LYS A CE   1 
ATOM 524  N NZ   . LYS A 1 35 ? -12.403 -5.206  13.117  1.00 44.30 ? 155 LYS A NZ   1 
ATOM 525  H H    . LYS A 1 35 ? -10.621 -1.730  8.288   1.00 33.53 ? 155 LYS A H    1 
ATOM 526  H HA   . LYS A 1 35 ? -8.810  -4.015  8.294   1.00 62.40 ? 155 LYS A HA   1 
ATOM 527  H HB2  . LYS A 1 35 ? -9.075  -3.304  10.474  1.00 71.04 ? 155 LYS A HB2  1 
ATOM 528  H HB3  . LYS A 1 35 ? -10.755 -2.843  10.232  1.00 31.33 ? 155 LYS A HB3  1 
ATOM 529  H HG2  . LYS A 1 35 ? -11.526 -5.005  10.520  1.00 52.44 ? 155 LYS A HG2  1 
ATOM 530  H HG3  . LYS A 1 35 ? -9.957  -5.721  10.144  1.00 30.25 ? 155 LYS A HG3  1 
ATOM 531  H HD2  . LYS A 1 35 ? -10.022 -5.987  12.428  1.00 55.41 ? 155 LYS A HD2  1 
ATOM 532  H HD3  . LYS A 1 35 ? -9.200  -4.429  12.298  1.00 32.42 ? 155 LYS A HD3  1 
ATOM 533  H HE2  . LYS A 1 35 ? -10.825 -4.083  13.939  1.00 62.35 ? 155 LYS A HE2  1 
ATOM 534  H HE3  . LYS A 1 35 ? -11.536 -3.396  12.480  1.00 42.21 ? 155 LYS A HE3  1 
ATOM 535  H HZ1  . LYS A 1 35 ? -13.208 -4.833  12.572  1.00 32.32 ? 155 LYS A HZ1  1 
ATOM 536  H HZ2  . LYS A 1 35 ? -12.676 -5.267  14.118  1.00 24.42 ? 155 LYS A HZ2  1 
ATOM 537  H HZ3  . LYS A 1 35 ? -12.176 -6.159  12.770  1.00 23.25 ? 155 LYS A HZ3  1 
ATOM 538  N N    . GLY A 1 36 ? -10.352 -5.414  6.896   1.00 31.40 ? 156 GLY A N    1 
ATOM 539  C CA   . GLY A 1 36 ? -11.209 -6.393  6.256   1.00 14.15 ? 156 GLY A CA   1 
ATOM 540  C C    . GLY A 1 36 ? -12.670 -5.991  6.282   1.00 43.12 ? 156 GLY A C    1 
ATOM 541  O O    . GLY A 1 36 ? -13.555 -6.843  6.359   1.00 14.12 ? 156 GLY A O    1 
ATOM 542  H H    . GLY A 1 36 ? -9.429  -5.296  6.587   1.00 60.10 ? 156 GLY A H    1 
ATOM 543  H HA2  . GLY A 1 36 ? -10.897 -6.511  5.229   1.00 5.14  ? 156 GLY A HA2  1 
ATOM 544  H HA3  . GLY A 1 36 ? -11.100 -7.340  6.766   1.00 53.33 ? 156 GLY A HA3  1 
ATOM 545  N N    . ASP A 1 37 ? -12.924 -4.689  6.220   1.00 53.05 ? 157 ASP A N    1 
ATOM 546  C CA   . ASP A 1 37 ? -14.289 -4.174  6.238   1.00 73.33 ? 157 ASP A CA   1 
ATOM 547  C C    . ASP A 1 37 ? -14.907 -4.226  4.845   1.00 5.14  ? 157 ASP A C    1 
ATOM 548  O O    . ASP A 1 37 ? -14.263 -4.651  3.885   1.00 5.23  ? 157 ASP A O    1 
ATOM 549  C CB   . ASP A 1 37 ? -14.308 -2.737  6.763   1.00 32.33 ? 157 ASP A CB   1 
ATOM 550  C CG   . ASP A 1 37 ? -15.635 -2.370  7.398   1.00 31.15 ? 157 ASP A CG   1 
ATOM 551  O OD1  . ASP A 1 37 ? -16.279 -3.265  7.984   1.00 53.33 ? 157 ASP A OD1  1 
ATOM 552  O OD2  . ASP A 1 37 ? -16.030 -1.189  7.307   1.00 75.44 ? 157 ASP A OD2  1 
ATOM 553  H H    . ASP A 1 37 ? -12.175 -4.057  6.160   1.00 25.41 ? 157 ASP A H    1 
ATOM 554  H HA   . ASP A 1 37 ? -14.869 -4.797  6.901   1.00 63.04 ? 157 ASP A HA   1 
ATOM 555  H HB2  . ASP A 1 37 ? -13.531 -2.622  7.506   1.00 41.00 ? 157 ASP A HB2  1 
ATOM 556  H HB3  . ASP A 1 37 ? -14.120 -2.058  5.944   1.00 5.03  ? 157 ASP A HB3  1 
ATOM 557  N N    . ILE A 1 38 ? -16.160 -3.796  4.744   1.00 53.40 ? 158 ILE A N    1 
ATOM 558  C CA   . ILE A 1 38 ? -16.866 -3.795  3.468   1.00 60.03 ? 158 ILE A CA   1 
ATOM 559  C C    . ILE A 1 38 ? -16.764 -2.435  2.784   1.00 44.33 ? 158 ILE A C    1 
ATOM 560  O O    . ILE A 1 38 ? -17.448 -1.484  3.165   1.00 12.31 ? 158 ILE A O    1 
ATOM 561  C CB   . ILE A 1 38 ? -18.352 -4.157  3.646   1.00 4.11  ? 158 ILE A CB   1 
ATOM 562  C CG1  . ILE A 1 38 ? -18.489 -5.517  4.334   1.00 62.43 ? 158 ILE A CG1  1 
ATOM 563  C CG2  . ILE A 1 38 ? -19.061 -4.165  2.300   1.00 11.20 ? 158 ILE A CG2  1 
ATOM 564  C CD1  . ILE A 1 38 ? -18.087 -6.682  3.457   1.00 50.13 ? 158 ILE A CD1  1 
ATOM 565  H H    . ILE A 1 38 ? -16.621 -3.470  5.544   1.00 74.05 ? 158 ILE A H    1 
ATOM 566  H HA   . ILE A 1 38 ? -16.408 -4.540  2.833   1.00 41.23 ? 158 ILE A HA   1 
ATOM 567  H HB   . ILE A 1 38 ? -18.813 -3.401  4.264   1.00 75.51 ? 158 ILE A HB   1 
ATOM 568  H HG12 . ILE A 1 38 ? -17.863 -5.533  5.213   1.00 22.24 ? 158 ILE A HG12 1 
ATOM 569  H HG13 . ILE A 1 38 ? -19.519 -5.661  4.628   1.00 22.43 ? 158 ILE A HG13 1 
ATOM 570  H HG21 . ILE A 1 38 ? -18.762 -3.297  1.731   1.00 74.22 ? 158 ILE A HG21 1 
ATOM 571  H HG22 . ILE A 1 38 ? -18.793 -5.059  1.759   1.00 11.51 ? 158 ILE A HG22 1 
ATOM 572  H HG23 . ILE A 1 38 ? -20.128 -4.144  2.455   1.00 41.55 ? 158 ILE A HG23 1 
ATOM 573  H HD11 . ILE A 1 38 ? -17.666 -7.465  4.068   1.00 74.21 ? 158 ILE A HD11 1 
ATOM 574  H HD12 . ILE A 1 38 ? -18.955 -7.057  2.936   1.00 1.11  ? 158 ILE A HD12 1 
ATOM 575  H HD13 . ILE A 1 38 ? -17.350 -6.352  2.737   1.00 22.52 ? 158 ILE A HD13 1 
ATOM 576  N N    . LEU A 1 39 ? -15.907 -2.350  1.773   1.00 22.04 ? 159 LEU A N    1 
ATOM 577  C CA   . LEU A 1 39 ? -15.717 -1.107  1.034   1.00 14.14 ? 159 LEU A CA   1 
ATOM 578  C C    . LEU A 1 39 ? -15.266 -1.388  -0.396  1.00 11.01 ? 159 LEU A C    1 
ATOM 579  O O    . LEU A 1 39 ? -14.816 -2.490  -0.711  1.00 4.42  ? 159 LEU A O    1 
ATOM 580  C CB   . LEU A 1 39 ? -14.688 -0.223  1.741   1.00 10.15 ? 159 LEU A CB   1 
ATOM 581  C CG   . LEU A 1 39 ? -13.321 -0.858  1.998   1.00 44.20 ? 159 LEU A CG   1 
ATOM 582  C CD1  . LEU A 1 39 ? -12.239 0.208   2.048   1.00 54.15 ? 159 LEU A CD1  1 
ATOM 583  C CD2  . LEU A 1 39 ? -13.341 -1.661  3.291   1.00 45.34 ? 159 LEU A CD2  1 
ATOM 584  H H    . LEU A 1 39 ? -15.390 -3.142  1.516   1.00 41.13 ? 159 LEU A H    1 
ATOM 585  H HA   . LEU A 1 39 ? -16.664 -0.591  1.004   1.00 3.23  ? 159 LEU A HA   1 
ATOM 586  H HB2  . LEU A 1 39 ? -14.535 0.655   1.133   1.00 41.43 ? 159 LEU A HB2  1 
ATOM 587  H HB3  . LEU A 1 39 ? -15.104 0.069   2.694   1.00 3.40  ? 159 LEU A HB3  1 
ATOM 588  H HG   . LEU A 1 39 ? -13.087 -1.534  1.187   1.00 21.34 ? 159 LEU A HG   1 
ATOM 589  H HD11 . LEU A 1 39 ? -11.516 0.024   1.268   1.00 50.12 ? 159 LEU A HD11 1 
ATOM 590  H HD12 . LEU A 1 39 ? -11.747 0.178   3.009   1.00 35.52 ? 159 LEU A HD12 1 
ATOM 591  H HD13 . LEU A 1 39 ? -12.685 1.182   1.903   1.00 63.31 ? 159 LEU A HD13 1 
ATOM 592  H HD21 . LEU A 1 39 ? -13.957 -2.539  3.159   1.00 61.05 ? 159 LEU A HD21 1 
ATOM 593  H HD22 . LEU A 1 39 ? -13.749 -1.052  4.086   1.00 32.20 ? 159 LEU A HD22 1 
ATOM 594  H HD23 . LEU A 1 39 ? -12.336 -1.960  3.545   1.00 23.03 ? 159 LEU A HD23 1 
ATOM 595  N N    . ARG A 1 40 ? -15.388 -0.383  -1.258  1.00 61.51 ? 160 ARG A N    1 
ATOM 596  C CA   . ARG A 1 40 ? -14.991 -0.522  -2.654  1.00 52.40 ? 160 ARG A CA   1 
ATOM 597  C C    . ARG A 1 40 ? -13.547 -0.074  -2.856  1.00 12.13 ? 160 ARG A C    1 
ATOM 598  O O    . ARG A 1 40 ? -13.290 1.047   -3.296  1.00 43.25 ? 160 ARG A O    1 
ATOM 599  C CB   . ARG A 1 40 ? -15.921 0.296   -3.553  1.00 31.25 ? 160 ARG A CB   1 
ATOM 600  C CG   . ARG A 1 40 ? -16.046 -0.258  -4.963  1.00 52.04 ? 160 ARG A CG   1 
ATOM 601  C CD   . ARG A 1 40 ? -16.936 -1.491  -5.001  1.00 41.04 ? 160 ARG A CD   1 
ATOM 602  N NE   . ARG A 1 40 ? -18.354 -1.142  -4.990  1.00 53.34 ? 160 ARG A NE   1 
ATOM 603  C CZ   . ARG A 1 40 ? -18.964 -0.516  -5.990  1.00 44.12 ? 160 ARG A CZ   1 
ATOM 604  N NH1  . ARG A 1 40 ? -18.284 -0.172  -7.075  1.00 60.23 ? 160 ARG A NH1  1 
ATOM 605  N NH2  . ARG A 1 40 ? -20.259 -0.233  -5.907  1.00 74.44 ? 160 ARG A NH2  1 
ATOM 606  H H    . ARG A 1 40 ? -15.752 0.472   -0.947  1.00 5.44  ? 160 ARG A H    1 
ATOM 607  H HA   . ARG A 1 40 ? -15.073 -1.565  -2.920  1.00 1.32  ? 160 ARG A HA   1 
ATOM 608  H HB2  . ARG A 1 40 ? -16.906 0.317   -3.110  1.00 72.42 ? 160 ARG A HB2  1 
ATOM 609  H HB3  . ARG A 1 40 ? -15.542 1.304   -3.619  1.00 44.34 ? 160 ARG A HB3  1 
ATOM 610  H HG2  . ARG A 1 40 ? -16.474 0.501   -5.602  1.00 64.32 ? 160 ARG A HG2  1 
ATOM 611  H HG3  . ARG A 1 40 ? -15.063 -0.523  -5.325  1.00 44.03 ? 160 ARG A HG3  1 
ATOM 612  H HD2  . ARG A 1 40 ? -16.719 -2.048  -5.899  1.00 3.24  ? 160 ARG A HD2  1 
ATOM 613  H HD3  . ARG A 1 40 ? -16.719 -2.101  -4.137  1.00 73.20 ? 160 ARG A HD3  1 
ATOM 614  H HE   . ARG A 1 40 ? -18.876 -1.387  -4.198  1.00 31.11 ? 160 ARG A HE   1 
ATOM 615  H HH11 . ARG A 1 40 ? -17.309 -0.385  -7.141  1.00 50.34 ? 160 ARG A HH11 1 
ATOM 616  H HH12 . ARG A 1 40 ? -18.747 0.298   -7.827  1.00 14.12 ? 160 ARG A HH12 1 
ATOM 617  H HH21 . ARG A 1 40 ? -20.775 -0.491  -5.091  1.00 53.21 ? 160 ARG A HH21 1 
ATOM 618  H HH22 . ARG A 1 40 ? -20.716 0.238   -6.660  1.00 1.11  ? 160 ARG A HH22 1 
ATOM 619  N N    . ILE A 1 41 ? -12.609 -0.957  -2.532  1.00 33.21 ? 161 ILE A N    1 
ATOM 620  C CA   . ILE A 1 41 ? -11.190 -0.653  -2.679  1.00 41.33 ? 161 ILE A CA   1 
ATOM 621  C C    . ILE A 1 41 ? -10.390 -1.907  -3.013  1.00 45.53 ? 161 ILE A C    1 
ATOM 622  O O    . ILE A 1 41 ? -10.375 -2.868  -2.245  1.00 74.01 ? 161 ILE A O    1 
ATOM 623  C CB   . ILE A 1 41 ? -10.616 -0.016  -1.400  1.00 22.43 ? 161 ILE A CB   1 
ATOM 624  C CG1  . ILE A 1 41 ? -9.493  0.962   -1.750  1.00 22.25 ? 161 ILE A CG1  1 
ATOM 625  C CG2  . ILE A 1 41 ? -10.109 -1.096  -0.453  1.00 44.54 ? 161 ILE A CG2  1 
ATOM 626  C CD1  . ILE A 1 41 ? -8.223  0.283   -2.213  1.00 34.23 ? 161 ILE A CD1  1 
ATOM 627  H H    . ILE A 1 41 ? -12.876 -1.833  -2.187  1.00 21.32 ? 161 ILE A H    1 
ATOM 628  H HA   . ILE A 1 41 ? -11.084 0.056   -3.488  1.00 33.35 ? 161 ILE A HA   1 
ATOM 629  H HB   . ILE A 1 41 ? -11.410 0.521   -0.903  1.00 10.25 ? 161 ILE A HB   1 
ATOM 630  H HG12 . ILE A 1 41 ? -9.827  1.615   -2.540  1.00 12.12 ? 161 ILE A HG12 1 
ATOM 631  H HG13 . ILE A 1 41 ? -9.255  1.552   -0.877  1.00 65.23 ? 161 ILE A HG13 1 
ATOM 632  H HG21 . ILE A 1 41 ? -9.253  -1.586  -0.892  1.00 74.05 ? 161 ILE A HG21 1 
ATOM 633  H HG22 . ILE A 1 41 ? -9.824  -0.646  0.485   1.00 73.25 ? 161 ILE A HG22 1 
ATOM 634  H HG23 . ILE A 1 41 ? -10.891 -1.820  -0.283  1.00 25.24 ? 161 ILE A HG23 1 
ATOM 635  H HD11 . ILE A 1 41 ? -7.573  0.116   -1.366  1.00 23.10 ? 161 ILE A HD11 1 
ATOM 636  H HD12 . ILE A 1 41 ? -8.467  -0.663  -2.673  1.00 74.30 ? 161 ILE A HD12 1 
ATOM 637  H HD13 . ILE A 1 41 ? -7.719  0.914   -2.931  1.00 2.41  ? 161 ILE A HD13 1 
ATOM 638  N N    . ARG A 1 42 ? -9.727  -1.889  -4.164  1.00 12.10 ? 162 ARG A N    1 
ATOM 639  C CA   . ARG A 1 42 ? -8.923  -3.025  -4.601  1.00 64.22 ? 162 ARG A CA   1 
ATOM 640  C C    . ARG A 1 42 ? -7.689  -3.189  -3.719  1.00 71.22 ? 162 ARG A C    1 
ATOM 641  O O    . ARG A 1 42 ? -6.566  -2.930  -4.153  1.00 30.14 ? 162 ARG A O    1 
ATOM 642  C CB   . ARG A 1 42 ? -8.501  -2.848  -6.060  1.00 13.20 ? 162 ARG A CB   1 
ATOM 643  C CG   . ARG A 1 42 ? -9.671  -2.687  -7.018  1.00 25.44 ? 162 ARG A CG   1 
ATOM 644  C CD   . ARG A 1 42 ? -9.317  -3.173  -8.415  1.00 3.24  ? 162 ARG A CD   1 
ATOM 645  N NE   . ARG A 1 42 ? -10.507 -3.434  -9.222  1.00 72.31 ? 162 ARG A NE   1 
ATOM 646  C CZ   . ARG A 1 42 ? -10.498 -3.486  -10.549 1.00 65.21 ? 162 ARG A CZ   1 
ATOM 647  N NH1  . ARG A 1 42 ? -9.368  -3.298  -11.216 1.00 73.31 ? 162 ARG A NH1  1 
ATOM 648  N NH2  . ARG A 1 42 ? -11.621 -3.728  -11.212 1.00 62.23 ? 162 ARG A NH2  1 
ATOM 649  H H    . ARG A 1 42 ? -9.778  -1.093  -4.735  1.00 22.21 ? 162 ARG A H    1 
ATOM 650  H HA   . ARG A 1 42 ? -9.531  -3.913  -4.517  1.00 1.32  ? 162 ARG A HA   1 
ATOM 651  H HB2  . ARG A 1 42 ? -7.878  -1.969  -6.139  1.00 64.44 ? 162 ARG A HB2  1 
ATOM 652  H HB3  . ARG A 1 42 ? -7.930  -3.712  -6.365  1.00 63.22 ? 162 ARG A HB3  1 
ATOM 653  H HG2  . ARG A 1 42 ? -10.507 -3.264  -6.650  1.00 24.33 ? 162 ARG A HG2  1 
ATOM 654  H HG3  . ARG A 1 42 ? -9.944  -1.644  -7.067  1.00 24.12 ? 162 ARG A HG3  1 
ATOM 655  H HD2  . ARG A 1 42 ? -8.721  -2.417  -8.904  1.00 11.35 ? 162 ARG A HD2  1 
ATOM 656  H HD3  . ARG A 1 42 ? -8.744  -4.085  -8.330  1.00 51.22 ? 162 ARG A HD3  1 
ATOM 657  H HE   . ARG A 1 42 ? -11.353 -3.576  -8.749  1.00 32.51 ? 162 ARG A HE   1 
ATOM 658  H HH11 . ARG A 1 42 ? -8.519  -3.116  -10.718 1.00 2.44  ? 162 ARG A HH11 1 
ATOM 659  H HH12 . ARG A 1 42 ? -9.363  -3.339  -12.214 1.00 51.41 ? 162 ARG A HH12 1 
ATOM 660  H HH21 . ARG A 1 42 ? -12.476 -3.872  -10.713 1.00 74.04 ? 162 ARG A HH21 1 
ATOM 661  H HH22 . ARG A 1 42 ? -11.614 -3.767  -12.211 1.00 60.00 ? 162 ARG A HH22 1 
ATOM 662  N N    . ASP A 1 43 ? -7.906  -3.617  -2.481  1.00 21.34 ? 163 ASP A N    1 
ATOM 663  C CA   . ASP A 1 43 ? -6.811  -3.817  -1.538  1.00 52.20 ? 163 ASP A CA   1 
ATOM 664  C C    . ASP A 1 43 ? -6.100  -5.140  -1.801  1.00 14.35 ? 163 ASP A C    1 
ATOM 665  O O    . ASP A 1 43 ? -6.731  -6.195  -1.867  1.00 61.35 ? 163 ASP A O    1 
ATOM 666  C CB   . ASP A 1 43 ? -7.334  -3.782  -0.101  1.00 51.21 ? 163 ASP A CB   1 
ATOM 667  C CG   . ASP A 1 43 ? -8.805  -4.140  -0.012  1.00 35.31 ? 163 ASP A CG   1 
ATOM 668  O OD1  . ASP A 1 43 ? -9.228  -5.087  -0.709  1.00 52.04 ? 163 ASP A OD1  1 
ATOM 669  O OD2  . ASP A 1 43 ? -9.533  -3.474  0.753   1.00 54.11 ? 163 ASP A OD2  1 
ATOM 670  H H    . ASP A 1 43 ? -8.824  -3.807  -2.194  1.00 31.20 ? 163 ASP A H    1 
ATOM 671  H HA   . ASP A 1 43 ? -6.106  -3.011  -1.673  1.00 54.41 ? 163 ASP A HA   1 
ATOM 672  H HB2  . ASP A 1 43 ? -6.774  -4.487  0.496   1.00 41.41 ? 163 ASP A HB2  1 
ATOM 673  H HB3  . ASP A 1 43 ? -7.199  -2.789  0.300   1.00 60.20 ? 163 ASP A HB3  1 
ATOM 674  N N    . LYS A 1 44 ? -4.782  -5.077  -1.955  1.00 14.43 ? 164 LYS A N    1 
ATOM 675  C CA   . LYS A 1 44 ? -3.983  -6.270  -2.213  1.00 75.03 ? 164 LYS A CA   1 
ATOM 676  C C    . LYS A 1 44 ? -3.647  -6.991  -0.911  1.00 73.15 ? 164 LYS A C    1 
ATOM 677  O O    . LYS A 1 44 ? -2.991  -6.444  -0.022  1.00 1.44  ? 164 LYS A O    1 
ATOM 678  C CB   . LYS A 1 44 ? -2.694  -5.896  -2.949  1.00 1.33  ? 164 LYS A CB   1 
ATOM 679  C CG   . LYS A 1 44 ? -2.858  -5.809  -4.456  1.00 43.53 ? 164 LYS A CG   1 
ATOM 680  C CD   . LYS A 1 44 ? -4.003  -4.884  -4.839  1.00 23.14 ? 164 LYS A CD   1 
ATOM 681  C CE   . LYS A 1 44 ? -4.422  -5.086  -6.287  1.00 72.11 ? 164 LYS A CE   1 
ATOM 682  N NZ   . LYS A 1 44 ? -3.295  -4.839  -7.230  1.00 22.24 ? 164 LYS A NZ   1 
ATOM 683  H H    . LYS A 1 44 ? -4.335  -4.206  -1.894  1.00 33.32 ? 164 LYS A H    1 
ATOM 684  H HA   . LYS A 1 44 ? -4.565  -6.931  -2.835  1.00 11.44 ? 164 LYS A HA   1 
ATOM 685  H HB2  . LYS A 1 44 ? -2.352  -4.938  -2.589  1.00 45.24 ? 164 LYS A HB2  1 
ATOM 686  H HB3  . LYS A 1 44 ? -1.942  -6.642  -2.734  1.00 30.40 ? 164 LYS A HB3  1 
ATOM 687  H HG2  . LYS A 1 44 ? -1.945  -5.430  -4.888  1.00 53.15 ? 164 LYS A HG2  1 
ATOM 688  H HG3  . LYS A 1 44 ? -3.060  -6.797  -4.846  1.00 40.14 ? 164 LYS A HG3  1 
ATOM 689  H HD2  . LYS A 1 44 ? -4.849  -5.089  -4.200  1.00 72.41 ? 164 LYS A HD2  1 
ATOM 690  H HD3  . LYS A 1 44 ? -3.687  -3.859  -4.704  1.00 12.14 ? 164 LYS A HD3  1 
ATOM 691  H HE2  . LYS A 1 44 ? -4.767  -6.101  -6.410  1.00 13.31 ? 164 LYS A HE2  1 
ATOM 692  H HE3  . LYS A 1 44 ? -5.226  -4.402  -6.514  1.00 74.23 ? 164 LYS A HE3  1 
ATOM 693  H HZ1  . LYS A 1 44 ? -3.395  -3.901  -7.668  1.00 30.31 ? 164 LYS A HZ1  1 
ATOM 694  H HZ2  . LYS A 1 44 ? -3.293  -5.560  -7.980  1.00 22.35 ? 164 LYS A HZ2  1 
ATOM 695  H HZ3  . LYS A 1 44 ? -2.388  -4.879  -6.722  1.00 2.53  ? 164 LYS A HZ3  1 
ATOM 696  N N    . PRO A 1 45 ? -4.102  -8.246  -0.794  1.00 41.25 ? 165 PRO A N    1 
ATOM 697  C CA   . PRO A 1 45 ? -3.860  -9.068  0.395   1.00 4.25  ? 165 PRO A CA   1 
ATOM 698  C C    . PRO A 1 45 ? -2.399  -9.483  0.525   1.00 34.21 ? 165 PRO A C    1 
ATOM 699  O O    . PRO A 1 45 ? -1.772  -9.262  1.560   1.00 75.34 ? 165 PRO A O    1 
ATOM 700  C CB   . PRO A 1 45 ? -4.745  -10.296 0.164   1.00 10.31 ? 165 PRO A CB   1 
ATOM 701  C CG   . PRO A 1 45 ? -4.899  -10.379 -1.316  1.00 62.34 ? 165 PRO A CG   1 
ATOM 702  C CD   . PRO A 1 45 ? -4.890  -8.960  -1.814  1.00 62.45 ? 165 PRO A CD   1 
ATOM 703  H HA   . PRO A 1 45 ? -4.170  -8.563  1.298   1.00 4.41  ? 165 PRO A HA   1 
ATOM 704  H HB2  . PRO A 1 45 ? -4.257  -11.174 0.562   1.00 11.44 ? 165 PRO A HB2  1 
ATOM 705  H HB3  . PRO A 1 45 ? -5.697  -10.154 0.652   1.00 63.13 ? 165 PRO A HB3  1 
ATOM 706  H HG2  . PRO A 1 45 ? -4.073  -10.931 -1.740  1.00 43.32 ? 165 PRO A HG2  1 
ATOM 707  H HG3  . PRO A 1 45 ? -5.837  -10.856 -1.561  1.00 73.22 ? 165 PRO A HG3  1 
ATOM 708  H HD2  . PRO A 1 45 ? -4.412  -8.902  -2.780  1.00 20.41 ? 165 PRO A HD2  1 
ATOM 709  H HD3  . PRO A 1 45 ? -5.896  -8.572  -1.864  1.00 41.52 ? 165 PRO A HD3  1 
ATOM 710  N N    . GLU A 1 46 ? -1.862  -10.085 -0.532  1.00 25.01 ? 166 GLU A N    1 
ATOM 711  C CA   . GLU A 1 46 ? -0.474  -10.530 -0.535  1.00 21.12 ? 166 GLU A CA   1 
ATOM 712  C C    . GLU A 1 46 ? 0.476   -9.347  -0.692  1.00 15.13 ? 166 GLU A C    1 
ATOM 713  O O    . GLU A 1 46 ? 1.696   -9.510  -0.663  1.00 34.40 ? 166 GLU A O    1 
ATOM 714  C CB   . GLU A 1 46 ? -0.240  -11.540 -1.661  1.00 65.32 ? 166 GLU A CB   1 
ATOM 715  C CG   . GLU A 1 46 ? 1.224   -11.883 -1.877  1.00 21.11 ? 166 GLU A CG   1 
ATOM 716  C CD   . GLU A 1 46 ? 1.414   -13.083 -2.783  1.00 23.33 ? 166 GLU A CD   1 
ATOM 717  O OE1  . GLU A 1 46 ? 0.541   -13.977 -2.776  1.00 12.21 ? 166 GLU A OE1  1 
ATOM 718  O OE2  . GLU A 1 46 ? 2.436   -13.130 -3.499  1.00 64.33 ? 166 GLU A OE2  1 
ATOM 719  H H    . GLU A 1 46 ? -2.414  -10.233 -1.329  1.00 33.51 ? 166 GLU A H    1 
ATOM 720  H HA   . GLU A 1 46 ? -0.278  -11.009 0.412   1.00 34.44 ? 166 GLU A HA   1 
ATOM 721  H HB2  . GLU A 1 46 ? -0.772  -12.450 -1.427  1.00 1.14  ? 166 GLU A HB2  1 
ATOM 722  H HB3  . GLU A 1 46 ? -0.633  -11.131 -2.581  1.00 75.54 ? 166 GLU A HB3  1 
ATOM 723  H HG2  . GLU A 1 46 ? 1.718   -11.033 -2.323  1.00 45.22 ? 166 GLU A HG2  1 
ATOM 724  H HG3  . GLU A 1 46 ? 1.675   -12.098 -0.919  1.00 42.21 ? 166 GLU A HG3  1 
ATOM 725  N N    . GLU A 1 47 ? -0.092  -8.157  -0.860  1.00 53.33 ? 167 GLU A N    1 
ATOM 726  C CA   . GLU A 1 47 ? 0.705   -6.947  -1.025  1.00 32.40 ? 167 GLU A CA   1 
ATOM 727  C C    . GLU A 1 47 ? 0.061   -5.769  -0.301  1.00 41.04 ? 167 GLU A C    1 
ATOM 728  O O    . GLU A 1 47 ? -1.163  -5.636  -0.276  1.00 12.15 ? 167 GLU A O    1 
ATOM 729  C CB   . GLU A 1 47 ? 0.873   -6.617  -2.510  1.00 25.21 ? 167 GLU A CB   1 
ATOM 730  C CG   . GLU A 1 47 ? 0.970   -7.846  -3.398  1.00 35.24 ? 167 GLU A CG   1 
ATOM 731  C CD   . GLU A 1 47 ? 0.630   -7.547  -4.846  1.00 3.22  ? 167 GLU A CD   1 
ATOM 732  O OE1  . GLU A 1 47 ? 0.924   -6.424  -5.305  1.00 33.03 ? 167 GLU A OE1  1 
ATOM 733  O OE2  . GLU A 1 47 ? 0.069   -8.438  -5.519  1.00 73.31 ? 167 GLU A OE2  1 
ATOM 734  H H    . GLU A 1 47 ? -1.070  -8.091  -0.875  1.00 34.31 ? 167 GLU A H    1 
ATOM 735  H HA   . GLU A 1 47 ? 1.678   -7.130  -0.594  1.00 54.33 ? 167 GLU A HA   1 
ATOM 736  H HB2  . GLU A 1 47 ? 0.026   -6.030  -2.833  1.00 54.35 ? 167 GLU A HB2  1 
ATOM 737  H HB3  . GLU A 1 47 ? 1.773   -6.035  -2.637  1.00 71.34 ? 167 GLU A HB3  1 
ATOM 738  H HG2  . GLU A 1 47 ? 1.979   -8.228  -3.353  1.00 13.11 ? 167 GLU A HG2  1 
ATOM 739  H HG3  . GLU A 1 47 ? 0.286   -8.596  -3.031  1.00 22.31 ? 167 GLU A HG3  1 
ATOM 740  N N    . GLN A 1 48 ? 0.893   -4.916  0.288   1.00 52.32 ? 168 GLN A N    1 
ATOM 741  C CA   . GLN A 1 48 ? 0.404   -3.750  1.014   1.00 13.20 ? 168 GLN A CA   1 
ATOM 742  C C    . GLN A 1 48 ? 0.139   -2.588  0.062   1.00 5.43  ? 168 GLN A C    1 
ATOM 743  O O    . GLN A 1 48 ? 0.161   -1.425  0.465   1.00 21.42 ? 168 GLN A O    1 
ATOM 744  C CB   . GLN A 1 48 ? 1.414   -3.328  2.083   1.00 31.53 ? 168 GLN A CB   1 
ATOM 745  C CG   . GLN A 1 48 ? 0.807   -3.182  3.469   1.00 23.10 ? 168 GLN A CG   1 
ATOM 746  C CD   . GLN A 1 48 ? 1.815   -3.425  4.575   1.00 63.20 ? 168 GLN A CD   1 
ATOM 747  O OE1  . GLN A 1 48 ? 1.478   -3.966  5.629   1.00 61.54 ? 168 GLN A OE1  1 
ATOM 748  N NE2  . GLN A 1 48 ? 3.059   -3.027  4.341   1.00 55.23 ? 168 GLN A NE2  1 
ATOM 749  H H    . GLN A 1 48 ? 1.858   -5.076  0.233   1.00 41.15 ? 168 GLN A H    1 
ATOM 750  H HA   . GLN A 1 48 ? -0.523  -4.023  1.495   1.00 13.11 ? 168 GLN A HA   1 
ATOM 751  H HB2  . GLN A 1 48 ? 2.198   -4.068  2.132   1.00 70.33 ? 168 GLN A HB2  1 
ATOM 752  H HB3  . GLN A 1 48 ? 1.843   -2.378  1.800   1.00 32.42 ? 168 GLN A HB3  1 
ATOM 753  H HG2  . GLN A 1 48 ? 0.415   -2.182  3.574   1.00 73.14 ? 168 GLN A HG2  1 
ATOM 754  H HG3  . GLN A 1 48 ? 0.002   -3.895  3.572   1.00 34.33 ? 168 GLN A HG3  1 
ATOM 755  H HE21 . GLN A 1 48 ? 3.254   -2.602  3.479   1.00 41.15 ? 168 GLN A HE21 1 
ATOM 756  H HE22 . GLN A 1 48 ? 3.730   -3.170  5.039   1.00 72.40 ? 168 GLN A HE22 1 
ATOM 757  N N    . TRP A 1 49 ? -0.112  -2.911  -1.202  1.00 24.02 ? 169 TRP A N    1 
ATOM 758  C CA   . TRP A 1 49 ? -0.382  -1.894  -2.211  1.00 52.25 ? 169 TRP A CA   1 
ATOM 759  C C    . TRP A 1 49 ? -1.837  -1.946  -2.662  1.00 41.11 ? 169 TRP A C    1 
ATOM 760  O O    . TRP A 1 49 ? -2.256  -2.893  -3.327  1.00 22.12 ? 169 TRP A O    1 
ATOM 761  C CB   . TRP A 1 49 ? 0.545   -2.081  -3.414  1.00 3.03  ? 169 TRP A CB   1 
ATOM 762  C CG   . TRP A 1 49 ? 1.981   -1.778  -3.111  1.00 73.22 ? 169 TRP A CG   1 
ATOM 763  C CD1  . TRP A 1 49 ? 3.003   -2.678  -3.005  1.00 74.15 ? 169 TRP A CD1  1 
ATOM 764  C CD2  . TRP A 1 49 ? 2.552   -0.487  -2.872  1.00 21.35 ? 169 TRP A CD2  1 
ATOM 765  N NE1  . TRP A 1 49 ? 4.177   -2.023  -2.715  1.00 44.11 ? 169 TRP A NE1  1 
ATOM 766  C CE2  . TRP A 1 49 ? 3.927   -0.679  -2.629  1.00 43.34 ? 169 TRP A CE2  1 
ATOM 767  C CE3  . TRP A 1 49 ? 2.038   0.812   -2.841  1.00 2.43  ? 169 TRP A CE3  1 
ATOM 768  C CZ2  . TRP A 1 49 ? 4.789   0.380   -2.359  1.00 62.53 ? 169 TRP A CZ2  1 
ATOM 769  C CZ3  . TRP A 1 49 ? 2.895   1.861   -2.573  1.00 52.35 ? 169 TRP A CZ3  1 
ATOM 770  C CH2  . TRP A 1 49 ? 4.259   1.642   -2.336  1.00 25.22 ? 169 TRP A CH2  1 
ATOM 771  H H    . TRP A 1 49 ? -0.116  -3.856  -1.462  1.00 12.22 ? 169 TRP A H    1 
ATOM 772  H HA   . TRP A 1 49 ? -0.189  -0.927  -1.767  1.00 21.24 ? 169 TRP A HA   1 
ATOM 773  H HB2  . TRP A 1 49 ? 0.484   -3.105  -3.751  1.00 61.11 ? 169 TRP A HB2  1 
ATOM 774  H HB3  . TRP A 1 49 ? 0.226   -1.424  -4.210  1.00 11.10 ? 169 TRP A HB3  1 
ATOM 775  H HD1  . TRP A 1 49 ? 2.892   -3.743  -3.132  1.00 23.13 ? 169 TRP A HD1  1 
ATOM 776  H HE1  . TRP A 1 49 ? 5.050   -2.450  -2.592  1.00 70.13 ? 169 TRP A HE1  1 
ATOM 777  H HE3  . TRP A 1 49 ? 0.990   1.002   -3.022  1.00 23.12 ? 169 TRP A HE3  1 
ATOM 778  H HZ2  . TRP A 1 49 ? 5.842   0.227   -2.174  1.00 71.11 ? 169 TRP A HZ2  1 
ATOM 779  H HZ3  . TRP A 1 49 ? 2.515   2.872   -2.545  1.00 52.31 ? 169 TRP A HZ3  1 
ATOM 780  H HH2  . TRP A 1 49 ? 4.890   2.491   -2.129  1.00 71.01 ? 169 TRP A HH2  1 
ATOM 781  N N    . TRP A 1 50 ? -2.602  -0.924  -2.296  1.00 62.01 ? 170 TRP A N    1 
ATOM 782  C CA   . TRP A 1 50 ? -4.012  -0.854  -2.664  1.00 65.30 ? 170 TRP A CA   1 
ATOM 783  C C    . TRP A 1 50 ? -4.287  0.362   -3.541  1.00 70.43 ? 170 TRP A C    1 
ATOM 784  O O    . TRP A 1 50 ? -3.507  1.314   -3.559  1.00 32.21 ? 170 TRP A O    1 
ATOM 785  C CB   . TRP A 1 50 ? -4.886  -0.802  -1.410  1.00 74.44 ? 170 TRP A CB   1 
ATOM 786  C CG   . TRP A 1 50 ? -4.456  -1.767  -0.346  1.00 64.41 ? 170 TRP A CG   1 
ATOM 787  C CD1  . TRP A 1 50 ? -3.499  -2.735  -0.455  1.00 14.13 ? 170 TRP A CD1  1 
ATOM 788  C CD2  . TRP A 1 50 ? -4.971  -1.858  0.987   1.00 15.14 ? 170 TRP A CD2  1 
ATOM 789  N NE1  . TRP A 1 50 ? -3.387  -3.423  0.729   1.00 54.43 ? 170 TRP A NE1  1 
ATOM 790  C CE2  . TRP A 1 50 ? -4.278  -2.903  1.630   1.00 45.53 ? 170 TRP A CE2  1 
ATOM 791  C CE3  . TRP A 1 50 ? -5.947  -1.157  1.701   1.00 31.13 ? 170 TRP A CE3  1 
ATOM 792  C CZ2  . TRP A 1 50 ? -4.534  -3.262  2.951   1.00 4.34  ? 170 TRP A CZ2  1 
ATOM 793  C CZ3  . TRP A 1 50 ? -6.199  -1.515  3.010   1.00 24.52 ? 170 TRP A CZ3  1 
ATOM 794  C CH2  . TRP A 1 50 ? -5.495  -2.559  3.626   1.00 4.32  ? 170 TRP A CH2  1 
ATOM 795  H H    . TRP A 1 50 ? -2.210  -0.198  -1.766  1.00 52.01 ? 170 TRP A H    1 
ATOM 796  H HA   . TRP A 1 50 ? -4.252  -1.747  -3.222  1.00 21.23 ? 170 TRP A HA   1 
ATOM 797  H HB2  . TRP A 1 50 ? -4.846  0.192   -0.992  1.00 55.44 ? 170 TRP A HB2  1 
ATOM 798  H HB3  . TRP A 1 50 ? -5.905  -1.035  -1.681  1.00 64.52 ? 170 TRP A HB3  1 
ATOM 799  H HD1  . TRP A 1 50 ? -2.923  -2.922  -1.349  1.00 21.01 ? 170 TRP A HD1  1 
ATOM 800  H HE1  . TRP A 1 50 ? -2.768  -4.163  0.901   1.00 5.01  ? 170 TRP A HE1  1 
ATOM 801  H HE3  . TRP A 1 50 ? -6.500  -0.349  1.244   1.00 21.22 ? 170 TRP A HE3  1 
ATOM 802  H HZ2  . TRP A 1 50 ? -4.000  -4.064  3.439   1.00 50.22 ? 170 TRP A HZ2  1 
ATOM 803  H HZ3  . TRP A 1 50 ? -6.951  -0.986  3.578   1.00 63.22 ? 170 TRP A HZ3  1 
ATOM 804  H HH2  . TRP A 1 50 ? -5.725  -2.804  4.651   1.00 4.25  ? 170 TRP A HH2  1 
ATOM 805  N N    . ASN A 1 51 ? -5.399  0.325   -4.265  1.00 3.54  ? 171 ASN A N    1 
ATOM 806  C CA   . ASN A 1 51 ? -5.776  1.425   -5.145  1.00 12.31 ? 171 ASN A CA   1 
ATOM 807  C C    . ASN A 1 51 ? -7.263  1.367   -5.485  1.00 63.30 ? 171 ASN A C    1 
ATOM 808  O O    . ASN A 1 51 ? -7.695  0.538   -6.286  1.00 15.24 ? 171 ASN A O    1 
ATOM 809  C CB   . ASN A 1 51 ? -4.947  1.386   -6.430  1.00 33.32 ? 171 ASN A CB   1 
ATOM 810  C CG   . ASN A 1 51 ? -5.327  2.489   -7.398  1.00 1.54  ? 171 ASN A CG   1 
ATOM 811  O OD1  . ASN A 1 51 ? -4.621  3.488   -7.527  1.00 52.41 ? 171 ASN A OD1  1 
ATOM 812  N ND2  . ASN A 1 51 ? -6.450  2.311   -8.085  1.00 44.43 ? 171 ASN A ND2  1 
ATOM 813  H H    . ASN A 1 51 ? -5.982  -0.461  -4.209  1.00 30.24 ? 171 ASN A H    1 
ATOM 814  H HA   . ASN A 1 51 ? -5.574  2.349   -4.625  1.00 44.12 ? 171 ASN A HA   1 
ATOM 815  H HB2  . ASN A 1 51 ? -3.901  1.498   -6.180  1.00 41.33 ? 171 ASN A HB2  1 
ATOM 816  H HB3  . ASN A 1 51 ? -5.096  0.435   -6.919  1.00 34.25 ? 171 ASN A HB3  1 
ATOM 817  H HD21 . ASN A 1 51 ? -6.963  1.490   -7.931  1.00 21.12 ? 171 ASN A HD21 1 
ATOM 818  H HD22 . ASN A 1 51 ? -6.720  3.008   -8.719  1.00 55.34 ? 171 ASN A HD22 1 
ATOM 819  N N    . ALA A 1 52 ? -8.040  2.251   -4.870  1.00 63.54 ? 172 ALA A N    1 
ATOM 820  C CA   . ALA A 1 52 ? -9.477  2.302   -5.107  1.00 4.33  ? 172 ALA A CA   1 
ATOM 821  C C    . ALA A 1 52 ? -10.156 3.285   -4.160  1.00 64.10 ? 172 ALA A C    1 
ATOM 822  O O    . ALA A 1 52 ? -9.509  3.876   -3.296  1.00 51.21 ? 172 ALA A O    1 
ATOM 823  C CB   . ALA A 1 52 ? -10.086 0.916   -4.958  1.00 11.23 ? 172 ALA A CB   1 
ATOM 824  H H    . ALA A 1 52 ? -7.637  2.886   -4.241  1.00 31.23 ? 172 ALA A H    1 
ATOM 825  H HA   . ALA A 1 52 ? -9.635  2.631   -6.125  1.00 11.24 ? 172 ALA A HA   1 
ATOM 826  H HB1  . ALA A 1 52 ? -9.888  0.339   -5.850  1.00 12.02 ? 172 ALA A HB1  1 
ATOM 827  H HB2  . ALA A 1 52 ? -9.649  0.420   -4.104  1.00 12.21 ? 172 ALA A HB2  1 
ATOM 828  H HB3  . ALA A 1 52 ? -11.153 1.004   -4.818  1.00 73.21 ? 172 ALA A HB3  1 
ATOM 829  N N    . GLU A 1 53 ? -11.464 3.454   -4.329  1.00 41.15 ? 173 GLU A N    1 
ATOM 830  C CA   . GLU A 1 53 ? -12.230 4.367   -3.488  1.00 50.21 ? 173 GLU A CA   1 
ATOM 831  C C    . GLU A 1 53 ? -12.688 3.674   -2.208  1.00 72.32 ? 173 GLU A C    1 
ATOM 832  O O    . GLU A 1 53 ? -13.586 2.832   -2.233  1.00 44.23 ? 173 GLU A O    1 
ATOM 833  C CB   . GLU A 1 53 ? -13.442 4.904   -4.252  1.00 4.32  ? 173 GLU A CB   1 
ATOM 834  C CG   . GLU A 1 53 ? -14.440 5.638   -3.372  1.00 54.13 ? 173 GLU A CG   1 
ATOM 835  C CD   . GLU A 1 53 ? -15.813 5.742   -4.008  1.00 54.33 ? 173 GLU A CD   1 
ATOM 836  O OE1  . GLU A 1 53 ? -16.475 4.696   -4.165  1.00 52.01 ? 173 GLU A OE1  1 
ATOM 837  O OE2  . GLU A 1 53 ? -16.225 6.871   -4.349  1.00 73.43 ? 173 GLU A OE2  1 
ATOM 838  H H    . GLU A 1 53 ? -11.924 2.954   -5.035  1.00 64.21 ? 173 GLU A H    1 
ATOM 839  H HA   . GLU A 1 53 ? -11.587 5.194   -3.225  1.00 43.22 ? 173 GLU A HA   1 
ATOM 840  H HB2  . GLU A 1 53 ? -13.098 5.585   -5.018  1.00 25.51 ? 173 GLU A HB2  1 
ATOM 841  H HB3  . GLU A 1 53 ? -13.951 4.075   -4.723  1.00 64.33 ? 173 GLU A HB3  1 
ATOM 842  H HG2  . GLU A 1 53 ? -14.533 5.110   -2.436  1.00 34.12 ? 173 GLU A HG2  1 
ATOM 843  H HG3  . GLU A 1 53 ? -14.069 6.636   -3.185  1.00 42.51 ? 173 GLU A HG3  1 
ATOM 844  N N    . ASP A 1 54 ? -12.064 4.034   -1.092  1.00 41.21 ? 174 ASP A N    1 
ATOM 845  C CA   . ASP A 1 54 ? -12.407 3.447   0.198   1.00 65.34 ? 174 ASP A CA   1 
ATOM 846  C C    . ASP A 1 54 ? -13.753 3.969   0.692   1.00 31.42 ? 174 ASP A C    1 
ATOM 847  O O    . ASP A 1 54 ? -14.350 4.853   0.078   1.00 64.14 ? 174 ASP A O    1 
ATOM 848  C CB   . ASP A 1 54 ? -11.319 3.755   1.228   1.00 54.04 ? 174 ASP A CB   1 
ATOM 849  C CG   . ASP A 1 54 ? -11.872 3.885   2.634   1.00 31.23 ? 174 ASP A CG   1 
ATOM 850  O OD1  . ASP A 1 54 ? -12.208 2.844   3.236   1.00 44.24 ? 174 ASP A OD1  1 
ATOM 851  O OD2  . ASP A 1 54 ? -11.968 5.026   3.131   1.00 70.14 ? 174 ASP A OD2  1 
ATOM 852  H H    . ASP A 1 54 ? -11.357 4.710   -1.137  1.00 13.02 ? 174 ASP A H    1 
ATOM 853  H HA   . ASP A 1 54 ? -12.475 2.378   0.069   1.00 53.11 ? 174 ASP A HA   1 
ATOM 854  H HB2  . ASP A 1 54 ? -10.589 2.958   1.220   1.00 55.03 ? 174 ASP A HB2  1 
ATOM 855  H HB3  . ASP A 1 54 ? -10.835 4.684   0.964   1.00 60.01 ? 174 ASP A HB3  1 
ATOM 856  N N    . SER A 1 55 ? -14.226 3.413   1.803   1.00 55.12 ? 175 SER A N    1 
ATOM 857  C CA   . SER A 1 55 ? -15.504 3.819   2.376   1.00 32.40 ? 175 SER A CA   1 
ATOM 858  C C    . SER A 1 55 ? -15.534 5.323   2.628   1.00 51.22 ? 175 SER A C    1 
ATOM 859  O O    . SER A 1 55 ? -16.590 5.898   2.892   1.00 21.25 ? 175 SER A O    1 
ATOM 860  C CB   . SER A 1 55 ? -15.762 3.067   3.683   1.00 21.34 ? 175 SER A CB   1 
ATOM 861  O OG   . SER A 1 55 ? -14.870 3.490   4.699   1.00 22.43 ? 175 SER A OG   1 
ATOM 862  H H    . SER A 1 55 ? -13.704 2.713   2.247   1.00 35.24 ? 175 SER A H    1 
ATOM 863  H HA   . SER A 1 55 ? -16.280 3.568   1.667   1.00 71.44 ? 175 SER A HA   1 
ATOM 864  H HB2  . SER A 1 55 ? -16.774 3.254   4.009   1.00 23.52 ? 175 SER A HB2  1 
ATOM 865  H HB3  . SER A 1 55 ? -15.627 2.007   3.518   1.00 61.13 ? 175 SER A HB3  1 
ATOM 866  H HG   . SER A 1 55 ? -14.871 4.448   4.749   1.00 1.44  ? 175 SER A HG   1 
ATOM 867  N N    . GLU A 1 56 ? -14.367 5.954   2.543   1.00 44.15 ? 176 GLU A N    1 
ATOM 868  C CA   . GLU A 1 56 ? -14.259 7.392   2.762   1.00 54.22 ? 176 GLU A CA   1 
ATOM 869  C C    . GLU A 1 56 ? -14.381 8.153   1.445   1.00 72.35 ? 176 GLU A C    1 
ATOM 870  O O    . GLU A 1 56 ? -14.185 9.368   1.398   1.00 2.34  ? 176 GLU A O    1 
ATOM 871  C CB   . GLU A 1 56 ? -12.929 7.729   3.439   1.00 14.45 ? 176 GLU A CB   1 
ATOM 872  C CG   . GLU A 1 56 ? -12.745 7.057   4.789   1.00 14.21 ? 176 GLU A CG   1 
ATOM 873  C CD   . GLU A 1 56 ? -13.402 7.827   5.918   1.00 34.43 ? 176 GLU A CD   1 
ATOM 874  O OE1  . GLU A 1 56 ? -14.627 8.057   5.846   1.00 32.02 ? 176 GLU A OE1  1 
ATOM 875  O OE2  . GLU A 1 56 ? -12.689 8.199   6.874   1.00 10.24 ? 176 GLU A OE2  1 
ATOM 876  H H    . GLU A 1 56 ? -13.560 5.441   2.329   1.00 50.12 ? 176 GLU A H    1 
ATOM 877  H HA   . GLU A 1 56 ? -15.068 7.690   3.412   1.00 1.33  ? 176 GLU A HA   1 
ATOM 878  H HB2  . GLU A 1 56 ? -12.122 7.419   2.791   1.00 33.44 ? 176 GLU A HB2  1 
ATOM 879  H HB3  . GLU A 1 56 ? -12.873 8.798   3.582   1.00 31.13 ? 176 GLU A HB3  1 
ATOM 880  H HG2  . GLU A 1 56 ? -13.179 6.069   4.747   1.00 33.14 ? 176 GLU A HG2  1 
ATOM 881  H HG3  . GLU A 1 56 ? -11.687 6.975   4.995   1.00 44.51 ? 176 GLU A HG3  1 
ATOM 882  N N    . GLY A 1 57 ? -14.703 7.430   0.377   1.00 44.12 ? 177 GLY A N    1 
ATOM 883  C CA   . GLY A 1 57 ? -14.844 8.054   -0.925  1.00 0.44  ? 177 GLY A CA   1 
ATOM 884  C C    . GLY A 1 57 ? -13.510 8.453   -1.524  1.00 41.12 ? 177 GLY A C    1 
ATOM 885  O O    . GLY A 1 57 ? -13.442 8.883   -2.676  1.00 74.32 ? 177 GLY A O    1 
ATOM 886  H H    . GLY A 1 57 ? -14.846 6.465   0.475   1.00 41.23 ? 177 GLY A H    1 
ATOM 887  H HA2  . GLY A 1 57 ? -15.333 7.360   -1.593  1.00 2.30  ? 177 GLY A HA2  1 
ATOM 888  H HA3  . GLY A 1 57 ? -15.459 8.936   -0.825  1.00 5.43  ? 177 GLY A HA3  1 
ATOM 889  N N    . LYS A 1 58 ? -12.446 8.315   -0.741  1.00 70.52 ? 178 LYS A N    1 
ATOM 890  C CA   . LYS A 1 58 ? -11.107 8.665   -1.198  1.00 74.12 ? 178 LYS A CA   1 
ATOM 891  C C    . LYS A 1 58 ? -10.476 7.510   -1.970  1.00 21.53 ? 178 LYS A C    1 
ATOM 892  O O    . LYS A 1 58 ? -10.685 6.343   -1.638  1.00 4.31  ? 178 LYS A O    1 
ATOM 893  C CB   . LYS A 1 58 ? -10.221 9.042   -0.008  1.00 15.43 ? 178 LYS A CB   1 
ATOM 894  C CG   . LYS A 1 58 ? -10.848 10.074  0.913   1.00 13.22 ? 178 LYS A CG   1 
ATOM 895  C CD   . LYS A 1 58 ? -10.402 9.880   2.352   1.00 73.43 ? 178 LYS A CD   1 
ATOM 896  C CE   . LYS A 1 58 ? -8.908  9.603   2.441   1.00 50.42 ? 178 LYS A CE   1 
ATOM 897  N NZ   . LYS A 1 58 ? -8.106  10.679  1.796   1.00 42.15 ? 178 LYS A NZ   1 
ATOM 898  H H    . LYS A 1 58 ? -12.565 7.967   0.168   1.00 71.41 ? 178 LYS A H    1 
ATOM 899  H HA   . LYS A 1 58 ? -11.193 9.516   -1.856  1.00 12.33 ? 178 LYS A HA   1 
ATOM 900  H HB2  . LYS A 1 58 ? -10.015 8.152   0.568   1.00 64.03 ? 178 LYS A HB2  1 
ATOM 901  H HB3  . LYS A 1 58 ? -9.289  9.442   -0.381  1.00 0.51  ? 178 LYS A HB3  1 
ATOM 902  H HG2  . LYS A 1 58 ? -10.553 11.061  0.586   1.00 22.14 ? 178 LYS A HG2  1 
ATOM 903  H HG3  . LYS A 1 58 ? -11.923 9.982   0.863   1.00 50.33 ? 178 LYS A HG3  1 
ATOM 904  H HD2  . LYS A 1 58 ? -10.623 10.776  2.913   1.00 3.41  ? 178 LYS A HD2  1 
ATOM 905  H HD3  . LYS A 1 58 ? -10.939 9.044   2.777   1.00 44.11 ? 178 LYS A HD3  1 
ATOM 906  H HE2  . LYS A 1 58 ? -8.630  9.533   3.481   1.00 20.43 ? 178 LYS A HE2  1 
ATOM 907  H HE3  . LYS A 1 58 ? -8.700  8.666   1.948   1.00 31.42 ? 178 LYS A HE3  1 
ATOM 908  H HZ1  . LYS A 1 58 ? -7.855  11.407  2.497   1.00 2.44  ? 178 LYS A HZ1  1 
ATOM 909  H HZ2  . LYS A 1 58 ? -8.653  11.124  1.032   1.00 22.40 ? 178 LYS A HZ2  1 
ATOM 910  H HZ3  . LYS A 1 58 ? -7.232  10.283  1.397   1.00 32.25 ? 178 LYS A HZ3  1 
ATOM 911  N N    . ARG A 1 59 ? -9.703  7.843   -2.998  1.00 61.32 ? 179 ARG A N    1 
ATOM 912  C CA   . ARG A 1 59 ? -9.042  6.833   -3.815  1.00 34.32 ? 179 ARG A CA   1 
ATOM 913  C C    . ARG A 1 59 ? -7.532  7.050   -3.832  1.00 32.12 ? 179 ARG A C    1 
ATOM 914  O O    . ARG A 1 59 ? -7.056  8.167   -4.033  1.00 44.53 ? 179 ARG A O    1 
ATOM 915  C CB   . ARG A 1 59 ? -9.588  6.865   -5.244  1.00 1.22  ? 179 ARG A CB   1 
ATOM 916  C CG   . ARG A 1 59 ? -9.128  8.072   -6.045  1.00 33.31 ? 179 ARG A CG   1 
ATOM 917  C CD   . ARG A 1 59 ? -9.807  8.130   -7.404  1.00 14.43 ? 179 ARG A CD   1 
ATOM 918  N NE   . ARG A 1 59 ? -9.028  8.895   -8.374  1.00 71.41 ? 179 ARG A NE   1 
ATOM 919  C CZ   . ARG A 1 59 ? -9.247  8.862   -9.683  1.00 44.02 ? 179 ARG A CZ   1 
ATOM 920  N NH1  . ARG A 1 59 ? -10.218 8.106   -10.177 1.00 71.14 ? 179 ARG A NH1  1 
ATOM 921  N NH2  . ARG A 1 59 ? -8.494  9.586   -10.502 1.00 43.14 ? 179 ARG A NH2  1 
ATOM 922  H H    . ARG A 1 59 ? -9.575  8.790   -3.213  1.00 62.22 ? 179 ARG A H    1 
ATOM 923  H HA   . ARG A 1 59 ? -9.250  5.867   -3.381  1.00 31.32 ? 179 ARG A HA   1 
ATOM 924  H HB2  . ARG A 1 59 ? -9.264  5.973   -5.760  1.00 0.32  ? 179 ARG A HB2  1 
ATOM 925  H HB3  . ARG A 1 59 ? -10.667 6.876   -5.203  1.00 55.12 ? 179 ARG A HB3  1 
ATOM 926  H HG2  . ARG A 1 59 ? -9.368  8.970   -5.496  1.00 20.14 ? 179 ARG A HG2  1 
ATOM 927  H HG3  . ARG A 1 59 ? -8.059  8.010   -6.189  1.00 54.03 ? 179 ARG A HG3  1 
ATOM 928  H HD2  . ARG A 1 59 ? -9.933  7.123   -7.772  1.00 25.04 ? 179 ARG A HD2  1 
ATOM 929  H HD3  . ARG A 1 59 ? -10.775 8.594   -7.288  1.00 70.04 ? 179 ARG A HD3  1 
ATOM 930  H HE   . ARG A 1 59 ? -8.305  9.460   -8.030  1.00 34.52 ? 179 ARG A HE   1 
ATOM 931  H HH11 . ARG A 1 59 ? -10.787 7.560   -9.563  1.00 61.52 ? 179 ARG A HH11 1 
ATOM 932  H HH12 . ARG A 1 59 ? -10.383 8.084   -11.163 1.00 54.11 ? 179 ARG A HH12 1 
ATOM 933  H HH21 . ARG A 1 59 ? -7.762  10.157  -10.133 1.00 52.12 ? 179 ARG A HH21 1 
ATOM 934  H HH22 . ARG A 1 59 ? -8.661  9.561   -11.487 1.00 20.04 ? 179 ARG A HH22 1 
ATOM 935  N N    . GLY A 1 60 ? -6.781  5.973   -3.617  1.00 60.24 ? 180 GLY A N    1 
ATOM 936  C CA   . GLY A 1 60 ? -5.333  6.068   -3.611  1.00 63.11 ? 180 GLY A CA   1 
ATOM 937  C C    . GLY A 1 60 ? -4.668  4.757   -3.243  1.00 22.43 ? 180 GLY A C    1 
ATOM 938  O O    . GLY A 1 60 ? -5.345  3.763   -2.977  1.00 22.12 ? 180 GLY A O    1 
ATOM 939  H H    . GLY A 1 60 ? -7.215  5.109   -3.462  1.00 21.04 ? 180 GLY A H    1 
ATOM 940  H HA2  . GLY A 1 60 ? -4.998  6.366   -4.593  1.00 42.11 ? 180 GLY A HA2  1 
ATOM 941  H HA3  . GLY A 1 60 ? -5.037  6.821   -2.896  1.00 74.44 ? 180 GLY A HA3  1 
ATOM 942  N N    . MET A 1 61 ? -3.339  4.752   -3.228  1.00 23.44 ? 181 MET A N    1 
ATOM 943  C CA   . MET A 1 61 ? -2.583  3.551   -2.890  1.00 11.43 ? 181 MET A CA   1 
ATOM 944  C C    . MET A 1 61 ? -1.584  3.834   -1.774  1.00 72.23 ? 181 MET A C    1 
ATOM 945  O O    . MET A 1 61 ? -1.082  4.952   -1.647  1.00 63.04 ? 181 MET A O    1 
ATOM 946  C CB   . MET A 1 61 ? -1.851  3.020   -4.124  1.00 32.15 ? 181 MET A CB   1 
ATOM 947  C CG   . MET A 1 61 ? -0.745  3.938   -4.617  1.00 14.10 ? 181 MET A CG   1 
ATOM 948  S SD   . MET A 1 61 ? -0.487  3.823   -6.398  1.00 43.54 ? 181 MET A SD   1 
ATOM 949  C CE   . MET A 1 61 ? -1.502  5.182   -6.974  1.00 4.54  ? 181 MET A CE   1 
ATOM 950  H H    . MET A 1 61 ? -2.855  5.574   -3.449  1.00 53.15 ? 181 MET A H    1 
ATOM 951  H HA   . MET A 1 61 ? -3.284  2.804   -2.549  1.00 31.42 ? 181 MET A HA   1 
ATOM 952  H HB2  . MET A 1 61 ? -1.414  2.062   -3.884  1.00 64.12 ? 181 MET A HB2  1 
ATOM 953  H HB3  . MET A 1 61 ? -2.565  2.890   -4.923  1.00 15.45 ? 181 MET A HB3  1 
ATOM 954  H HG2  . MET A 1 61 ? -1.005  4.957   -4.371  1.00 31.30 ? 181 MET A HG2  1 
ATOM 955  H HG3  . MET A 1 61 ? 0.174   3.673   -4.116  1.00 65.42 ? 181 MET A HG3  1 
ATOM 956  H HE1  . MET A 1 61 ? -0.957  5.749   -7.715  1.00 1.41  ? 181 MET A HE1  1 
ATOM 957  H HE2  . MET A 1 61 ? -2.408  4.793   -7.415  1.00 3.01  ? 181 MET A HE2  1 
ATOM 958  H HE3  . MET A 1 61 ? -1.752  5.823   -6.142  1.00 34.42 ? 181 MET A HE3  1 
ATOM 959  N N    . ILE A 1 62 ? -1.298  2.818   -0.968  1.00 3.14  ? 182 ILE A N    1 
ATOM 960  C CA   . ILE A 1 62 ? -0.359  2.958   0.136   1.00 34.43 ? 182 ILE A CA   1 
ATOM 961  C C    . ILE A 1 62 ? 0.182   1.601   0.575   1.00 64.13 ? 182 ILE A C    1 
ATOM 962  O O    . ILE A 1 62 ? -0.476  0.570   0.440   1.00 43.45 ? 182 ILE A O    1 
ATOM 963  C CB   . ILE A 1 62 ? -1.010  3.655   1.346   1.00 20.24 ? 182 ILE A CB   1 
ATOM 964  C CG1  . ILE A 1 62 ? -2.171  2.813   1.881   1.00 51.12 ? 182 ILE A CG1  1 
ATOM 965  C CG2  . ILE A 1 62 ? -1.490  5.046   0.960   1.00 25.44 ? 182 ILE A CG2  1 
ATOM 966  C CD1  . ILE A 1 62 ? -2.441  3.025   3.354   1.00 13.12 ? 182 ILE A CD1  1 
ATOM 967  H H    . ILE A 1 62 ? -1.730  1.951   -1.121  1.00 4.42  ? 182 ILE A H    1 
ATOM 968  H HA   . ILE A 1 62 ? 0.466   3.568   -0.205  1.00 71.55 ? 182 ILE A HA   1 
ATOM 969  H HB   . ILE A 1 62 ? -0.264  3.758   2.118   1.00 71.33 ? 182 ILE A HB   1 
ATOM 970  H HG12 . ILE A 1 62 ? -3.069  3.065   1.340   1.00 0.31  ? 182 ILE A HG12 1 
ATOM 971  H HG13 . ILE A 1 62 ? -1.946  1.766   1.731   1.00 53.04 ? 182 ILE A HG13 1 
ATOM 972  H HG21 . ILE A 1 62 ? -0.649  5.641   0.641   1.00 13.12 ? 182 ILE A HG21 1 
ATOM 973  H HG22 . ILE A 1 62 ? -2.204  4.969   0.153   1.00 60.43 ? 182 ILE A HG22 1 
ATOM 974  H HG23 . ILE A 1 62 ? -1.960  5.513   1.812   1.00 74.43 ? 182 ILE A HG23 1 
ATOM 975  H HD11 . ILE A 1 62 ? -3.332  2.485   3.639   1.00 12.03 ? 182 ILE A HD11 1 
ATOM 976  H HD12 . ILE A 1 62 ? -1.601  2.666   3.930   1.00 43.34 ? 182 ILE A HD12 1 
ATOM 977  H HD13 . ILE A 1 62 ? -2.584  4.079   3.545   1.00 61.22 ? 182 ILE A HD13 1 
ATOM 978  N N    . PRO A 1 63 ? 1.410   1.600   1.115   1.00 22.44 ? 183 PRO A N    1 
ATOM 979  C CA   . PRO A 1 63 ? 2.065   0.377   1.588   1.00 25.12 ? 183 PRO A CA   1 
ATOM 980  C C    . PRO A 1 63 ? 1.406   -0.187  2.842   1.00 61.14 ? 183 PRO A C    1 
ATOM 981  O O    . PRO A 1 63 ? 1.995   -1.001  3.553   1.00 24.24 ? 183 PRO A O    1 
ATOM 982  C CB   . PRO A 1 63 ? 3.493   0.835   1.894   1.00 24.41 ? 183 PRO A CB   1 
ATOM 983  C CG   . PRO A 1 63 ? 3.370   2.292   2.180   1.00 31.51 ? 183 PRO A CG   1 
ATOM 984  C CD   . PRO A 1 63 ? 2.253   2.792   1.307   1.00 24.14 ? 183 PRO A CD   1 
ATOM 985  H HA   . PRO A 1 63 ? 2.086   -0.384  0.821   1.00 51.23 ? 183 PRO A HA   1 
ATOM 986  H HB2  . PRO A 1 63 ? 3.871   0.294   2.751   1.00 14.44 ? 183 PRO A HB2  1 
ATOM 987  H HB3  . PRO A 1 63 ? 4.125   0.652   1.039   1.00 55.13 ? 183 PRO A HB3  1 
ATOM 988  H HG2  . PRO A 1 63 ? 3.129   2.443   3.221   1.00 33.22 ? 183 PRO A HG2  1 
ATOM 989  H HG3  . PRO A 1 63 ? 4.293   2.793   1.930   1.00 53.25 ? 183 PRO A HG3  1 
ATOM 990  H HD2  . PRO A 1 63 ? 1.704   3.575   1.809   1.00 42.15 ? 183 PRO A HD2  1 
ATOM 991  H HD3  . PRO A 1 63 ? 2.640   3.145   0.363   1.00 62.14 ? 183 PRO A HD3  1 
ATOM 992  N N    . VAL A 1 64 ? 0.179   0.251   3.108   1.00 41.13 ? 184 VAL A N    1 
ATOM 993  C CA   . VAL A 1 64 ? -0.561  -0.210  4.276   1.00 24.35 ? 184 VAL A CA   1 
ATOM 994  C C    . VAL A 1 64 ? 0.373   -0.831  5.310   1.00 41.33 ? 184 VAL A C    1 
ATOM 995  O O    . VAL A 1 64 ? 0.197   -1.971  5.737   1.00 23.12 ? 184 VAL A O    1 
ATOM 996  C CB   . VAL A 1 64 ? -1.635  -1.244  3.887   1.00 63.35 ? 184 VAL A CB   1 
ATOM 997  C CG1  . VAL A 1 64 ? -2.907  -1.020  4.691   1.00 51.33 ? 184 VAL A CG1  1 
ATOM 998  C CG2  . VAL A 1 64 ? -1.921  -1.179  2.395   1.00 53.22 ? 184 VAL A CG2  1 
ATOM 999  H H    . VAL A 1 64 ? -0.238  0.900   2.504   1.00 51.25 ? 184 VAL A H    1 
ATOM 1000 H HA   . VAL A 1 64 ? -1.056  0.643   4.718   1.00 34.32 ? 184 VAL A HA   1 
ATOM 1001 H HB   . VAL A 1 64 ? -1.259  -2.229  4.118   1.00 62.42 ? 184 VAL A HB   1 
ATOM 1002 H HG11 . VAL A 1 64 ? -3.045  -1.839  5.382   1.00 52.34 ? 184 VAL A HG11 1 
ATOM 1003 H HG12 . VAL A 1 64 ? -2.829  -0.092  5.240   1.00 33.43 ? 184 VAL A HG12 1 
ATOM 1004 H HG13 . VAL A 1 64 ? -3.753  -0.970  4.021   1.00 31.22 ? 184 VAL A HG13 1 
ATOM 1005 H HG21 . VAL A 1 64 ? -1.416  -1.993  1.896   1.00 24.52 ? 184 VAL A HG21 1 
ATOM 1006 H HG22 . VAL A 1 64 ? -2.985  -1.259  2.227   1.00 2.22  ? 184 VAL A HG22 1 
ATOM 1007 H HG23 . VAL A 1 64 ? -1.564  -0.239  2.000   1.00 11.32 ? 184 VAL A HG23 1 
ATOM 1008 N N    . PRO A 1 65 ? 1.393   -0.062  5.722   1.00 43.20 ? 185 PRO A N    1 
ATOM 1009 C CA   . PRO A 1 65 ? 2.375   -0.514  6.711   1.00 24.54 ? 185 PRO A CA   1 
ATOM 1010 C C    . PRO A 1 65 ? 1.776   -0.640  8.108   1.00 71.03 ? 185 PRO A C    1 
ATOM 1011 O O    . PRO A 1 65 ? 2.498   -0.659  9.104   1.00 74.12 ? 185 PRO A O    1 
ATOM 1012 C CB   . PRO A 1 65 ? 3.439   0.585   6.683   1.00 44.22 ? 185 PRO A CB   1 
ATOM 1013 C CG   . PRO A 1 65 ? 2.717   1.799   6.209   1.00 22.11 ? 185 PRO A CG   1 
ATOM 1014 C CD   . PRO A 1 65 ? 1.663   1.308   5.254   1.00 75.52 ? 185 PRO A CD   1 
ATOM 1015 H HA   . PRO A 1 65 ? 2.820   -1.456  6.426   1.00 21.43 ? 185 PRO A HA   1 
ATOM 1016 H HB2  . PRO A 1 65 ? 3.841   0.726   7.676   1.00 71.25 ? 185 PRO A HB2  1 
ATOM 1017 H HB3  . PRO A 1 65 ? 4.231   0.307   6.004   1.00 61.03 ? 185 PRO A HB3  1 
ATOM 1018 H HG2  . PRO A 1 65 ? 2.259   2.304   7.045   1.00 44.13 ? 185 PRO A HG2  1 
ATOM 1019 H HG3  . PRO A 1 65 ? 3.403   2.459   5.700   1.00 34.40 ? 185 PRO A HG3  1 
ATOM 1020 H HD2  . PRO A 1 65 ? 0.777   1.922   5.323   1.00 24.34 ? 185 PRO A HD2  1 
ATOM 1021 H HD3  . PRO A 1 65 ? 2.043   1.301   4.244   1.00 54.52 ? 185 PRO A HD3  1 
ATOM 1022 N N    . TYR A 1 66 ? 0.451   -0.726  8.173   1.00 35.01 ? 186 TYR A N    1 
ATOM 1023 C CA   . TYR A 1 66 ? -0.245  -0.848  9.448   1.00 35.30 ? 186 TYR A CA   1 
ATOM 1024 C C    . TYR A 1 66 ? -1.068  -2.131  9.499   1.00 33.35 ? 186 TYR A C    1 
ATOM 1025 O O    . TYR A 1 66 ? -2.037  -2.232  10.251  1.00 1.11  ? 186 TYR A O    1 
ATOM 1026 C CB   . TYR A 1 66 ? -1.151  0.362   9.675   1.00 65.14 ? 186 TYR A CB   1 
ATOM 1027 C CG   . TYR A 1 66 ? -0.404  1.610   10.091  1.00 1.21  ? 186 TYR A CG   1 
ATOM 1028 C CD1  . TYR A 1 66 ? 0.407   2.289   9.190   1.00 23.01 ? 186 TYR A CD1  1 
ATOM 1029 C CD2  . TYR A 1 66 ? -0.510  2.109   11.382  1.00 44.33 ? 186 TYR A CD2  1 
ATOM 1030 C CE1  . TYR A 1 66 ? 1.093   3.428   9.565   1.00 42.23 ? 186 TYR A CE1  1 
ATOM 1031 C CE2  . TYR A 1 66 ? 0.170   3.249   11.766  1.00 45.51 ? 186 TYR A CE2  1 
ATOM 1032 C CZ   . TYR A 1 66 ? 0.970   3.904   10.854  1.00 42.53 ? 186 TYR A CZ   1 
ATOM 1033 O OH   . TYR A 1 66 ? 1.649   5.040   11.231  1.00 12.02 ? 186 TYR A OH   1 
ATOM 1034 H H    . TYR A 1 66 ? -0.070  -0.706  7.344   1.00 53.22 ? 186 TYR A H    1 
ATOM 1035 H HA   . TYR A 1 66 ? 0.500   -0.880  10.231  1.00 2.10  ? 186 TYR A HA   1 
ATOM 1036 H HB2  . TYR A 1 66 ? -1.683  0.583   8.762   1.00 72.31 ? 186 TYR A HB2  1 
ATOM 1037 H HB3  . TYR A 1 66 ? -1.864  0.128   10.453  1.00 43.50 ? 186 TYR A HB3  1 
ATOM 1038 H HD1  . TYR A 1 66 ? 0.501   1.914   8.181   1.00 24.34 ? 186 TYR A HD1  1 
ATOM 1039 H HD2  . TYR A 1 66 ? -1.139  1.593   12.094  1.00 73.34 ? 186 TYR A HD2  1 
ATOM 1040 H HE1  . TYR A 1 66 ? 1.719   3.942   8.852   1.00 1.41  ? 186 TYR A HE1  1 
ATOM 1041 H HE2  . TYR A 1 66 ? 0.074   3.623   12.775  1.00 31.34 ? 186 TYR A HE2  1 
ATOM 1042 H HH   . TYR A 1 66 ? 1.273   5.383   12.045  1.00 55.40 ? 186 TYR A HH   1 
ATOM 1043 N N    . VAL A 1 67 ? -0.673  -3.112  8.693   1.00 23.11 ? 187 VAL A N    1 
ATOM 1044 C CA   . VAL A 1 67 ? -1.372  -4.391  8.646   1.00 5.52  ? 187 VAL A CA   1 
ATOM 1045 C C    . VAL A 1 67 ? -0.433  -5.543  8.984   1.00 22.41 ? 187 VAL A C    1 
ATOM 1046 O O    . VAL A 1 67 ? 0.708   -5.327  9.390   1.00 3.31  ? 187 VAL A O    1 
ATOM 1047 C CB   . VAL A 1 67 ? -1.993  -4.640  7.259   1.00 1.53  ? 187 VAL A CB   1 
ATOM 1048 C CG1  . VAL A 1 67 ? -3.001  -3.553  6.920   1.00 70.25 ? 187 VAL A CG1  1 
ATOM 1049 C CG2  . VAL A 1 67 ? -0.907  -4.720  6.195   1.00 62.33 ? 187 VAL A CG2  1 
ATOM 1050 H H    . VAL A 1 67 ? 0.107   -2.972  8.117   1.00 13.34 ? 187 VAL A H    1 
ATOM 1051 H HA   . VAL A 1 67 ? -2.170  -4.362  9.374   1.00 74.20 ? 187 VAL A HA   1 
ATOM 1052 H HB   . VAL A 1 67 ? -2.513  -5.586  7.284   1.00 34.34 ? 187 VAL A HB   1 
ATOM 1053 H HG11 . VAL A 1 67 ? -2.525  -2.585  6.993   1.00 34.05 ? 187 VAL A HG11 1 
ATOM 1054 H HG12 . VAL A 1 67 ? -3.368  -3.700  5.916   1.00 4.05  ? 187 VAL A HG12 1 
ATOM 1055 H HG13 . VAL A 1 67 ? -3.826  -3.599  7.616   1.00 3.02  ? 187 VAL A HG13 1 
ATOM 1056 H HG21 . VAL A 1 67 ? -0.028  -5.186  6.615   1.00 72.24 ? 187 VAL A HG21 1 
ATOM 1057 H HG22 . VAL A 1 67 ? -1.262  -5.308  5.361   1.00 73.21 ? 187 VAL A HG22 1 
ATOM 1058 H HG23 . VAL A 1 67 ? -0.661  -3.725  5.856   1.00 72.51 ? 187 VAL A HG23 1 
ATOM 1059 N N    . GLU A 1 68 ? -0.923  -6.768  8.815   1.00 74.04 ? 188 GLU A N    1 
ATOM 1060 C CA   . GLU A 1 68 ? -0.126  -7.955  9.105   1.00 53.35 ? 188 GLU A CA   1 
ATOM 1061 C C    . GLU A 1 68 ? 0.530   -8.491  7.836   1.00 33.22 ? 188 GLU A C    1 
ATOM 1062 O O    . GLU A 1 68 ? -0.146  -8.796  6.853   1.00 60.22 ? 188 GLU A O    1 
ATOM 1063 C CB   . GLU A 1 68 ? -0.999  -9.039  9.738   1.00 23.11 ? 188 GLU A CB   1 
ATOM 1064 C CG   . GLU A 1 68 ? -1.358  -8.762  11.189  1.00 30.33 ? 188 GLU A CG   1 
ATOM 1065 C CD   . GLU A 1 68 ? -0.140  -8.717  12.092  1.00 15.44 ? 188 GLU A CD   1 
ATOM 1066 O OE1  . GLU A 1 68 ? 0.560   -9.746  12.197  1.00 51.32 ? 188 GLU A OE1  1 
ATOM 1067 O OE2  . GLU A 1 68 ? 0.114   -7.652  12.692  1.00 45.44 ? 188 GLU A OE2  1 
ATOM 1068 H H    . GLU A 1 68 ? -1.840  -6.875  8.490   1.00 11.42 ? 188 GLU A H    1 
ATOM 1069 H HA   . GLU A 1 68 ? 0.646   -7.673  9.804   1.00 1.13  ? 188 GLU A HA   1 
ATOM 1070 H HB2  . GLU A 1 68 ? -1.915  -9.124  9.172   1.00 51.25 ? 188 GLU A HB2  1 
ATOM 1071 H HB3  . GLU A 1 68 ? -0.471  -9.981  9.694   1.00 12.50 ? 188 GLU A HB3  1 
ATOM 1072 H HG2  . GLU A 1 68 ? -1.864  -7.811  11.246  1.00 51.21 ? 188 GLU A HG2  1 
ATOM 1073 H HG3  . GLU A 1 68 ? -2.018  -9.543  11.538  1.00 64.51 ? 188 GLU A HG3  1 
ATOM 1074 N N    . LYS A 1 69 ? 1.854   -8.603  7.864   1.00 33.53 ? 189 LYS A N    1 
ATOM 1075 C CA   . LYS A 1 69 ? 2.605   -9.103  6.718   1.00 71.51 ? 189 LYS A CA   1 
ATOM 1076 C C    . LYS A 1 69 ? 1.897   -10.296 6.083   1.00 52.03 ? 189 LYS A C    1 
ATOM 1077 O O    . LYS A 1 69 ? 1.209   -11.058 6.764   1.00 54.23 ? 189 LYS A O    1 
ATOM 1078 C CB   . LYS A 1 69 ? 4.019   -9.504  7.146   1.00 20.04 ? 189 LYS A CB   1 
ATOM 1079 C CG   . LYS A 1 69 ? 4.069   -10.791 7.952   1.00 13.21 ? 189 LYS A CG   1 
ATOM 1080 C CD   . LYS A 1 69 ? 3.975   -10.518 9.443   1.00 74.51 ? 189 LYS A CD   1 
ATOM 1081 C CE   . LYS A 1 69 ? 5.339   -10.203 10.039  1.00 11.01 ? 189 LYS A CE   1 
ATOM 1082 N NZ   . LYS A 1 69 ? 5.232   -9.322  11.234  1.00 64.44 ? 189 LYS A NZ   1 
ATOM 1083 H H    . LYS A 1 69 ? 2.338   -8.345  8.677   1.00 70.13 ? 189 LYS A H    1 
ATOM 1084 H HA   . LYS A 1 69 ? 2.669   -8.308  5.992   1.00 32.31 ? 189 LYS A HA   1 
ATOM 1085 H HB2  . LYS A 1 69 ? 4.625   -9.635  6.261   1.00 63.22 ? 189 LYS A HB2  1 
ATOM 1086 H HB3  . LYS A 1 69 ? 4.439   -8.711  7.747   1.00 14.32 ? 189 LYS A HB3  1 
ATOM 1087 H HG2  . LYS A 1 69 ? 3.242   -11.421 7.660   1.00 13.50 ? 189 LYS A HG2  1 
ATOM 1088 H HG3  . LYS A 1 69 ? 5.000   -11.298 7.746   1.00 13.44 ? 189 LYS A HG3  1 
ATOM 1089 H HD2  . LYS A 1 69 ? 3.321   -9.674  9.606   1.00 24.00 ? 189 LYS A HD2  1 
ATOM 1090 H HD3  . LYS A 1 69 ? 3.570   -11.390 9.936   1.00 24.33 ? 189 LYS A HD3  1 
ATOM 1091 H HE2  . LYS A 1 69 ? 5.814   -11.129 10.325  1.00 73.42 ? 189 LYS A HE2  1 
ATOM 1092 H HE3  . LYS A 1 69 ? 5.939   -9.708  9.289   1.00 62.24 ? 189 LYS A HE3  1 
ATOM 1093 H HZ1  . LYS A 1 69 ? 6.023   -8.646  11.252  1.00 44.01 ? 189 LYS A HZ1  1 
ATOM 1094 H HZ2  . LYS A 1 69 ? 5.260   -9.894  12.103  1.00 52.25 ? 189 LYS A HZ2  1 
ATOM 1095 H HZ3  . LYS A 1 69 ? 4.338   -8.792  11.210  1.00 31.42 ? 189 LYS A HZ3  1 
ATOM 1096 N N    . TYR A 1 70 ? 2.070   -10.451 4.775   1.00 22.10 ? 190 TYR A N    1 
ATOM 1097 C CA   . TYR A 1 70 ? 1.447   -11.550 4.047   1.00 62.52 ? 190 TYR A CA   1 
ATOM 1098 C C    . TYR A 1 70 ? 2.474   -12.295 3.201   1.00 15.03 ? 190 TYR A C    1 
ATOM 1099 O O    . TYR A 1 70 ? 3.181   -11.695 2.392   1.00 34.11 ? 190 TYR A O    1 
ATOM 1100 C CB   . TYR A 1 70 ? 0.320   -11.025 3.155   1.00 22.51 ? 190 TYR A CB   1 
ATOM 1101 C CG   . TYR A 1 70 ? -0.473  -12.118 2.475   1.00 40.21 ? 190 TYR A CG   1 
ATOM 1102 C CD1  . TYR A 1 70 ? 0.129   -12.971 1.559   1.00 14.42 ? 190 TYR A CD1  1 
ATOM 1103 C CD2  . TYR A 1 70 ? -1.823  -12.297 2.747   1.00 52.41 ? 190 TYR A CD2  1 
ATOM 1104 C CE1  . TYR A 1 70 ? -0.592  -13.971 0.933   1.00 35.41 ? 190 TYR A CE1  1 
ATOM 1105 C CE2  . TYR A 1 70 ? -2.551  -13.295 2.128   1.00 51.33 ? 190 TYR A CE2  1 
ATOM 1106 C CZ   . TYR A 1 70 ? -1.931  -14.128 1.221   1.00 31.10 ? 190 TYR A CZ   1 
ATOM 1107 O OH   . TYR A 1 70 ? -2.652  -15.123 0.601   1.00 44.23 ? 190 TYR A OH   1 
ATOM 1108 H H    . TYR A 1 70 ? 2.629   -9.811  4.287   1.00 12.24 ? 190 TYR A H    1 
ATOM 1109 H HA   . TYR A 1 70 ? 1.030   -12.234 4.772   1.00 14.24 ? 190 TYR A HA   1 
ATOM 1110 H HB2  . TYR A 1 70 ? -0.363  -10.445 3.756   1.00 4.21  ? 190 TYR A HB2  1 
ATOM 1111 H HB3  . TYR A 1 70 ? 0.743   -10.394 2.388   1.00 3.30  ? 190 TYR A HB3  1 
ATOM 1112 H HD1  . TYR A 1 70 ? 1.179   -12.846 1.334   1.00 51.43 ? 190 TYR A HD1  1 
ATOM 1113 H HD2  . TYR A 1 70 ? -2.306  -11.641 3.457   1.00 52.14 ? 190 TYR A HD2  1 
ATOM 1114 H HE1  . TYR A 1 70 ? -0.106  -14.625 0.223   1.00 40.02 ? 190 TYR A HE1  1 
ATOM 1115 H HE2  . TYR A 1 70 ? -3.600  -13.417 2.353   1.00 31.32 ? 190 TYR A HE2  1 
ATOM 1116 H HH   . TYR A 1 70 ? -3.422  -15.338 1.133   1.00 24.03 ? 190 TYR A HH   1 
ATOM 1117 N N    . ARG A 1 71 ? 2.550   -13.608 3.394   1.00 45.21 ? 191 ARG A N    1 
ATOM 1118 C CA   . ARG A 1 71 ? 3.491   -14.437 2.650   1.00 24.34 ? 191 ARG A CA   1 
ATOM 1119 C C    . ARG A 1 71 ? 2.756   -15.355 1.678   1.00 40.43 ? 191 ARG A C    1 
ATOM 1120 O O    . ARG A 1 71 ? 1.783   -16.022 2.030   1.00 24.03 ? 191 ARG A O    1 
ATOM 1121 C CB   . ARG A 1 71 ? 4.341   -15.270 3.612   1.00 44.41 ? 191 ARG A CB   1 
ATOM 1122 C CG   . ARG A 1 71 ? 3.627   -16.503 4.141   1.00 23.24 ? 191 ARG A CG   1 
ATOM 1123 C CD   . ARG A 1 71 ? 2.374   -16.132 4.919   1.00 24.14 ? 191 ARG A CD   1 
ATOM 1124 N NE   . ARG A 1 71 ? 1.918   -17.224 5.775   1.00 43.44 ? 191 ARG A NE   1 
ATOM 1125 C CZ   . ARG A 1 71 ? 1.116   -17.051 6.820   1.00 3.12  ? 191 ARG A CZ   1 
ATOM 1126 N NH1  . ARG A 1 71 ? 0.684   -15.838 7.137   1.00 13.34 ? 191 ARG A NH1  1 
ATOM 1127 N NH2  . ARG A 1 71 ? 0.743   -18.095 7.551   1.00 12.11 ? 191 ARG A NH2  1 
ATOM 1128 H H    . ARG A 1 71 ? 1.959   -14.029 4.053   1.00 31.44 ? 191 ARG A H    1 
ATOM 1129 H HA   . ARG A 1 71 ? 4.138   -13.782 2.088   1.00 41.35 ? 191 ARG A HA   1 
ATOM 1130 H HB2  . ARG A 1 71 ? 5.234   -15.592 3.098   1.00 55.31 ? 191 ARG A HB2  1 
ATOM 1131 H HB3  . ARG A 1 71 ? 4.619   -14.653 4.453   1.00 12.25 ? 191 ARG A HB3  1 
ATOM 1132 H HG2  . ARG A 1 71 ? 3.348   -17.132 3.309   1.00 2.42  ? 191 ARG A HG2  1 
ATOM 1133 H HG3  . ARG A 1 71 ? 4.298   -17.043 4.793   1.00 12.22 ? 191 ARG A HG3  1 
ATOM 1134 H HD2  . ARG A 1 71 ? 2.591   -15.272 5.534   1.00 43.03 ? 191 ARG A HD2  1 
ATOM 1135 H HD3  . ARG A 1 71 ? 1.592   -15.885 4.217   1.00 23.30 ? 191 ARG A HD3  1 
ATOM 1136 H HE   . ARG A 1 71 ? 2.224   -18.129 5.559   1.00 43.41 ? 191 ARG A HE   1 
ATOM 1137 H HH11 . ARG A 1 71 ? 0.963   -15.051 6.587   1.00 60.34 ? 191 ARG A HH11 1 
ATOM 1138 H HH12 . ARG A 1 71 ? 0.080   -15.712 7.923   1.00 14.11 ? 191 ARG A HH12 1 
ATOM 1139 H HH21 . ARG A 1 71 ? 1.066   -19.011 7.315   1.00 51.52 ? 191 ARG A HH21 1 
ATOM 1140 H HH22 . ARG A 1 71 ? 0.140   -17.965 8.337   1.00 61.23 ? 191 ARG A HH22 1 
ATOM 1141 N N    . PRO A 1 72 ? 3.230   -15.391 0.424   1.00 44.45 ? 192 PRO A N    1 
ATOM 1142 C CA   . PRO A 1 72 ? 2.632   -16.222 -0.625  1.00 34.23 ? 192 PRO A CA   1 
ATOM 1143 C C    . PRO A 1 72 ? 2.868   -17.710 -0.390  1.00 13.00 ? 192 PRO A C    1 
ATOM 1144 O O    . PRO A 1 72 ? 3.820   -18.287 -0.914  1.00 14.05 ? 192 PRO A O    1 
ATOM 1145 C CB   . PRO A 1 72 ? 3.351   -15.761 -1.896  1.00 1.01  ? 192 PRO A CB   1 
ATOM 1146 C CG   . PRO A 1 72 ? 4.655   -15.221 -1.419  1.00 24.54 ? 192 PRO A CG   1 
ATOM 1147 C CD   . PRO A 1 72 ? 4.385   -14.621 -0.067  1.00 12.31 ? 192 PRO A CD   1 
ATOM 1148 H HA   . PRO A 1 72 ? 1.572   -16.038 -0.723  1.00 71.32 ? 192 PRO A HA   1 
ATOM 1149 H HB2  . PRO A 1 72 ? 3.489   -16.603 -2.559  1.00 11.24 ? 192 PRO A HB2  1 
ATOM 1150 H HB3  . PRO A 1 72 ? 2.766   -14.999 -2.389  1.00 20.01 ? 192 PRO A HB3  1 
ATOM 1151 H HG2  . PRO A 1 72 ? 5.375   -16.021 -1.337  1.00 21.53 ? 192 PRO A HG2  1 
ATOM 1152 H HG3  . PRO A 1 72 ? 5.010   -14.464 -2.102  1.00 64.21 ? 192 PRO A HG3  1 
ATOM 1153 H HD2  . PRO A 1 72 ? 5.239   -14.752 0.581   1.00 4.41  ? 192 PRO A HD2  1 
ATOM 1154 H HD3  . PRO A 1 72 ? 4.138   -13.574 -0.162  1.00 74.31 ? 192 PRO A HD3  1 
ATOM 1155 N N    . ALA A 1 73 ? 1.996   -18.325 0.401   1.00 73.10 ? 193 ALA A N    1 
ATOM 1156 C CA   . ALA A 1 73 ? 2.109   -19.746 0.704   1.00 32.14 ? 193 ALA A CA   1 
ATOM 1157 C C    . ALA A 1 73 ? 2.673   -20.518 -0.485  1.00 62.14 ? 193 ALA A C    1 
ATOM 1158 O O    . ALA A 1 73 ? 3.770   -21.072 -0.414  1.00 24.21 ? 193 ALA A O    1 
ATOM 1159 C CB   . ALA A 1 73 ? 0.754   -20.310 1.106   1.00 30.12 ? 193 ALA A CB   1 
ATOM 1160 H H    . ALA A 1 73 ? 1.258   -17.811 0.790   1.00 4.22  ? 193 ALA A H    1 
ATOM 1161 H HA   . ALA A 1 73 ? 2.781   -19.857 1.543   1.00 21.13 ? 193 ALA A HA   1 
ATOM 1162 H HB1  . ALA A 1 73 ? 0.837   -21.377 1.250   1.00 3.25  ? 193 ALA A HB1  1 
ATOM 1163 H HB2  . ALA A 1 73 ? 0.431   -19.846 2.026   1.00 3.21  ? 193 ALA A HB2  1 
ATOM 1164 H HB3  . ALA A 1 73 ? 0.034   -20.106 0.328   1.00 1.50  ? 193 ALA A HB3  1 
ATOM 1165 N N    . SER A 1 74 ? 1.915   -20.550 -1.576  1.00 13.41 ? 194 SER A N    1 
ATOM 1166 C CA   . SER A 1 74 ? 2.338   -21.257 -2.780  1.00 21.23 ? 194 SER A CA   1 
ATOM 1167 C C    . SER A 1 74 ? 3.594   -20.623 -3.370  1.00 43.51 ? 194 SER A C    1 
ATOM 1168 O O    . SER A 1 74 ? 3.981   -19.518 -2.990  1.00 12.35 ? 194 SER A O    1 
ATOM 1169 C CB   . SER A 1 74 ? 1.215   -21.256 -3.819  1.00 2.21  ? 194 SER A CB   1 
ATOM 1170 O OG   . SER A 1 74 ? 0.959   -19.944 -4.292  1.00 23.33 ? 194 SER A OG   1 
ATOM 1171 H H    . SER A 1 74 ? 1.050   -20.088 -1.572  1.00 32.15 ? 194 SER A H    1 
ATOM 1172 H HA   . SER A 1 74 ? 2.560   -22.277 -2.504  1.00 63.11 ? 194 SER A HA   1 
ATOM 1173 H HB2  . SER A 1 74 ? 1.499   -21.878 -4.653  1.00 15.15 ? 194 SER A HB2  1 
ATOM 1174 H HB3  . SER A 1 74 ? 0.313   -21.646 -3.370  1.00 11.31 ? 194 SER A HB3  1 
ATOM 1175 H HG   . SER A 1 74 ? 0.339   -19.984 -5.025  1.00 61.53 ? 194 SER A HG   1 
ATOM 1176 N N    . ALA A 1 75 ? 4.223   -21.330 -4.303  1.00 31.03 ? 195 ALA A N    1 
ATOM 1177 C CA   . ALA A 1 75 ? 5.433   -20.836 -4.948  1.00 32.42 ? 195 ALA A CA   1 
ATOM 1178 C C    . ALA A 1 75 ? 5.345   -20.979 -6.463  1.00 41.52 ? 195 ALA A C    1 
ATOM 1179 O O    . ALA A 1 75 ? 4.398   -21.567 -6.986  1.00 12.24 ? 195 ALA A O    1 
ATOM 1180 C CB   . ALA A 1 75 ? 6.654   -21.574 -4.417  1.00 3.31  ? 195 ALA A CB   1 
ATOM 1181 H H    . ALA A 1 75 ? 3.865   -22.204 -4.563  1.00 14.33 ? 195 ALA A H    1 
ATOM 1182 H HA   . ALA A 1 75 ? 5.541   -19.789 -4.701  1.00 23.12 ? 195 ALA A HA   1 
ATOM 1183 H HB1  . ALA A 1 75 ? 7.264   -21.902 -5.246  1.00 1.31  ? 195 ALA A HB1  1 
ATOM 1184 H HB2  . ALA A 1 75 ? 7.227   -20.913 -3.786  1.00 35.20 ? 195 ALA A HB2  1 
ATOM 1185 H HB3  . ALA A 1 75 ? 6.334   -22.432 -3.844  1.00 43.43 ? 195 ALA A HB3  1 
ATOM 1186 N N    . SER A 1 76 ? 6.335   -20.435 -7.164  1.00 64.44 ? 196 SER A N    1 
ATOM 1187 C CA   . SER A 1 76 ? 6.365   -20.498 -8.621  1.00 74.33 ? 196 SER A CA   1 
ATOM 1188 C C    . SER A 1 76 ? 7.612   -21.232 -9.106  1.00 3.52  ? 196 SER A C    1 
ATOM 1189 O O    . SER A 1 76 ? 8.644   -21.240 -8.435  1.00 63.42 ? 196 SER A O    1 
ATOM 1190 C CB   . SER A 1 76 ? 6.328   -19.088 -9.214  1.00 22.23 ? 196 SER A CB   1 
ATOM 1191 O OG   . SER A 1 76 ? 5.704   -19.087 -10.486 1.00 11.11 ? 196 SER A OG   1 
ATOM 1192 H H    . SER A 1 76 ? 7.061   -19.978 -6.689  1.00 2.21  ? 196 SER A H    1 
ATOM 1193 H HA   . SER A 1 76 ? 5.491   -21.041 -8.947  1.00 53.34 ? 196 SER A HA   1 
ATOM 1194 H HB2  . SER A 1 76 ? 5.774   -18.438 -8.554  1.00 42.34 ? 196 SER A HB2  1 
ATOM 1195 H HB3  . SER A 1 76 ? 7.337   -18.718 -9.319  1.00 53.51 ? 196 SER A HB3  1 
ATOM 1196 H HG   . SER A 1 76 ? 5.428   -18.194 -10.708 1.00 70.52 ? 196 SER A HG   1 
ATOM 1197 N N    . VAL A 1 77 ? 7.507   -21.851 -10.279 1.00 40.05 ? 197 VAL A N    1 
ATOM 1198 C CA   . VAL A 1 77 ? 8.624   -22.588 -10.857 1.00 22.31 ? 197 VAL A CA   1 
ATOM 1199 C C    . VAL A 1 77 ? 9.182   -21.870 -12.079 1.00 54.44 ? 197 VAL A C    1 
ATOM 1200 O O    . VAL A 1 77 ? 8.491   -21.073 -12.714 1.00 62.31 ? 197 VAL A O    1 
ATOM 1201 C CB   . VAL A 1 77 ? 8.206   -24.015 -11.259 1.00 33.31 ? 197 VAL A CB   1 
ATOM 1202 C CG1  . VAL A 1 77 ? 7.789   -24.815 -10.034 1.00 45.31 ? 197 VAL A CG1  1 
ATOM 1203 C CG2  . VAL A 1 77 ? 7.085   -23.972 -12.286 1.00 65.53 ? 197 VAL A CG2  1 
ATOM 1204 H H    . VAL A 1 77 ? 6.658   -21.809 -10.767 1.00 63.33 ? 197 VAL A H    1 
ATOM 1205 H HA   . VAL A 1 77 ? 9.399   -22.660 -10.108 1.00 34.43 ? 197 VAL A HA   1 
ATOM 1206 H HB   . VAL A 1 77 ? 9.058   -24.505 -11.707 1.00 74.11 ? 197 VAL A HB   1 
ATOM 1207 H HG11 . VAL A 1 77 ? 7.645   -25.849 -10.311 1.00 42.13 ? 197 VAL A HG11 1 
ATOM 1208 H HG12 . VAL A 1 77 ? 8.559   -24.747 -9.280  1.00 65.20 ? 197 VAL A HG12 1 
ATOM 1209 H HG13 . VAL A 1 77 ? 6.865   -24.415 -9.642  1.00 3.23  ? 197 VAL A HG13 1 
ATOM 1210 H HG21 . VAL A 1 77 ? 7.274   -23.176 -12.990 1.00 14.33 ? 197 VAL A HG21 1 
ATOM 1211 H HG22 . VAL A 1 77 ? 7.041   -24.915 -12.811 1.00 32.11 ? 197 VAL A HG22 1 
ATOM 1212 H HG23 . VAL A 1 77 ? 6.144   -23.795 -11.785 1.00 31.24 ? 197 VAL A HG23 1 
ATOM 1213 N N    . SER A 1 78 ? 10.439  -22.158 -12.406 1.00 41.23 ? 198 SER A N    1 
ATOM 1214 C CA   . SER A 1 78 ? 11.092  -21.537 -13.552 1.00 52.33 ? 198 SER A CA   1 
ATOM 1215 C C    . SER A 1 78 ? 10.443  -21.988 -14.858 1.00 74.43 ? 198 SER A C    1 
ATOM 1216 O O    . SER A 1 78 ? 10.377  -23.181 -15.149 1.00 74.23 ? 198 SER A O    1 
ATOM 1217 C CB   . SER A 1 78 ? 12.583  -21.881 -13.564 1.00 45.35 ? 198 SER A CB   1 
ATOM 1218 O OG   . SER A 1 78 ? 13.339  -20.849 -14.173 1.00 12.31 ? 198 SER A OG   1 
ATOM 1219 H H    . SER A 1 78 ? 10.938  -22.801 -11.861 1.00 35.31 ? 198 SER A H    1 
ATOM 1220 H HA   . SER A 1 78 ? 10.979  -20.467 -13.458 1.00 42.21 ? 198 SER A HA   1 
ATOM 1221 H HB2  . SER A 1 78 ? 12.927  -22.013 -12.550 1.00 42.02 ? 198 SER A HB2  1 
ATOM 1222 H HB3  . SER A 1 78 ? 12.733  -22.796 -14.118 1.00 23.43 ? 198 SER A HB3  1 
ATOM 1223 H HG   . SER A 1 78 ? 13.025  -20.707 -15.070 1.00 64.51 ? 198 SER A HG   1 
# 
